data_4TW0
#
_entry.id   4TW0
#
_cell.length_a   103.990
_cell.length_b   99.636
_cell.length_c   125.853
_cell.angle_alpha   90.000
_cell.angle_beta   90.020
_cell.angle_gamma   90.000
#
_symmetry.space_group_name_H-M   'P 1 21 1'
#
loop_
_entity.id
_entity.type
_entity.pdbx_description
1 polymer 'Scavenger receptor class B member 2'
2 branched alpha-D-mannopyranose-(1-3)-beta-D-mannopyranose-(1-4)-2-acetamido-2-deoxy-beta-D-glucopyranose-(1-4)-2-acetamido-2-deoxy-beta-D-glucopyranose
3 branched 2-acetamido-2-deoxy-beta-D-glucopyranose-(1-2)-alpha-D-mannopyranose-(1-3)-beta-D-mannopyranose-(1-4)-2-acetamido-2-deoxy-beta-D-glucopyranose-(1-4)-2-acetamido-2-deoxy-beta-D-glucopyranose
4 branched 2-acetamido-2-deoxy-beta-D-glucopyranose-(1-4)-2-acetamido-2-deoxy-beta-D-glucopyranose
5 branched beta-D-mannopyranose-(1-4)-2-acetamido-2-deoxy-beta-D-glucopyranose-(1-4)-2-acetamido-2-deoxy-beta-D-glucopyranose
6 non-polymer 2-acetamido-2-deoxy-beta-D-glucopyranose
#
_entity_poly.entity_id   1
_entity_poly.type   'polypeptide(L)'
_entity_poly.pdbx_seq_one_letter_code
;IEKKIVLRNGTEAFDSWEKPPLPVYTQFYFFNVTNPEEILRGETPRVEEVGPYTYRELRNKANIQFGDNGTTISAVSNKA
YVFERDQSVGDPKIDLIRTLNIPVLTVIEWSQVHFLREIIEAMLKAYQQKLFVTHTVDELLWGYKDEILSLIHVFRPDIS
PYFGLFYEKNGTNDGDYVFLTGEDSYLNFTKIVEWNGKTSLDWWITDKCNMINGTDGDSFHPLITKDEVLYVFPSDFCRS
VYITFSDYESVQGLPAFRYKVPAEILANTSDNAGFCIPEGNCLGSGVLNVSICKNGAPIIMSFPHFYQADERFVSAIEGM
HPNQEDHETFVDINPLTGIILKAAKRFQINIYVKKLDDFVETGDIRTMVFPVMYLNESVHIDKETASRLKSMI
;
_entity_poly.pdbx_strand_id   A,B,C,D
#
# COMPACT_ATOMS: atom_id res chain seq x y z
N ILE A 1 -9.23 19.59 75.70
CA ILE A 1 -8.08 18.74 75.48
C ILE A 1 -8.06 18.17 74.06
N GLU A 2 -7.17 17.20 73.84
CA GLU A 2 -7.06 16.54 72.54
C GLU A 2 -8.00 15.35 72.48
N LYS A 3 -8.81 15.20 73.52
CA LYS A 3 -9.76 14.12 73.63
C LYS A 3 -11.03 14.47 72.86
N LYS A 4 -10.97 15.61 72.16
CA LYS A 4 -12.03 16.04 71.27
C LYS A 4 -12.29 15.05 70.14
N ILE A 5 -11.38 14.09 69.95
CA ILE A 5 -11.54 13.09 68.90
C ILE A 5 -12.02 11.73 69.41
N VAL A 6 -13.30 11.45 69.15
CA VAL A 6 -13.95 10.17 69.44
C VAL A 6 -15.10 10.05 68.47
N LEU A 7 -15.66 8.85 68.33
CA LEU A 7 -16.86 8.74 67.51
C LEU A 7 -18.09 8.91 68.41
N ARG A 8 -18.75 10.05 68.23
CA ARG A 8 -19.95 10.41 68.97
C ARG A 8 -20.77 11.30 68.06
N ASN A 9 -22.09 11.15 68.11
CA ASN A 9 -22.96 11.76 67.12
C ASN A 9 -22.82 13.27 67.03
N GLY A 10 -22.61 13.76 65.81
CA GLY A 10 -22.57 15.18 65.53
C GLY A 10 -21.20 15.83 65.65
N THR A 11 -20.31 15.21 66.44
CA THR A 11 -18.98 15.77 66.68
C THR A 11 -18.17 15.87 65.40
N GLU A 12 -17.34 16.91 65.28
CA GLU A 12 -16.54 17.14 64.08
C GLU A 12 -15.64 15.94 63.79
N ALA A 13 -15.14 15.30 64.83
CA ALA A 13 -14.35 14.09 64.69
C ALA A 13 -15.13 13.00 63.97
N PHE A 14 -16.17 12.49 64.62
CA PHE A 14 -17.03 11.46 64.05
C PHE A 14 -17.65 11.89 62.73
N ASP A 15 -17.94 13.19 62.63
CA ASP A 15 -18.71 13.76 61.51
C ASP A 15 -18.21 13.30 60.16
N SER A 16 -16.89 13.42 59.95
CA SER A 16 -16.31 13.12 58.65
C SER A 16 -15.82 11.68 58.53
N TRP A 17 -15.88 10.94 59.63
CA TRP A 17 -15.64 9.50 59.58
C TRP A 17 -16.79 8.85 58.82
N GLU A 18 -17.89 9.59 58.67
CA GLU A 18 -19.02 9.20 57.85
C GLU A 18 -18.79 9.54 56.39
N LYS A 19 -18.77 10.84 56.07
CA LYS A 19 -18.36 11.27 54.74
C LYS A 19 -17.06 12.07 54.86
N PRO A 20 -15.94 11.46 54.47
CA PRO A 20 -14.62 12.13 54.50
C PRO A 20 -14.47 13.23 53.46
N PRO A 21 -13.73 14.29 53.81
CA PRO A 21 -13.46 15.50 52.99
C PRO A 21 -12.51 15.29 51.81
N LEU A 22 -11.77 14.19 51.82
CA LEU A 22 -10.57 14.06 51.00
C LEU A 22 -10.75 13.36 49.65
N PRO A 23 -10.37 14.05 48.57
CA PRO A 23 -10.40 13.52 47.20
C PRO A 23 -9.33 12.46 47.00
N VAL A 24 -9.62 11.23 47.42
CA VAL A 24 -8.69 10.10 47.30
C VAL A 24 -8.61 9.58 45.86
N TYR A 25 -7.38 9.28 45.41
CA TYR A 25 -7.19 8.83 44.03
C TYR A 25 -6.55 7.45 43.91
N THR A 26 -7.21 6.57 43.16
CA THR A 26 -6.70 5.25 42.83
C THR A 26 -6.22 5.20 41.36
N GLN A 27 -4.98 4.77 41.16
CA GLN A 27 -4.40 4.72 39.83
C GLN A 27 -3.91 3.32 39.49
N PHE A 28 -4.31 2.84 38.32
CA PHE A 28 -3.97 1.48 37.92
C PHE A 28 -2.85 1.48 36.90
N TYR A 29 -1.94 0.53 37.06
CA TYR A 29 -0.80 0.35 36.17
C TYR A 29 -0.72 -1.11 35.77
N PHE A 30 -0.73 -1.39 34.48
CA PHE A 30 -0.77 -2.76 34.01
C PHE A 30 0.55 -3.17 33.36
N PHE A 31 0.84 -4.46 33.43
CA PHE A 31 2.04 -4.99 32.77
C PHE A 31 1.66 -5.70 31.49
N ASN A 32 2.01 -5.06 30.38
CA ASN A 32 1.72 -5.58 29.07
C ASN A 32 2.80 -6.58 28.67
N VAL A 33 2.40 -7.81 28.37
CA VAL A 33 3.39 -8.84 28.06
C VAL A 33 3.77 -8.78 26.58
N THR A 34 5.02 -8.43 26.32
CA THR A 34 5.48 -8.17 24.96
C THR A 34 6.10 -9.35 24.23
N ASN A 35 6.44 -10.41 24.95
CA ASN A 35 6.95 -11.60 24.29
C ASN A 35 6.28 -12.87 24.84
N PRO A 36 4.96 -12.97 24.65
CA PRO A 36 4.16 -14.04 25.25
C PRO A 36 4.53 -15.43 24.71
N GLU A 37 4.75 -15.51 23.40
CA GLU A 37 5.11 -16.76 22.76
C GLU A 37 6.34 -17.36 23.40
N GLU A 38 7.39 -16.54 23.44
CA GLU A 38 8.68 -16.96 23.94
C GLU A 38 8.62 -17.30 25.42
N ILE A 39 7.70 -16.65 26.13
CA ILE A 39 7.49 -16.96 27.54
C ILE A 39 7.12 -18.43 27.67
N LEU A 40 6.24 -18.88 26.78
CA LEU A 40 5.80 -20.27 26.74
C LEU A 40 6.91 -21.23 26.32
N ARG A 41 7.67 -20.83 25.30
CA ARG A 41 8.81 -21.61 24.80
C ARG A 41 9.92 -21.70 25.85
N GLY A 42 9.77 -20.95 26.94
CA GLY A 42 10.70 -21.03 28.06
C GLY A 42 11.67 -19.89 28.33
N GLU A 43 11.58 -18.80 27.56
CA GLU A 43 12.45 -17.65 27.81
C GLU A 43 12.03 -16.90 29.07
N THR A 44 12.78 -15.84 29.42
CA THR A 44 12.35 -14.92 30.48
C THR A 44 11.38 -13.87 29.96
N PRO A 45 10.30 -13.63 30.71
CA PRO A 45 9.26 -12.69 30.31
C PRO A 45 9.81 -11.29 30.13
N ARG A 46 9.31 -10.58 29.13
CA ARG A 46 9.61 -9.18 28.96
C ARG A 46 8.32 -8.38 29.01
N VAL A 47 8.21 -7.48 29.97
CA VAL A 47 6.99 -6.69 30.11
C VAL A 47 7.18 -5.20 29.84
N GLU A 48 6.12 -4.59 29.33
CA GLU A 48 6.00 -3.14 29.27
C GLU A 48 4.89 -2.73 30.23
N GLU A 49 4.96 -1.50 30.71
CA GLU A 49 4.06 -1.05 31.77
C GLU A 49 3.21 0.12 31.31
N VAL A 50 1.90 -0.07 31.35
CA VAL A 50 0.97 0.98 30.93
C VAL A 50 0.14 1.51 32.08
N GLY A 51 0.15 2.83 32.23
CA GLY A 51 -0.63 3.53 33.22
C GLY A 51 -0.24 4.99 33.17
N PRO A 52 -0.78 5.80 34.09
CA PRO A 52 -1.82 5.42 35.03
C PRO A 52 -3.21 5.44 34.41
N TYR A 53 -4.10 4.62 34.92
CA TYR A 53 -5.52 4.81 34.68
C TYR A 53 -6.13 5.24 36.00
N THR A 54 -6.48 6.53 36.07
CA THR A 54 -6.81 7.16 37.33
C THR A 54 -8.31 7.25 37.56
N TYR A 55 -8.76 6.68 38.67
CA TYR A 55 -10.13 6.83 39.11
C TYR A 55 -10.15 7.67 40.38
N ARG A 56 -11.19 8.48 40.54
CA ARG A 56 -11.40 9.20 41.80
C ARG A 56 -12.45 8.46 42.64
N GLU A 57 -12.20 8.39 43.94
CA GLU A 57 -13.03 7.58 44.83
C GLU A 57 -14.15 8.34 45.52
N LEU A 58 -15.29 7.67 45.64
CA LEU A 58 -16.43 8.18 46.41
C LEU A 58 -16.62 7.29 47.64
N ARG A 59 -16.38 7.84 48.81
CA ARG A 59 -16.44 7.05 50.03
C ARG A 59 -17.54 7.51 50.98
N ASN A 60 -18.46 6.61 51.29
CA ASN A 60 -19.47 6.85 52.31
C ASN A 60 -19.65 5.58 53.16
N LYS A 61 -19.47 5.70 54.47
CA LYS A 61 -19.61 4.53 55.33
C LYS A 61 -20.95 4.51 56.04
N ALA A 62 -21.80 3.57 55.65
CA ALA A 62 -23.20 3.52 56.09
C ALA A 62 -23.53 2.23 56.84
N ASN A 63 -24.82 2.07 57.14
CA ASN A 63 -25.34 0.98 57.98
C ASN A 63 -24.80 1.05 59.41
N ILE A 64 -24.93 2.23 60.03
CA ILE A 64 -24.40 2.46 61.37
C ILE A 64 -25.41 2.26 62.51
N GLN A 65 -25.03 1.43 63.47
CA GLN A 65 -25.76 1.32 64.73
C GLN A 65 -24.75 1.25 65.88
N PHE A 66 -24.91 2.12 66.88
CA PHE A 66 -24.03 2.15 68.04
C PHE A 66 -24.30 0.94 68.95
N GLY A 67 -23.55 0.86 70.05
CA GLY A 67 -23.73 -0.24 70.98
C GLY A 67 -22.92 -0.11 72.26
N ASP A 68 -23.13 -1.07 73.17
CA ASP A 68 -22.42 -1.16 74.46
C ASP A 68 -22.25 0.15 75.19
N ASN A 69 -23.37 0.79 75.54
CA ASN A 69 -23.35 2.08 76.23
C ASN A 69 -22.37 3.08 75.62
N GLY A 70 -22.27 3.06 74.30
CA GLY A 70 -21.48 4.04 73.57
C GLY A 70 -20.01 3.76 73.29
N THR A 71 -19.50 2.58 73.62
CA THR A 71 -18.09 2.29 73.38
C THR A 71 -17.76 1.59 72.05
N THR A 72 -18.79 1.11 71.34
CA THR A 72 -18.56 0.47 70.04
C THR A 72 -19.47 1.05 68.96
N ILE A 73 -19.10 0.81 67.70
CA ILE A 73 -19.89 1.25 66.55
C ILE A 73 -19.70 0.30 65.37
N SER A 74 -20.77 0.04 64.63
CA SER A 74 -20.71 -0.87 63.48
C SER A 74 -21.09 -0.18 62.17
N ALA A 75 -20.40 -0.54 61.09
CA ALA A 75 -20.70 0.00 59.77
C ALA A 75 -20.01 -0.77 58.65
N VAL A 76 -20.22 -0.32 57.42
CA VAL A 76 -19.45 -0.83 56.29
C VAL A 76 -18.77 0.34 55.61
N SER A 77 -17.50 0.18 55.24
CA SER A 77 -16.84 1.18 54.42
C SER A 77 -17.29 0.92 52.99
N ASN A 78 -17.99 1.88 52.39
CA ASN A 78 -18.46 1.73 51.02
C ASN A 78 -17.66 2.59 50.05
N LYS A 79 -17.37 2.04 48.88
CA LYS A 79 -16.39 2.61 47.97
C LYS A 79 -16.83 2.48 46.52
N ALA A 80 -16.63 3.56 45.75
CA ALA A 80 -16.96 3.57 44.32
C ALA A 80 -15.88 4.31 43.52
N TYR A 81 -15.91 4.18 42.20
CA TYR A 81 -14.83 4.73 41.37
C TYR A 81 -15.32 5.52 40.16
N VAL A 82 -14.76 6.71 39.98
CA VAL A 82 -15.13 7.59 38.88
C VAL A 82 -13.93 7.85 37.97
N PHE A 83 -14.02 7.43 36.71
CA PHE A 83 -12.89 7.58 35.80
C PHE A 83 -12.69 9.01 35.29
N GLU A 84 -11.45 9.50 35.42
CA GLU A 84 -11.08 10.80 34.88
C GLU A 84 -10.18 10.66 33.65
N ARG A 85 -10.72 11.03 32.49
CA ARG A 85 -10.04 10.86 31.22
C ARG A 85 -8.85 11.80 31.07
N ASP A 86 -8.87 12.91 31.80
CA ASP A 86 -7.78 13.89 31.71
C ASP A 86 -6.52 13.41 32.45
N GLN A 87 -6.72 12.90 33.65
CA GLN A 87 -5.61 12.57 34.54
C GLN A 87 -5.13 11.13 34.37
N SER A 88 -5.63 10.46 33.34
CA SER A 88 -5.16 9.13 33.00
C SER A 88 -4.52 9.12 31.60
N VAL A 89 -3.71 8.10 31.33
CA VAL A 89 -2.89 8.08 30.12
C VAL A 89 -3.71 7.87 28.85
N GLY A 90 -4.76 7.08 28.94
CA GLY A 90 -5.57 6.71 27.79
C GLY A 90 -6.94 6.28 28.24
N ASP A 91 -7.74 5.74 27.34
CA ASP A 91 -9.09 5.33 27.69
C ASP A 91 -9.18 3.84 28.00
N PRO A 92 -9.56 3.49 29.24
CA PRO A 92 -9.66 2.13 29.77
C PRO A 92 -10.54 1.22 28.91
N LYS A 93 -11.48 1.81 28.20
CA LYS A 93 -12.33 1.05 27.29
C LYS A 93 -11.63 0.79 25.95
N ILE A 94 -10.83 1.75 25.50
CA ILE A 94 -10.16 1.61 24.20
C ILE A 94 -8.88 0.77 24.26
N ASP A 95 -8.05 1.02 25.26
CA ASP A 95 -6.70 0.47 25.31
C ASP A 95 -6.63 -1.01 25.70
N LEU A 96 -5.71 -1.72 25.05
CA LEU A 96 -5.60 -3.16 25.23
C LEU A 96 -4.43 -3.59 26.11
N ILE A 97 -4.64 -4.63 26.91
CA ILE A 97 -3.56 -5.23 27.68
C ILE A 97 -3.54 -6.73 27.53
N ARG A 98 -2.45 -7.21 26.97
CA ARG A 98 -2.22 -8.64 26.83
C ARG A 98 -1.49 -9.16 28.05
N THR A 99 -1.95 -10.30 28.57
CA THR A 99 -1.57 -10.73 29.89
C THR A 99 -2.16 -12.10 30.15
N LEU A 100 -1.86 -12.66 31.32
CA LEU A 100 -2.35 -13.98 31.68
C LEU A 100 -3.86 -14.06 31.61
N ASN A 101 -4.35 -15.22 31.22
CA ASN A 101 -5.78 -15.45 31.29
C ASN A 101 -6.00 -16.19 32.59
N ILE A 102 -6.47 -15.45 33.59
CA ILE A 102 -6.54 -15.98 34.94
C ILE A 102 -7.63 -17.04 35.13
N PRO A 103 -8.84 -16.85 34.57
CA PRO A 103 -9.86 -17.89 34.74
C PRO A 103 -9.36 -19.30 34.42
N VAL A 104 -8.55 -19.46 33.37
CA VAL A 104 -8.04 -20.78 33.06
C VAL A 104 -6.97 -21.16 34.10
N LEU A 105 -6.07 -20.24 34.44
CA LEU A 105 -5.06 -20.52 35.45
C LEU A 105 -5.71 -20.95 36.75
N THR A 106 -6.83 -20.30 37.05
CA THR A 106 -7.58 -20.59 38.25
C THR A 106 -8.27 -21.96 38.17
N VAL A 107 -9.00 -22.24 37.09
CA VAL A 107 -9.68 -23.53 37.00
C VAL A 107 -8.71 -24.69 36.91
N ILE A 108 -7.44 -24.38 36.68
CA ILE A 108 -6.40 -25.40 36.62
C ILE A 108 -5.96 -25.80 38.04
N GLU A 109 -5.82 -24.82 38.93
CA GLU A 109 -5.59 -25.11 40.35
C GLU A 109 -6.90 -25.53 41.02
N TRP A 110 -8.02 -25.02 40.50
CA TRP A 110 -9.36 -25.40 40.98
C TRP A 110 -9.60 -26.88 40.79
N SER A 111 -8.80 -27.52 39.95
CA SER A 111 -8.89 -28.96 39.77
C SER A 111 -7.77 -29.65 40.54
N GLN A 112 -8.15 -30.26 41.67
CA GLN A 112 -7.27 -31.12 42.45
C GLN A 112 -7.56 -32.61 42.22
N VAL A 113 -8.52 -32.90 41.36
CA VAL A 113 -8.97 -34.27 41.13
C VAL A 113 -8.53 -34.76 39.75
N HIS A 114 -8.07 -36.02 39.68
CA HIS A 114 -7.51 -36.58 38.46
C HIS A 114 -8.46 -36.58 37.27
N PHE A 115 -9.71 -36.91 37.51
CA PHE A 115 -10.71 -36.90 36.44
C PHE A 115 -11.07 -35.47 36.11
N LEU A 116 -10.85 -34.58 37.08
CA LEU A 116 -11.10 -33.17 36.83
C LEU A 116 -9.96 -32.59 36.00
N ARG A 117 -8.72 -32.97 36.31
CA ARG A 117 -7.61 -32.56 35.47
C ARG A 117 -7.83 -33.08 34.04
N GLU A 118 -8.23 -34.34 33.94
CA GLU A 118 -8.50 -34.96 32.64
C GLU A 118 -9.56 -34.20 31.85
N ILE A 119 -10.74 -34.04 32.47
CA ILE A 119 -11.87 -33.42 31.81
C ILE A 119 -11.67 -31.93 31.57
N ILE A 120 -11.27 -31.20 32.61
CA ILE A 120 -11.03 -29.76 32.52
C ILE A 120 -9.93 -29.46 31.48
N GLU A 121 -9.03 -30.42 31.27
CA GLU A 121 -8.05 -30.32 30.19
C GLU A 121 -8.72 -30.43 28.81
N ALA A 122 -9.65 -31.37 28.68
CA ALA A 122 -10.36 -31.58 27.42
C ALA A 122 -10.99 -30.28 26.91
N MET A 123 -11.53 -29.51 27.86
CA MET A 123 -12.16 -28.23 27.58
C MET A 123 -11.27 -27.27 26.79
N LEU A 124 -10.06 -27.03 27.31
CA LEU A 124 -9.16 -26.03 26.75
C LEU A 124 -8.70 -26.42 25.34
N LYS A 125 -8.48 -27.71 25.12
CA LYS A 125 -8.13 -28.23 23.80
C LYS A 125 -9.24 -27.95 22.79
N ALA A 126 -10.47 -28.26 23.18
CA ALA A 126 -11.62 -28.20 22.29
C ALA A 126 -12.10 -26.77 22.06
N TYR A 127 -11.86 -25.89 23.03
CA TYR A 127 -12.35 -24.52 22.93
C TYR A 127 -11.31 -23.58 22.33
N GLN A 128 -10.14 -24.12 22.03
CA GLN A 128 -9.00 -23.32 21.56
C GLN A 128 -8.70 -22.19 22.55
N GLN A 129 -8.21 -22.58 23.72
CA GLN A 129 -7.90 -21.64 24.80
C GLN A 129 -6.39 -21.48 24.98
N LYS A 130 -5.90 -20.24 24.93
CA LYS A 130 -4.47 -20.01 25.10
C LYS A 130 -4.17 -19.51 26.51
N LEU A 131 -2.89 -19.38 26.84
CA LEU A 131 -2.50 -18.89 28.17
C LEU A 131 -2.50 -17.37 28.26
N PHE A 132 -1.96 -16.70 27.24
CA PHE A 132 -1.88 -15.25 27.24
C PHE A 132 -3.02 -14.63 26.44
N VAL A 133 -3.68 -13.62 27.01
CA VAL A 133 -4.87 -13.06 26.39
C VAL A 133 -4.91 -11.51 26.43
N THR A 134 -5.51 -10.93 25.39
CA THR A 134 -5.61 -9.48 25.21
C THR A 134 -6.98 -8.90 25.60
N HIS A 135 -7.01 -7.99 26.57
CA HIS A 135 -8.27 -7.32 26.87
C HIS A 135 -8.17 -5.82 27.01
N THR A 136 -9.32 -5.18 27.17
CA THR A 136 -9.39 -3.74 27.35
C THR A 136 -9.25 -3.42 28.82
N VAL A 137 -8.55 -2.32 29.13
CA VAL A 137 -8.26 -1.95 30.51
C VAL A 137 -9.52 -1.96 31.36
N ASP A 138 -10.62 -1.46 30.80
CA ASP A 138 -11.91 -1.50 31.45
C ASP A 138 -12.35 -2.93 31.73
N GLU A 139 -12.07 -3.84 30.80
CA GLU A 139 -12.52 -5.22 30.96
C GLU A 139 -11.82 -5.92 32.10
N LEU A 140 -10.49 -5.90 32.08
CA LEU A 140 -9.67 -6.56 33.11
C LEU A 140 -10.02 -6.04 34.49
N LEU A 141 -10.16 -4.73 34.58
CA LEU A 141 -10.48 -4.07 35.83
C LEU A 141 -11.83 -4.46 36.36
N TRP A 142 -12.84 -4.40 35.49
CA TRP A 142 -14.23 -4.46 35.94
C TRP A 142 -14.93 -5.76 35.65
N GLY A 143 -15.05 -6.10 34.37
CA GLY A 143 -15.54 -7.42 34.04
C GLY A 143 -15.44 -7.76 32.58
N TYR A 144 -15.34 -9.06 32.32
CA TYR A 144 -15.55 -9.60 30.99
C TYR A 144 -16.02 -11.05 31.15
N LYS A 145 -16.89 -11.49 30.24
CA LYS A 145 -17.41 -12.85 30.29
C LYS A 145 -16.45 -13.82 29.60
N ASP A 146 -15.94 -14.79 30.35
CA ASP A 146 -15.00 -15.74 29.80
C ASP A 146 -15.71 -17.00 29.29
N GLU A 147 -15.29 -17.48 28.12
CA GLU A 147 -15.85 -18.67 27.51
C GLU A 147 -15.78 -19.88 28.46
N ILE A 148 -14.74 -19.92 29.28
CA ILE A 148 -14.54 -21.05 30.18
C ILE A 148 -15.42 -20.94 31.42
N LEU A 149 -15.45 -19.77 32.05
CA LEU A 149 -16.33 -19.59 33.21
C LEU A 149 -17.79 -19.65 32.81
N SER A 150 -18.08 -19.23 31.58
CA SER A 150 -19.44 -19.29 31.06
C SER A 150 -19.98 -20.71 31.10
N LEU A 151 -19.12 -21.67 30.79
CA LEU A 151 -19.49 -23.09 30.80
C LEU A 151 -19.69 -23.59 32.23
N ILE A 152 -18.71 -23.34 33.08
CA ILE A 152 -18.71 -23.82 34.47
C ILE A 152 -19.99 -23.40 35.20
N HIS A 153 -20.55 -22.28 34.79
CA HIS A 153 -21.82 -21.80 35.33
C HIS A 153 -22.94 -22.79 35.01
N VAL A 154 -22.96 -23.27 33.76
CA VAL A 154 -23.98 -24.20 33.28
C VAL A 154 -23.91 -25.54 34.03
N PHE A 155 -22.80 -25.77 34.72
CA PHE A 155 -22.59 -26.99 35.51
C PHE A 155 -22.67 -26.74 37.02
N ARG A 156 -21.78 -25.89 37.50
CA ARG A 156 -21.68 -25.55 38.92
C ARG A 156 -22.04 -24.08 39.09
N PRO A 157 -23.35 -23.78 39.17
CA PRO A 157 -23.93 -22.44 39.09
C PRO A 157 -23.44 -21.45 40.14
N ASP A 158 -22.94 -21.95 41.26
CA ASP A 158 -22.42 -21.08 42.31
C ASP A 158 -21.30 -20.18 41.79
N ILE A 159 -20.64 -20.62 40.73
CA ILE A 159 -19.55 -19.86 40.11
C ILE A 159 -20.06 -18.84 39.10
N SER A 160 -19.73 -17.58 39.34
CA SER A 160 -20.11 -16.48 38.47
C SER A 160 -19.47 -16.63 37.08
N PRO A 161 -20.20 -16.26 36.03
CA PRO A 161 -19.68 -16.34 34.66
C PRO A 161 -18.61 -15.30 34.37
N TYR A 162 -18.80 -14.10 34.91
CA TYR A 162 -17.90 -12.99 34.63
C TYR A 162 -16.62 -13.06 35.45
N PHE A 163 -15.59 -12.38 34.95
CA PHE A 163 -14.36 -12.20 35.70
C PHE A 163 -13.84 -10.79 35.49
N GLY A 164 -13.34 -10.20 36.56
CA GLY A 164 -12.61 -8.95 36.48
C GLY A 164 -11.79 -8.79 37.74
N LEU A 165 -10.69 -8.04 37.66
CA LEU A 165 -9.79 -7.86 38.79
C LEU A 165 -10.56 -7.31 39.98
N PHE A 166 -11.40 -6.33 39.70
CA PHE A 166 -12.47 -5.99 40.64
C PHE A 166 -13.80 -6.26 39.95
N TYR A 167 -14.48 -7.32 40.35
CA TYR A 167 -15.80 -7.59 39.80
C TYR A 167 -16.86 -7.37 40.86
N GLU A 168 -17.91 -6.63 40.48
CA GLU A 168 -19.03 -6.29 41.35
C GLU A 168 -18.57 -5.53 42.60
N LYS A 169 -17.41 -4.90 42.52
CA LYS A 169 -16.89 -4.13 43.65
C LYS A 169 -17.08 -2.62 43.54
N ASN A 170 -17.71 -2.13 42.49
CA ASN A 170 -17.91 -0.69 42.40
C ASN A 170 -19.22 -0.27 43.03
N GLY A 171 -19.14 0.41 44.18
CA GLY A 171 -20.31 0.78 44.93
C GLY A 171 -20.58 -0.10 46.14
N THR A 172 -19.78 -1.15 46.32
CA THR A 172 -19.97 -2.08 47.44
C THR A 172 -18.93 -1.90 48.53
N ASN A 173 -19.04 -2.70 49.59
CA ASN A 173 -18.09 -2.63 50.71
C ASN A 173 -17.07 -3.77 50.73
N ASP A 174 -16.13 -3.65 51.66
CA ASP A 174 -15.11 -4.65 51.91
C ASP A 174 -15.56 -5.57 53.06
N GLY A 175 -16.84 -5.45 53.42
CA GLY A 175 -17.44 -6.19 54.52
C GLY A 175 -17.87 -5.33 55.70
N ASP A 176 -18.49 -5.97 56.70
CA ASP A 176 -19.14 -5.24 57.79
C ASP A 176 -18.30 -5.20 59.06
N TYR A 177 -17.88 -4.02 59.48
CA TYR A 177 -17.02 -3.92 60.67
C TYR A 177 -17.72 -3.47 61.92
N VAL A 178 -16.97 -3.51 63.01
CA VAL A 178 -17.31 -2.86 64.25
C VAL A 178 -16.05 -2.20 64.81
N PHE A 179 -16.06 -0.87 64.95
CA PHE A 179 -14.88 -0.15 65.43
C PHE A 179 -15.05 0.27 66.89
N LEU A 180 -13.97 0.26 67.67
CA LEU A 180 -14.04 0.74 69.05
C LEU A 180 -13.91 2.24 69.07
N THR A 181 -14.94 2.91 69.54
CA THR A 181 -14.90 4.36 69.58
C THR A 181 -13.95 4.81 70.69
N GLY A 182 -13.51 6.07 70.60
CA GLY A 182 -12.44 6.57 71.45
C GLY A 182 -12.86 6.89 72.87
N GLU A 183 -14.02 6.41 73.30
CA GLU A 183 -14.51 6.68 74.65
C GLU A 183 -13.68 5.94 75.70
N ASP A 184 -13.52 4.63 75.53
CA ASP A 184 -12.85 3.79 76.53
C ASP A 184 -11.40 4.21 76.72
N SER A 185 -10.85 4.84 75.69
CA SER A 185 -9.50 5.38 75.71
C SER A 185 -9.27 6.09 74.38
N TYR A 186 -8.28 6.98 74.34
CA TYR A 186 -8.01 7.70 73.10
C TYR A 186 -7.14 6.83 72.21
N LEU A 187 -6.60 5.76 72.78
CA LEU A 187 -5.72 4.85 72.06
C LEU A 187 -6.48 3.94 71.11
N ASN A 188 -7.66 3.49 71.54
CA ASN A 188 -8.41 2.49 70.76
C ASN A 188 -9.33 3.13 69.73
N PHE A 189 -9.23 4.45 69.56
CA PHE A 189 -10.01 5.16 68.54
C PHE A 189 -9.89 4.52 67.16
N THR A 190 -11.04 4.28 66.54
CA THR A 190 -11.20 3.66 65.22
C THR A 190 -10.32 2.41 65.04
N LYS A 191 -10.11 1.69 66.14
CA LYS A 191 -9.47 0.38 66.11
C LYS A 191 -10.50 -0.66 65.71
N ILE A 192 -10.05 -1.76 65.13
CA ILE A 192 -10.97 -2.81 64.67
C ILE A 192 -11.02 -3.99 65.64
N VAL A 193 -12.20 -4.57 65.86
CA VAL A 193 -12.31 -5.74 66.73
C VAL A 193 -13.03 -6.89 66.00
N GLU A 194 -14.29 -6.67 65.63
CA GLU A 194 -15.06 -7.70 64.94
C GLU A 194 -15.23 -7.34 63.48
N TRP A 195 -14.77 -8.23 62.61
CA TRP A 195 -14.98 -8.10 61.17
C TRP A 195 -15.78 -9.33 60.73
N ASN A 196 -17.01 -9.09 60.26
CA ASN A 196 -17.99 -10.14 60.02
C ASN A 196 -18.17 -11.00 61.26
N GLY A 197 -18.10 -10.36 62.42
CA GLY A 197 -18.21 -11.06 63.69
C GLY A 197 -16.96 -11.87 64.02
N LYS A 198 -16.04 -11.96 63.08
CA LYS A 198 -14.80 -12.70 63.33
C LYS A 198 -13.86 -11.80 64.12
N THR A 199 -13.51 -12.25 65.32
CA THR A 199 -12.65 -11.49 66.21
C THR A 199 -11.20 -11.95 66.03
N SER A 200 -11.00 -12.85 65.09
CA SER A 200 -9.69 -13.26 64.63
C SER A 200 -9.86 -13.80 63.22
N LEU A 201 -8.79 -13.85 62.44
CA LEU A 201 -8.89 -14.42 61.09
C LEU A 201 -8.79 -15.94 61.17
N ASP A 202 -9.49 -16.60 60.27
CA ASP A 202 -9.54 -18.06 60.26
C ASP A 202 -8.39 -18.77 59.52
N TRP A 203 -7.86 -18.13 58.48
CA TRP A 203 -7.11 -18.91 57.48
C TRP A 203 -5.59 -18.96 57.52
N TRP A 204 -4.94 -18.30 58.47
CA TRP A 204 -3.49 -18.46 58.57
C TRP A 204 -3.17 -19.56 59.58
N ILE A 205 -1.89 -19.82 59.81
CA ILE A 205 -1.51 -20.94 60.66
C ILE A 205 -1.44 -20.54 62.13
N THR A 206 -0.50 -19.65 62.47
CA THR A 206 -0.33 -19.23 63.86
C THR A 206 -1.37 -18.19 64.26
N ASP A 207 -1.67 -18.15 65.56
CA ASP A 207 -2.64 -17.22 66.11
C ASP A 207 -2.19 -15.78 65.92
N LYS A 208 -0.87 -15.57 65.99
CA LYS A 208 -0.29 -14.25 65.82
C LYS A 208 -0.68 -13.72 64.45
N CYS A 209 -0.39 -14.54 63.45
CA CYS A 209 -0.70 -14.24 62.06
C CYS A 209 -2.20 -13.98 61.84
N ASN A 210 -3.02 -14.86 62.39
CA ASN A 210 -4.47 -14.78 62.24
C ASN A 210 -5.09 -13.56 62.91
N MET A 211 -4.35 -12.92 63.80
CA MET A 211 -4.92 -11.86 64.62
C MET A 211 -5.25 -10.60 63.82
N ILE A 212 -6.20 -9.83 64.33
CA ILE A 212 -6.56 -8.55 63.74
C ILE A 212 -6.10 -7.39 64.63
N ASN A 213 -5.09 -6.65 64.17
CA ASN A 213 -4.65 -5.42 64.81
C ASN A 213 -4.96 -4.14 64.04
N GLY A 214 -5.16 -3.05 64.79
CA GLY A 214 -5.03 -1.72 64.24
C GLY A 214 -6.26 -1.23 63.55
N THR A 215 -6.12 -0.04 62.96
CA THR A 215 -7.23 0.64 62.35
C THR A 215 -7.54 0.10 60.97
N ASP A 216 -8.58 0.63 60.35
CA ASP A 216 -8.92 0.26 58.98
C ASP A 216 -7.89 0.81 58.00
N GLY A 217 -7.14 1.81 58.45
CA GLY A 217 -6.06 2.38 57.65
C GLY A 217 -6.23 3.79 57.12
N ASP A 218 -7.41 4.37 57.28
CA ASP A 218 -7.63 5.77 56.89
C ASP A 218 -7.49 6.75 58.07
N SER A 219 -7.05 6.26 59.22
CA SER A 219 -6.96 7.12 60.41
C SER A 219 -6.26 6.44 61.57
N PHE A 220 -5.84 7.24 62.53
CA PHE A 220 -5.14 6.74 63.71
C PHE A 220 -5.52 7.53 64.95
N HIS A 221 -5.18 6.97 66.11
CA HIS A 221 -5.42 7.63 67.38
C HIS A 221 -4.59 8.90 67.49
N PRO A 222 -5.03 9.84 68.35
CA PRO A 222 -4.23 11.03 68.62
C PRO A 222 -2.91 10.70 69.32
N LEU A 223 -2.00 11.68 69.33
CA LEU A 223 -0.69 11.55 69.99
C LEU A 223 0.19 10.45 69.39
N ILE A 224 0.16 10.29 68.07
CA ILE A 224 1.08 9.37 67.42
C ILE A 224 2.50 9.87 67.69
N THR A 225 3.33 9.02 68.29
CA THR A 225 4.67 9.44 68.70
C THR A 225 5.76 8.64 68.00
N LYS A 226 6.90 9.31 67.81
CA LYS A 226 7.99 8.80 66.98
C LYS A 226 8.37 7.35 67.26
N ASP A 227 8.47 6.97 68.53
CA ASP A 227 8.86 5.61 68.86
C ASP A 227 7.80 4.59 68.44
N GLU A 228 6.56 4.81 68.87
CA GLU A 228 5.52 3.79 68.75
C GLU A 228 5.21 3.43 67.30
N VAL A 229 4.74 2.20 67.12
CA VAL A 229 4.50 1.62 65.80
C VAL A 229 3.01 1.32 65.61
N LEU A 230 2.51 1.56 64.40
CA LEU A 230 1.08 1.52 64.12
C LEU A 230 0.60 0.29 63.38
N TYR A 231 -0.52 -0.26 63.82
CA TYR A 231 -1.11 -1.42 63.15
C TYR A 231 -2.26 -1.01 62.24
N VAL A 232 -2.40 -1.73 61.12
CA VAL A 232 -3.41 -1.45 60.12
C VAL A 232 -3.94 -2.76 59.53
N PHE A 233 -5.23 -2.83 59.24
CA PHE A 233 -5.82 -4.03 58.64
C PHE A 233 -6.50 -3.70 57.31
N PRO A 234 -5.73 -3.63 56.22
CA PRO A 234 -6.37 -3.48 54.92
C PRO A 234 -7.03 -4.79 54.52
N SER A 235 -8.26 -4.73 54.02
CA SER A 235 -8.96 -5.97 53.70
C SER A 235 -8.39 -6.66 52.47
N ASP A 236 -8.29 -5.93 51.36
CA ASP A 236 -7.91 -6.52 50.08
C ASP A 236 -6.52 -7.17 50.14
N PHE A 237 -5.72 -6.81 51.13
CA PHE A 237 -4.38 -7.35 51.26
C PHE A 237 -4.33 -8.63 52.10
N CYS A 238 -5.45 -8.96 52.74
CA CYS A 238 -5.68 -10.25 53.41
C CYS A 238 -4.96 -10.50 54.76
N ARG A 239 -4.12 -9.58 55.23
CA ARG A 239 -3.47 -9.74 56.54
C ARG A 239 -3.34 -8.44 57.32
N SER A 240 -3.18 -8.53 58.64
CA SER A 240 -2.93 -7.36 59.48
C SER A 240 -1.48 -6.90 59.34
N VAL A 241 -1.29 -5.62 59.05
CA VAL A 241 0.03 -5.10 58.70
C VAL A 241 0.37 -3.91 59.62
N TYR A 242 1.66 -3.60 59.79
CA TYR A 242 2.06 -2.44 60.57
C TYR A 242 3.09 -1.57 59.87
N ILE A 243 3.11 -0.28 60.25
CA ILE A 243 4.02 0.71 59.69
C ILE A 243 4.96 1.24 60.77
N THR A 244 6.11 1.76 60.34
CA THR A 244 7.09 2.29 61.29
C THR A 244 7.35 3.77 61.04
N PHE A 245 7.90 4.44 62.05
CA PHE A 245 8.21 5.86 61.95
C PHE A 245 9.50 6.10 61.17
N SER A 246 9.46 7.05 60.26
CA SER A 246 10.63 7.39 59.46
C SER A 246 11.25 8.73 59.85
N ASP A 247 10.53 9.82 59.60
CA ASP A 247 11.05 11.15 59.92
C ASP A 247 9.97 12.21 60.04
N TYR A 248 10.39 13.43 60.35
CA TYR A 248 9.47 14.55 60.49
C TYR A 248 9.36 15.28 59.16
N GLU A 249 8.13 15.58 58.74
CA GLU A 249 7.91 16.30 57.51
C GLU A 249 6.86 17.38 57.69
N SER A 250 6.86 18.35 56.79
CA SER A 250 5.75 19.28 56.73
C SER A 250 5.02 19.07 55.43
N VAL A 251 3.72 18.78 55.55
CA VAL A 251 2.87 18.57 54.39
C VAL A 251 1.75 19.61 54.39
N GLN A 252 1.64 20.35 53.28
CA GLN A 252 0.85 21.57 53.25
C GLN A 252 1.33 22.50 54.37
N GLY A 253 0.46 22.81 55.32
CA GLY A 253 0.84 23.69 56.41
C GLY A 253 1.43 23.02 57.63
N LEU A 254 1.08 21.75 57.82
CA LEU A 254 1.19 21.07 59.11
C LEU A 254 2.49 20.30 59.44
N PRO A 255 2.72 19.99 60.73
CA PRO A 255 3.79 19.04 60.99
C PRO A 255 3.34 17.61 60.67
N ALA A 256 4.24 16.75 60.20
CA ALA A 256 3.82 15.40 59.84
C ALA A 256 4.81 14.33 60.24
N PHE A 257 4.29 13.12 60.44
CA PHE A 257 5.12 11.95 60.70
C PHE A 257 5.15 11.02 59.50
N ARG A 258 6.32 10.94 58.85
CA ARG A 258 6.50 10.02 57.74
C ARG A 258 6.53 8.59 58.26
N TYR A 259 5.64 7.76 57.74
CA TYR A 259 5.56 6.36 58.12
C TYR A 259 5.58 5.45 56.91
N LYS A 260 6.67 4.70 56.73
CA LYS A 260 6.77 3.79 55.61
C LYS A 260 6.38 2.38 56.05
N VAL A 261 6.38 1.43 55.11
CA VAL A 261 6.13 0.05 55.43
C VAL A 261 7.46 -0.71 55.47
N PRO A 262 7.88 -1.15 56.68
CA PRO A 262 9.20 -1.72 57.00
C PRO A 262 9.46 -3.08 56.34
N ALA A 263 10.71 -3.50 56.18
CA ALA A 263 10.98 -4.77 55.46
C ALA A 263 10.51 -6.01 56.20
N GLU A 264 10.57 -5.99 57.52
CA GLU A 264 10.33 -7.17 58.36
C GLU A 264 8.89 -7.69 58.22
N ILE A 265 8.07 -6.94 57.52
CA ILE A 265 6.67 -7.30 57.34
C ILE A 265 6.51 -8.36 56.25
N LEU A 266 7.18 -8.20 55.12
CA LEU A 266 7.09 -9.13 53.99
C LEU A 266 8.23 -10.18 53.78
N ALA A 267 9.20 -10.26 54.68
CA ALA A 267 10.34 -11.19 54.50
C ALA A 267 10.13 -12.62 55.06
N ASN A 268 11.17 -13.45 54.95
CA ASN A 268 11.16 -14.80 55.53
C ASN A 268 11.78 -14.76 56.93
N THR A 269 10.94 -14.92 57.95
CA THR A 269 11.35 -14.78 59.34
C THR A 269 10.47 -15.63 60.26
N SER A 270 10.98 -15.93 61.45
CA SER A 270 10.27 -16.73 62.45
C SER A 270 8.98 -16.05 62.91
N ASP A 271 8.91 -14.73 62.76
CA ASP A 271 7.73 -13.96 63.14
C ASP A 271 6.62 -14.06 62.09
N ASN A 272 7.00 -13.98 60.81
CA ASN A 272 6.05 -13.99 59.71
C ASN A 272 5.66 -15.40 59.28
N ALA A 273 6.20 -16.39 59.99
CA ALA A 273 6.17 -17.80 59.57
C ALA A 273 4.80 -18.34 59.16
N GLY A 274 3.78 -18.03 59.94
CA GLY A 274 2.47 -18.66 59.77
C GLY A 274 1.70 -18.25 58.53
N PHE A 275 2.32 -17.48 57.64
CA PHE A 275 1.68 -17.05 56.41
C PHE A 275 2.00 -17.98 55.25
N CYS A 276 2.84 -18.96 55.50
CA CYS A 276 3.11 -19.97 54.49
C CYS A 276 2.17 -21.14 54.73
N ILE A 277 1.22 -21.31 53.83
CA ILE A 277 0.31 -22.44 53.88
C ILE A 277 1.01 -23.79 53.73
N PRO A 278 2.09 -23.87 52.92
CA PRO A 278 2.70 -25.21 52.97
C PRO A 278 3.43 -25.49 54.30
N GLU A 279 2.73 -25.30 55.41
CA GLU A 279 3.20 -25.67 56.75
C GLU A 279 4.64 -25.26 57.03
N GLY A 280 4.99 -24.03 56.68
CA GLY A 280 6.34 -23.54 56.89
C GLY A 280 7.24 -23.52 55.67
N ASN A 281 6.66 -23.64 54.48
CA ASN A 281 7.43 -23.45 53.25
C ASN A 281 7.09 -22.11 52.61
N CYS A 282 8.04 -21.18 52.66
CA CYS A 282 7.82 -19.81 52.23
C CYS A 282 8.18 -19.61 50.77
N LEU A 283 7.51 -18.69 50.11
CA LEU A 283 7.81 -18.40 48.71
C LEU A 283 9.08 -17.57 48.58
N GLY A 284 9.25 -16.61 49.49
CA GLY A 284 10.44 -15.78 49.50
C GLY A 284 10.16 -14.48 50.21
N SER A 285 11.20 -13.68 50.40
CA SER A 285 11.02 -12.36 50.99
C SER A 285 10.34 -11.43 50.00
N GLY A 286 9.28 -10.77 50.44
CA GLY A 286 8.67 -9.69 49.68
C GLY A 286 7.41 -10.02 48.87
N VAL A 287 6.88 -11.22 49.05
CA VAL A 287 5.64 -11.62 48.36
C VAL A 287 4.69 -12.30 49.34
N LEU A 288 3.42 -12.45 48.96
CA LEU A 288 2.44 -13.10 49.83
C LEU A 288 1.61 -14.13 49.09
N ASN A 289 1.26 -15.23 49.74
CA ASN A 289 0.34 -16.16 49.11
C ASN A 289 -1.05 -15.91 49.66
N VAL A 290 -1.86 -15.26 48.84
CA VAL A 290 -3.20 -14.82 49.22
C VAL A 290 -4.24 -15.79 48.71
N SER A 291 -3.78 -16.87 48.10
CA SER A 291 -4.64 -17.82 47.41
C SER A 291 -5.76 -18.39 48.28
N ILE A 292 -5.63 -18.27 49.60
CA ILE A 292 -6.70 -18.72 50.47
C ILE A 292 -7.90 -17.79 50.37
N CYS A 293 -7.64 -16.50 50.60
CA CYS A 293 -8.71 -15.53 50.77
C CYS A 293 -9.19 -14.94 49.44
N LYS A 294 -8.53 -15.36 48.36
CA LYS A 294 -8.88 -14.97 47.01
C LYS A 294 -9.80 -15.98 46.31
N ASN A 295 -10.34 -16.93 47.08
CA ASN A 295 -11.26 -18.02 46.64
C ASN A 295 -10.53 -19.30 46.22
N GLY A 296 -9.20 -19.30 46.28
CA GLY A 296 -8.43 -20.48 45.94
C GLY A 296 -7.69 -20.33 44.63
N ALA A 297 -7.83 -19.15 44.03
CA ALA A 297 -7.08 -18.82 42.82
C ALA A 297 -5.60 -18.62 43.17
N PRO A 298 -4.70 -18.88 42.21
CA PRO A 298 -3.26 -18.72 42.46
C PRO A 298 -2.78 -17.27 42.47
N ILE A 299 -3.12 -16.53 43.53
CA ILE A 299 -2.82 -15.10 43.60
C ILE A 299 -1.66 -14.77 44.55
N ILE A 300 -0.76 -13.88 44.11
CA ILE A 300 0.36 -13.43 44.91
C ILE A 300 0.40 -11.91 45.03
N MET A 301 0.16 -11.39 46.24
CA MET A 301 0.34 -9.96 46.49
C MET A 301 1.83 -9.66 46.65
N SER A 302 2.22 -8.46 46.27
CA SER A 302 3.60 -8.03 46.36
C SER A 302 3.66 -6.52 46.24
N PHE A 303 4.85 -5.96 46.38
CA PHE A 303 4.98 -4.52 46.25
C PHE A 303 5.32 -4.20 44.82
N PRO A 304 4.95 -2.99 44.36
CA PRO A 304 5.14 -2.58 42.98
C PRO A 304 6.56 -2.81 42.50
N HIS A 305 6.69 -3.47 41.35
CA HIS A 305 7.99 -3.89 40.82
C HIS A 305 8.82 -4.69 41.81
N PHE A 306 8.16 -5.45 42.69
CA PHE A 306 8.88 -6.37 43.57
C PHE A 306 9.72 -5.69 44.64
N TYR A 307 9.61 -4.38 44.74
CA TYR A 307 10.35 -3.62 45.75
C TYR A 307 10.22 -4.27 47.11
N GLN A 308 11.36 -4.44 47.78
CA GLN A 308 11.48 -5.09 49.10
C GLN A 308 11.52 -6.62 48.99
N ALA A 309 11.48 -7.16 47.77
CA ALA A 309 11.44 -8.61 47.59
C ALA A 309 12.78 -9.13 47.11
N ASP A 310 13.05 -10.40 47.43
CA ASP A 310 14.28 -11.07 47.05
C ASP A 310 14.58 -10.85 45.57
N GLU A 311 15.80 -10.43 45.28
CA GLU A 311 16.20 -10.05 43.93
C GLU A 311 15.92 -11.17 42.93
N ARG A 312 15.93 -12.40 43.42
CA ARG A 312 15.59 -13.56 42.60
C ARG A 312 14.24 -13.40 41.92
N PHE A 313 13.37 -12.60 42.53
CA PHE A 313 12.08 -12.24 41.94
C PHE A 313 12.21 -11.20 40.83
N VAL A 314 12.90 -10.10 41.12
CA VAL A 314 13.12 -9.04 40.13
C VAL A 314 13.89 -9.60 38.93
N SER A 315 14.65 -10.66 39.19
CA SER A 315 15.47 -11.29 38.17
C SER A 315 14.63 -12.07 37.16
N ALA A 316 13.51 -12.63 37.61
CA ALA A 316 12.72 -13.53 36.78
C ALA A 316 12.01 -12.77 35.66
N ILE A 317 11.69 -11.50 35.92
CA ILE A 317 11.04 -10.69 34.91
C ILE A 317 11.86 -9.47 34.55
N GLU A 318 12.34 -9.45 33.33
CA GLU A 318 12.98 -8.27 32.80
C GLU A 318 11.90 -7.21 32.56
N GLY A 319 12.24 -5.97 32.87
CA GLY A 319 11.28 -4.88 32.79
C GLY A 319 10.81 -4.47 34.17
N MET A 320 11.45 -5.03 35.19
CA MET A 320 11.15 -4.67 36.57
C MET A 320 12.21 -3.74 37.16
N HIS A 321 11.76 -2.60 37.68
CA HIS A 321 12.68 -1.60 38.24
C HIS A 321 12.18 -1.01 39.55
N PRO A 322 12.25 -1.77 40.65
CA PRO A 322 11.81 -1.20 41.93
C PRO A 322 12.71 -0.07 42.42
N ASN A 323 12.11 1.05 42.78
CA ASN A 323 12.85 2.10 43.46
C ASN A 323 12.01 2.61 44.62
N GLN A 324 12.68 2.91 45.73
CA GLN A 324 11.99 3.30 46.96
C GLN A 324 11.09 4.51 46.74
N GLU A 325 11.53 5.43 45.90
CA GLU A 325 10.78 6.64 45.64
C GLU A 325 9.39 6.38 45.07
N ASP A 326 9.31 5.63 43.97
CA ASP A 326 8.03 5.39 43.30
C ASP A 326 7.19 4.26 43.92
N HIS A 327 7.84 3.18 44.32
CA HIS A 327 7.14 1.96 44.71
C HIS A 327 6.97 1.68 46.21
N GLU A 328 7.46 2.56 47.08
CA GLU A 328 7.26 2.34 48.51
C GLU A 328 5.80 2.60 48.87
N THR A 329 5.46 2.42 50.14
CA THR A 329 4.17 2.89 50.63
C THR A 329 4.39 3.74 51.87
N PHE A 330 4.18 5.05 51.75
CA PHE A 330 4.30 5.90 52.92
C PHE A 330 2.92 6.33 53.40
N VAL A 331 2.91 7.00 54.55
CA VAL A 331 1.75 7.74 54.98
C VAL A 331 2.25 8.88 55.87
N ASP A 332 1.65 10.06 55.74
CA ASP A 332 2.04 11.20 56.56
C ASP A 332 0.88 11.59 57.46
N ILE A 333 1.11 11.47 58.76
CA ILE A 333 0.07 11.68 59.76
C ILE A 333 0.34 12.94 60.56
N ASN A 334 -0.73 13.56 61.07
CA ASN A 334 -0.57 14.61 62.06
C ASN A 334 -0.41 13.99 63.44
N PRO A 335 0.76 14.19 64.05
CA PRO A 335 1.17 13.54 65.30
C PRO A 335 0.21 13.82 66.45
N LEU A 336 -0.53 14.91 66.36
CA LEU A 336 -1.46 15.29 67.42
C LEU A 336 -2.80 14.59 67.29
N THR A 337 -3.49 14.87 66.19
CA THR A 337 -4.86 14.39 65.97
C THR A 337 -4.96 12.95 65.50
N GLY A 338 -3.94 12.47 64.82
CA GLY A 338 -4.00 11.16 64.19
C GLY A 338 -4.73 11.24 62.85
N ILE A 339 -4.62 12.39 62.19
CA ILE A 339 -5.24 12.59 60.88
C ILE A 339 -4.23 12.36 59.76
N ILE A 340 -4.68 11.69 58.70
CA ILE A 340 -3.83 11.43 57.55
C ILE A 340 -3.87 12.60 56.57
N LEU A 341 -2.69 13.04 56.14
CA LEU A 341 -2.53 14.27 55.38
C LEU A 341 -2.05 13.99 53.96
N LYS A 342 -0.83 13.45 53.86
CA LYS A 342 -0.30 12.98 52.59
C LYS A 342 -0.03 11.47 52.71
N ALA A 343 -0.70 10.68 51.88
CA ALA A 343 -0.52 9.23 51.93
C ALA A 343 -0.60 8.58 50.56
N ALA A 344 0.28 7.62 50.32
CA ALA A 344 0.28 6.89 49.05
C ALA A 344 0.39 5.40 49.32
N LYS A 345 -0.65 4.65 48.94
CA LYS A 345 -0.70 3.21 49.21
C LYS A 345 -0.51 2.40 47.92
N ARG A 346 0.58 1.63 47.87
CA ARG A 346 0.97 0.95 46.65
C ARG A 346 1.27 -0.53 46.84
N PHE A 347 0.44 -1.38 46.24
CA PHE A 347 0.69 -2.83 46.24
C PHE A 347 0.39 -3.46 44.90
N GLN A 348 0.98 -4.62 44.65
CA GLN A 348 0.89 -5.24 43.32
C GLN A 348 0.07 -6.53 43.35
N ILE A 349 -0.22 -7.08 42.18
CA ILE A 349 -0.97 -8.32 42.07
C ILE A 349 -0.32 -9.21 41.02
N ASN A 350 -0.04 -10.44 41.41
CA ASN A 350 0.69 -11.37 40.60
C ASN A 350 -0.04 -12.70 40.56
N ILE A 351 0.21 -13.49 39.52
CA ILE A 351 -0.32 -14.84 39.44
C ILE A 351 0.81 -15.82 39.48
N TYR A 352 0.78 -16.77 40.41
CA TYR A 352 1.82 -17.78 40.46
C TYR A 352 1.64 -18.76 39.30
N VAL A 353 2.71 -18.95 38.51
CA VAL A 353 2.62 -19.76 37.32
C VAL A 353 3.81 -20.70 37.17
N LYS A 354 3.54 -21.98 36.92
CA LYS A 354 4.60 -22.95 36.67
C LYS A 354 4.18 -23.93 35.58
N LYS A 355 5.16 -24.62 35.01
CA LYS A 355 4.93 -25.60 33.94
C LYS A 355 4.07 -26.77 34.41
N LEU A 356 3.18 -27.23 33.53
CA LEU A 356 2.43 -28.44 33.80
C LEU A 356 2.37 -29.34 32.58
N ASP A 357 2.75 -30.61 32.77
CA ASP A 357 2.82 -31.57 31.69
C ASP A 357 1.43 -32.07 31.33
N ASP A 358 0.50 -31.91 32.28
CA ASP A 358 -0.88 -32.32 32.07
C ASP A 358 -1.62 -31.33 31.17
N PHE A 359 -1.22 -30.06 31.24
CA PHE A 359 -1.90 -29.01 30.50
C PHE A 359 -0.98 -28.44 29.43
N VAL A 360 -1.36 -28.63 28.18
CA VAL A 360 -0.54 -28.26 27.02
C VAL A 360 -0.43 -26.75 26.84
N GLU A 361 -1.34 -26.01 27.47
CA GLU A 361 -1.39 -24.56 27.32
C GLU A 361 -0.29 -23.87 28.11
N THR A 362 0.12 -24.46 29.23
CA THR A 362 1.16 -23.87 30.07
C THR A 362 2.53 -23.98 29.42
N GLY A 363 2.67 -24.95 28.50
CA GLY A 363 3.91 -25.12 27.77
C GLY A 363 5.15 -25.33 28.63
N ASP A 364 6.25 -24.70 28.21
CA ASP A 364 7.55 -24.81 28.87
C ASP A 364 7.82 -23.69 29.88
N ILE A 365 6.81 -22.88 30.14
CA ILE A 365 6.98 -21.63 30.90
C ILE A 365 7.73 -21.80 32.22
N ARG A 366 8.59 -20.83 32.50
CA ARG A 366 9.37 -20.78 33.72
C ARG A 366 8.50 -20.79 34.97
N THR A 367 9.00 -21.38 36.04
CA THR A 367 8.29 -21.32 37.31
C THR A 367 8.60 -19.96 37.92
N MET A 368 7.57 -19.13 38.08
CA MET A 368 7.79 -17.79 38.57
C MET A 368 6.54 -17.11 39.11
N VAL A 369 6.77 -16.08 39.93
CA VAL A 369 5.69 -15.20 40.31
C VAL A 369 5.57 -14.12 39.24
N PHE A 370 4.42 -14.13 38.56
CA PHE A 370 4.20 -13.34 37.36
C PHE A 370 3.23 -12.21 37.66
N PRO A 371 3.69 -10.98 37.45
CA PRO A 371 2.95 -9.75 37.78
C PRO A 371 1.83 -9.51 36.77
N VAL A 372 0.69 -9.06 37.26
CA VAL A 372 -0.33 -8.65 36.34
C VAL A 372 -0.32 -7.12 36.35
N MET A 373 -0.62 -6.54 37.50
CA MET A 373 -0.67 -5.10 37.62
C MET A 373 -0.54 -4.63 39.06
N TYR A 374 -0.21 -3.35 39.25
CA TYR A 374 -0.27 -2.75 40.57
C TYR A 374 -0.97 -1.41 40.54
N LEU A 375 -1.14 -0.79 41.72
CA LEU A 375 -1.88 0.45 41.83
C LEU A 375 -1.32 1.37 42.92
N ASN A 376 -1.64 2.66 42.81
CA ASN A 376 -1.37 3.65 43.85
C ASN A 376 -2.68 4.23 44.38
N GLU A 377 -3.02 3.91 45.64
CA GLU A 377 -4.14 4.55 46.29
C GLU A 377 -3.55 5.69 47.06
N SER A 378 -3.77 6.90 46.56
CA SER A 378 -3.11 8.09 47.08
C SER A 378 -4.07 8.96 47.85
N VAL A 379 -3.54 10.08 48.34
CA VAL A 379 -4.37 11.18 48.83
C VAL A 379 -3.47 12.35 49.21
N HIS A 380 -4.06 13.54 49.19
CA HIS A 380 -3.34 14.79 49.36
C HIS A 380 -4.34 15.75 49.96
N ILE A 381 -3.90 16.61 50.87
CA ILE A 381 -4.82 17.54 51.50
C ILE A 381 -4.68 18.91 50.86
N ASP A 382 -5.81 19.52 50.52
CA ASP A 382 -5.78 20.78 49.79
C ASP A 382 -5.63 21.96 50.74
N LYS A 383 -5.58 23.17 50.16
CA LYS A 383 -5.34 24.39 50.92
C LYS A 383 -6.51 24.74 51.82
N GLU A 384 -7.72 24.61 51.28
CA GLU A 384 -8.95 24.97 51.98
C GLU A 384 -9.06 24.32 53.35
N THR A 385 -8.80 23.01 53.41
CA THR A 385 -8.97 22.26 54.64
C THR A 385 -7.67 22.16 55.46
N ALA A 386 -6.59 22.73 54.94
CA ALA A 386 -5.36 22.80 55.69
C ALA A 386 -5.51 23.82 56.81
N SER A 387 -5.99 25.01 56.43
CA SER A 387 -6.26 26.08 57.40
C SER A 387 -7.26 25.65 58.45
N ARG A 388 -8.32 24.99 58.02
CA ARG A 388 -9.38 24.52 58.91
C ARG A 388 -8.83 23.59 59.98
N LEU A 389 -7.82 22.82 59.62
CA LEU A 389 -7.14 21.94 60.57
C LEU A 389 -6.14 22.73 61.41
N LYS A 390 -5.50 23.72 60.79
CA LYS A 390 -4.59 24.61 61.51
C LYS A 390 -5.39 25.40 62.54
N SER A 391 -6.61 25.77 62.16
CA SER A 391 -7.55 26.42 63.08
C SER A 391 -7.82 25.54 64.29
N MET A 392 -8.47 24.41 64.05
CA MET A 392 -8.89 23.48 65.09
C MET A 392 -7.75 23.05 66.01
N ILE A 393 -6.53 23.06 65.47
CA ILE A 393 -5.36 22.73 66.26
C ILE A 393 -4.75 23.99 66.87
N ILE B 1 -36.11 23.89 20.04
CA ILE B 1 -34.95 23.03 19.82
C ILE B 1 -34.95 22.45 18.41
N GLU B 2 -34.05 21.50 18.18
CA GLU B 2 -33.94 20.85 16.87
C GLU B 2 -34.86 19.64 16.81
N LYS B 3 -35.66 19.48 17.86
CA LYS B 3 -36.61 18.38 17.98
C LYS B 3 -37.88 18.72 17.20
N LYS B 4 -37.83 19.85 16.51
CA LYS B 4 -38.90 20.29 15.61
C LYS B 4 -39.14 19.30 14.47
N ILE B 5 -38.24 18.34 14.29
CA ILE B 5 -38.41 17.33 13.24
C ILE B 5 -38.88 15.97 13.77
N VAL B 6 -40.16 15.67 13.51
CA VAL B 6 -40.79 14.39 13.82
C VAL B 6 -41.96 14.27 12.85
N LEU B 7 -42.52 13.07 12.70
CA LEU B 7 -43.71 12.95 11.88
C LEU B 7 -44.95 13.12 12.76
N ARG B 8 -45.60 14.26 12.60
CA ARG B 8 -46.80 14.61 13.34
C ARG B 8 -47.63 15.49 12.42
N ASN B 9 -48.94 15.34 12.48
CA ASN B 9 -49.82 15.94 11.48
C ASN B 9 -49.71 17.45 11.40
N GLY B 10 -49.48 17.95 10.18
CA GLY B 10 -49.44 19.37 9.91
C GLY B 10 -48.08 20.02 10.04
N THR B 11 -47.18 19.40 10.81
CA THR B 11 -45.85 19.97 11.05
C THR B 11 -45.05 20.09 9.76
N GLU B 12 -44.27 21.17 9.65
CA GLU B 12 -43.43 21.40 8.48
C GLU B 12 -42.54 20.21 8.17
N ALA B 13 -42.05 19.57 9.24
CA ALA B 13 -41.26 18.35 9.11
C ALA B 13 -42.05 17.25 8.39
N PHE B 14 -43.10 16.76 9.03
CA PHE B 14 -43.94 15.71 8.46
C PHE B 14 -44.55 16.13 7.13
N ASP B 15 -44.84 17.42 7.01
CA ASP B 15 -45.60 17.95 5.88
C ASP B 15 -45.09 17.50 4.52
N SER B 16 -43.78 17.62 4.31
CA SER B 16 -43.20 17.32 3.01
C SER B 16 -42.69 15.89 2.89
N TRP B 17 -42.74 15.14 3.98
CA TRP B 17 -42.47 13.71 3.94
C TRP B 17 -43.60 13.04 3.17
N GLU B 18 -44.71 13.78 3.07
CA GLU B 18 -45.87 13.40 2.28
C GLU B 18 -45.63 13.75 0.80
N LYS B 19 -45.63 15.04 0.48
CA LYS B 19 -45.22 15.48 -0.85
C LYS B 19 -43.93 16.28 -0.74
N PRO B 20 -42.79 15.69 -1.16
CA PRO B 20 -41.49 16.35 -1.16
C PRO B 20 -41.33 17.46 -2.20
N PRO B 21 -40.62 18.54 -1.85
CA PRO B 21 -40.38 19.74 -2.66
C PRO B 21 -39.41 19.54 -3.83
N LEU B 22 -38.69 18.43 -3.81
CA LEU B 22 -37.49 18.28 -4.62
C LEU B 22 -37.68 17.61 -5.98
N PRO B 23 -37.26 18.30 -7.06
CA PRO B 23 -37.29 17.76 -8.43
C PRO B 23 -36.21 16.70 -8.64
N VAL B 24 -36.51 15.47 -8.24
CA VAL B 24 -35.59 14.34 -8.35
C VAL B 24 -35.50 13.79 -9.77
N TYR B 25 -34.28 13.55 -10.26
CA TYR B 25 -34.09 13.10 -11.64
C TYR B 25 -33.44 11.73 -11.78
N THR B 26 -34.13 10.84 -12.49
CA THR B 26 -33.59 9.52 -12.83
C THR B 26 -33.12 9.46 -14.27
N GLN B 27 -31.86 9.06 -14.48
CA GLN B 27 -31.26 9.01 -15.81
C GLN B 27 -30.74 7.61 -16.15
N PHE B 28 -31.14 7.12 -17.31
CA PHE B 28 -30.78 5.78 -17.72
C PHE B 28 -29.67 5.77 -18.75
N TYR B 29 -28.75 4.81 -18.59
CA TYR B 29 -27.64 4.63 -19.50
C TYR B 29 -27.55 3.16 -19.86
N PHE B 30 -27.55 2.88 -21.16
CA PHE B 30 -27.58 1.51 -21.63
C PHE B 30 -26.28 1.11 -22.30
N PHE B 31 -25.97 -0.18 -22.22
CA PHE B 31 -24.77 -0.69 -22.87
C PHE B 31 -25.16 -1.39 -24.16
N ASN B 32 -24.81 -0.74 -25.25
CA ASN B 32 -25.08 -1.27 -26.57
C ASN B 32 -24.00 -2.26 -26.94
N VAL B 33 -24.38 -3.49 -27.28
CA VAL B 33 -23.40 -4.52 -27.57
C VAL B 33 -23.01 -4.47 -29.04
N THR B 34 -21.75 -4.13 -29.31
CA THR B 34 -21.31 -3.86 -30.67
C THR B 34 -20.68 -5.03 -31.40
N ASN B 35 -20.35 -6.11 -30.69
CA ASN B 35 -19.80 -7.29 -31.36
C ASN B 35 -20.46 -8.57 -30.84
N PRO B 36 -21.79 -8.67 -31.00
CA PRO B 36 -22.57 -9.75 -30.38
C PRO B 36 -22.20 -11.13 -30.93
N GLU B 37 -22.00 -11.21 -32.24
CA GLU B 37 -21.62 -12.46 -32.89
C GLU B 37 -20.38 -13.05 -32.24
N GLU B 38 -19.35 -12.23 -32.18
CA GLU B 38 -18.05 -12.62 -31.67
C GLU B 38 -18.09 -12.94 -30.19
N ILE B 39 -19.02 -12.32 -29.48
CA ILE B 39 -19.25 -12.63 -28.08
C ILE B 39 -19.63 -14.10 -27.94
N LEU B 40 -20.52 -14.54 -28.83
CA LEU B 40 -20.93 -15.94 -28.88
C LEU B 40 -19.79 -16.86 -29.28
N ARG B 41 -19.04 -16.48 -30.31
CA ARG B 41 -17.92 -17.29 -30.78
C ARG B 41 -16.80 -17.35 -29.75
N GLY B 42 -16.94 -16.59 -28.65
CA GLY B 42 -16.03 -16.68 -27.53
C GLY B 42 -15.06 -15.54 -27.27
N GLU B 43 -15.17 -14.45 -28.03
CA GLU B 43 -14.29 -13.30 -27.81
C GLU B 43 -14.68 -12.57 -26.52
N THR B 44 -13.95 -11.49 -26.21
CA THR B 44 -14.40 -10.55 -25.16
C THR B 44 -15.39 -9.52 -25.71
N PRO B 45 -16.46 -9.27 -24.95
CA PRO B 45 -17.51 -8.33 -25.34
C PRO B 45 -16.97 -6.93 -25.57
N ARG B 46 -17.50 -6.25 -26.57
CA ARG B 46 -17.19 -4.85 -26.77
C ARG B 46 -18.48 -4.05 -26.70
N VAL B 47 -18.59 -3.16 -25.72
CA VAL B 47 -19.80 -2.37 -25.58
C VAL B 47 -19.61 -0.87 -25.83
N GLU B 48 -20.67 -0.25 -26.33
CA GLU B 48 -20.77 1.20 -26.38
C GLU B 48 -21.88 1.59 -25.41
N GLU B 49 -21.82 2.82 -24.91
CA GLU B 49 -22.73 3.25 -23.86
C GLU B 49 -23.60 4.42 -24.30
N VAL B 50 -24.92 4.23 -24.25
CA VAL B 50 -25.83 5.27 -24.68
C VAL B 50 -26.68 5.80 -23.52
N GLY B 51 -26.68 7.12 -23.39
CA GLY B 51 -27.46 7.82 -22.39
C GLY B 51 -27.11 9.30 -22.47
N PRO B 52 -27.66 10.10 -21.55
CA PRO B 52 -28.69 9.70 -20.61
C PRO B 52 -30.09 9.70 -21.23
N TYR B 53 -30.97 8.87 -20.70
CA TYR B 53 -32.38 9.05 -20.95
C TYR B 53 -33.01 9.50 -19.64
N THR B 54 -33.35 10.78 -19.58
CA THR B 54 -33.69 11.44 -18.33
C THR B 54 -35.18 11.57 -18.10
N TYR B 55 -35.64 10.98 -17.00
CA TYR B 55 -37.02 11.10 -16.56
C TYR B 55 -37.02 11.94 -15.28
N ARG B 56 -38.08 12.73 -15.08
CA ARG B 56 -38.28 13.45 -13.83
C ARG B 56 -39.29 12.69 -12.97
N GLU B 57 -39.05 12.66 -11.66
CA GLU B 57 -39.85 11.83 -10.76
C GLU B 57 -41.02 12.57 -10.10
N LEU B 58 -42.14 11.87 -9.98
CA LEU B 58 -43.29 12.36 -9.24
C LEU B 58 -43.48 11.48 -8.00
N ARG B 59 -43.23 12.04 -6.83
CA ARG B 59 -43.27 11.26 -5.59
C ARG B 59 -44.39 11.72 -4.69
N ASN B 60 -45.28 10.80 -4.35
CA ASN B 60 -46.31 11.04 -3.34
C ASN B 60 -46.48 9.79 -2.50
N LYS B 61 -46.37 9.93 -1.18
CA LYS B 61 -46.40 8.74 -0.34
C LYS B 61 -47.71 8.69 0.45
N ALA B 62 -48.56 7.75 0.06
CA ALA B 62 -49.95 7.69 0.52
C ALA B 62 -50.30 6.39 1.25
N ASN B 63 -51.59 6.23 1.55
CA ASN B 63 -52.10 5.13 2.39
C ASN B 63 -51.57 5.20 3.82
N ILE B 64 -51.72 6.37 4.43
CA ILE B 64 -51.19 6.62 5.77
C ILE B 64 -52.19 6.41 6.91
N GLN B 65 -51.80 5.58 7.88
CA GLN B 65 -52.53 5.47 9.15
C GLN B 65 -51.53 5.41 10.30
N PHE B 66 -51.68 6.30 11.28
CA PHE B 66 -50.79 6.32 12.44
C PHE B 66 -51.06 5.12 13.35
N GLY B 67 -50.31 5.03 14.45
CA GLY B 67 -50.50 3.94 15.38
C GLY B 67 -49.70 4.08 16.67
N ASP B 68 -49.90 3.12 17.57
CA ASP B 68 -49.18 3.03 18.85
C ASP B 68 -49.02 4.34 19.59
N ASN B 69 -50.14 4.98 19.94
CA ASN B 69 -50.13 6.26 20.63
C ASN B 69 -49.15 7.26 20.00
N GLY B 70 -49.06 7.22 18.68
CA GLY B 70 -48.28 8.20 17.93
C GLY B 70 -46.81 7.94 17.66
N THR B 71 -46.29 6.76 18.01
CA THR B 71 -44.87 6.50 17.78
C THR B 71 -44.54 5.80 16.44
N THR B 72 -45.56 5.32 15.74
CA THR B 72 -45.33 4.68 14.43
C THR B 72 -46.25 5.23 13.35
N ILE B 73 -45.87 4.99 12.10
CA ILE B 73 -46.66 5.43 10.95
C ILE B 73 -46.48 4.47 9.76
N SER B 74 -47.56 4.22 9.02
CA SER B 74 -47.51 3.29 7.89
C SER B 74 -47.90 3.96 6.57
N ALA B 75 -47.17 3.64 5.49
CA ALA B 75 -47.48 4.17 4.17
C ALA B 75 -46.75 3.43 3.05
N VAL B 76 -47.01 3.84 1.82
CA VAL B 76 -46.24 3.36 0.68
C VAL B 76 -45.55 4.54 0.01
N SER B 77 -44.29 4.36 -0.37
CA SER B 77 -43.62 5.37 -1.18
C SER B 77 -44.06 5.13 -2.63
N ASN B 78 -44.77 6.09 -3.21
CA ASN B 78 -45.23 5.91 -4.59
C ASN B 78 -44.42 6.77 -5.55
N LYS B 79 -44.14 6.22 -6.71
CA LYS B 79 -43.17 6.81 -7.64
C LYS B 79 -43.62 6.70 -9.10
N ALA B 80 -43.43 7.78 -9.85
CA ALA B 80 -43.77 7.80 -11.28
C ALA B 80 -42.68 8.54 -12.07
N TYR B 81 -42.72 8.42 -13.40
CA TYR B 81 -41.66 8.98 -14.23
C TYR B 81 -42.18 9.74 -15.44
N VAL B 82 -41.61 10.91 -15.67
CA VAL B 82 -42.00 11.79 -16.77
C VAL B 82 -40.81 12.06 -17.68
N PHE B 83 -40.91 11.67 -18.95
CA PHE B 83 -39.77 11.83 -19.84
C PHE B 83 -39.58 13.27 -20.35
N GLU B 84 -38.36 13.76 -20.24
CA GLU B 84 -37.99 15.08 -20.77
C GLU B 84 -37.08 14.93 -21.99
N ARG B 85 -37.62 15.26 -23.16
CA ARG B 85 -36.94 15.10 -24.43
C ARG B 85 -35.74 16.05 -24.57
N ASP B 86 -35.76 17.17 -23.83
CA ASP B 86 -34.69 18.14 -23.93
C ASP B 86 -33.42 17.67 -23.20
N GLN B 87 -33.60 17.16 -21.99
CA GLN B 87 -32.49 16.83 -21.10
C GLN B 87 -32.00 15.40 -21.29
N SER B 88 -32.53 14.73 -22.31
CA SER B 88 -32.06 13.39 -22.66
C SER B 88 -31.41 13.41 -24.03
N VAL B 89 -30.57 12.41 -24.28
CA VAL B 89 -29.75 12.38 -25.48
C VAL B 89 -30.58 12.17 -26.76
N GLY B 90 -31.62 11.36 -26.67
CA GLY B 90 -32.46 11.03 -27.80
C GLY B 90 -33.83 10.55 -27.34
N ASP B 91 -34.64 10.04 -28.26
CA ASP B 91 -35.98 9.60 -27.91
C ASP B 91 -36.02 8.11 -27.61
N PRO B 92 -36.38 7.76 -26.36
CA PRO B 92 -36.43 6.41 -25.83
C PRO B 92 -37.27 5.47 -26.69
N LYS B 93 -38.25 6.03 -27.36
CA LYS B 93 -39.09 5.23 -28.24
C LYS B 93 -38.43 5.01 -29.60
N ILE B 94 -37.68 5.99 -30.11
CA ILE B 94 -37.01 5.86 -31.40
C ILE B 94 -35.73 5.02 -31.35
N ASP B 95 -34.87 5.30 -30.37
CA ASP B 95 -33.52 4.75 -30.34
C ASP B 95 -33.45 3.27 -29.96
N LEU B 96 -32.54 2.55 -30.61
CA LEU B 96 -32.41 1.10 -30.40
C LEU B 96 -31.25 0.70 -29.51
N ILE B 97 -31.45 -0.35 -28.73
CA ILE B 97 -30.34 -0.95 -27.99
C ILE B 97 -30.31 -2.45 -28.15
N ARG B 98 -29.22 -2.94 -28.72
CA ARG B 98 -28.99 -4.37 -28.82
C ARG B 98 -28.28 -4.86 -27.58
N THR B 99 -28.71 -6.00 -27.07
CA THR B 99 -28.33 -6.42 -25.73
C THR B 99 -28.92 -7.79 -25.45
N LEU B 100 -28.62 -8.33 -24.28
CA LEU B 100 -29.09 -9.66 -23.90
C LEU B 100 -30.60 -9.74 -24.00
N ASN B 101 -31.09 -10.92 -24.37
CA ASN B 101 -32.51 -11.18 -24.29
C ASN B 101 -32.70 -11.93 -22.99
N ILE B 102 -33.21 -11.21 -21.99
CA ILE B 102 -33.31 -11.72 -20.64
C ILE B 102 -34.39 -12.79 -20.43
N PRO B 103 -35.58 -12.62 -21.03
CA PRO B 103 -36.58 -13.68 -20.87
C PRO B 103 -36.05 -15.08 -21.18
N VAL B 104 -35.27 -15.24 -22.23
CA VAL B 104 -34.72 -16.57 -22.52
C VAL B 104 -33.66 -16.92 -21.48
N LEU B 105 -32.79 -15.97 -21.14
CA LEU B 105 -31.77 -16.22 -20.12
C LEU B 105 -32.43 -16.64 -18.82
N THR B 106 -33.57 -16.03 -18.54
CA THR B 106 -34.35 -16.34 -17.34
C THR B 106 -34.98 -17.73 -17.41
N VAL B 107 -35.70 -18.03 -18.50
CA VAL B 107 -36.38 -19.32 -18.58
C VAL B 107 -35.38 -20.48 -18.67
N ILE B 108 -34.12 -20.15 -18.96
CA ILE B 108 -33.08 -21.16 -19.00
C ILE B 108 -32.63 -21.53 -17.59
N GLU B 109 -32.51 -20.53 -16.71
CA GLU B 109 -32.15 -20.80 -15.32
C GLU B 109 -33.35 -21.32 -14.54
N TRP B 110 -34.54 -20.90 -14.98
CA TRP B 110 -35.77 -21.36 -14.36
C TRP B 110 -36.07 -22.82 -14.67
N SER B 111 -35.31 -23.42 -15.59
CA SER B 111 -35.52 -24.83 -15.85
C SER B 111 -34.40 -25.60 -15.15
N GLN B 112 -34.76 -26.16 -14.01
CA GLN B 112 -33.85 -26.95 -13.19
C GLN B 112 -34.13 -28.43 -13.38
N VAL B 113 -35.10 -28.71 -14.24
CA VAL B 113 -35.57 -30.06 -14.47
C VAL B 113 -35.12 -30.53 -15.84
N HIS B 114 -34.67 -31.78 -15.90
CA HIS B 114 -34.08 -32.38 -17.09
C HIS B 114 -35.01 -32.40 -18.30
N PHE B 115 -36.29 -32.67 -18.06
CA PHE B 115 -37.27 -32.65 -19.15
C PHE B 115 -37.68 -31.22 -19.47
N LEU B 116 -37.43 -30.32 -18.52
CA LEU B 116 -37.69 -28.91 -18.76
C LEU B 116 -36.56 -28.30 -19.56
N ARG B 117 -35.34 -28.72 -19.29
CA ARG B 117 -34.21 -28.31 -20.13
C ARG B 117 -34.45 -28.81 -21.54
N GLU B 118 -34.82 -30.08 -21.66
CA GLU B 118 -35.14 -30.69 -22.94
C GLU B 118 -36.23 -29.93 -23.69
N ILE B 119 -37.42 -29.86 -23.10
CA ILE B 119 -38.56 -29.19 -23.73
C ILE B 119 -38.30 -27.71 -23.98
N ILE B 120 -37.90 -26.96 -22.95
CA ILE B 120 -37.71 -25.52 -23.12
C ILE B 120 -36.57 -25.20 -24.09
N GLU B 121 -35.74 -26.19 -24.38
CA GLU B 121 -34.73 -26.05 -25.42
C GLU B 121 -35.37 -26.18 -26.80
N ALA B 122 -36.29 -27.13 -26.94
CA ALA B 122 -36.99 -27.35 -28.20
C ALA B 122 -37.66 -26.06 -28.68
N MET B 123 -38.20 -25.31 -27.73
CA MET B 123 -38.83 -24.02 -28.01
C MET B 123 -37.93 -23.07 -28.80
N LEU B 124 -36.73 -22.84 -28.27
CA LEU B 124 -35.83 -21.84 -28.84
C LEU B 124 -35.38 -22.21 -30.26
N LYS B 125 -35.15 -23.50 -30.48
CA LYS B 125 -34.79 -24.01 -31.80
C LYS B 125 -35.90 -23.73 -32.81
N ALA B 126 -37.14 -24.03 -32.39
CA ALA B 126 -38.30 -23.98 -33.28
C ALA B 126 -38.81 -22.55 -33.50
N TYR B 127 -38.55 -21.66 -32.54
CA TYR B 127 -39.04 -20.30 -32.65
C TYR B 127 -38.01 -19.34 -33.25
N GLN B 128 -36.84 -19.88 -33.57
CA GLN B 128 -35.71 -19.07 -34.04
C GLN B 128 -35.42 -17.95 -33.06
N GLN B 129 -34.91 -18.33 -31.89
CA GLN B 129 -34.61 -17.39 -30.83
C GLN B 129 -33.10 -17.22 -30.65
N LYS B 130 -32.62 -15.99 -30.71
CA LYS B 130 -31.19 -15.74 -30.52
C LYS B 130 -30.90 -15.21 -29.11
N LEU B 131 -29.62 -15.08 -28.78
CA LEU B 131 -29.22 -14.60 -27.45
C LEU B 131 -29.21 -13.07 -27.35
N PHE B 132 -28.69 -12.40 -28.38
CA PHE B 132 -28.63 -10.95 -28.37
C PHE B 132 -29.77 -10.35 -29.18
N VAL B 133 -30.43 -9.33 -28.63
CA VAL B 133 -31.62 -8.76 -29.25
C VAL B 133 -31.67 -7.23 -29.22
N THR B 134 -32.26 -6.65 -30.26
CA THR B 134 -32.39 -5.20 -30.41
C THR B 134 -33.76 -4.67 -30.01
N HIS B 135 -33.82 -3.72 -29.08
CA HIS B 135 -35.10 -3.08 -28.80
C HIS B 135 -34.99 -1.59 -28.63
N THR B 136 -36.14 -0.95 -28.45
CA THR B 136 -36.18 0.48 -28.23
C THR B 136 -36.03 0.76 -26.74
N VAL B 137 -35.35 1.86 -26.43
CA VAL B 137 -35.06 2.27 -25.06
C VAL B 137 -36.32 2.23 -24.21
N ASP B 138 -37.40 2.77 -24.75
CA ASP B 138 -38.69 2.73 -24.07
C ASP B 138 -39.15 1.29 -23.82
N GLU B 139 -38.85 0.40 -24.75
CA GLU B 139 -39.31 -0.98 -24.61
C GLU B 139 -38.60 -1.72 -23.48
N LEU B 140 -37.27 -1.70 -23.48
CA LEU B 140 -36.47 -2.38 -22.46
C LEU B 140 -36.78 -1.86 -21.06
N LEU B 141 -36.85 -0.54 -20.96
CA LEU B 141 -37.21 0.14 -19.73
C LEU B 141 -38.59 -0.27 -19.21
N TRP B 142 -39.59 -0.21 -20.09
CA TRP B 142 -40.98 -0.24 -19.65
C TRP B 142 -41.71 -1.54 -19.95
N GLY B 143 -41.83 -1.90 -21.22
CA GLY B 143 -42.33 -3.21 -21.55
C GLY B 143 -42.22 -3.56 -23.02
N TYR B 144 -42.12 -4.86 -23.29
CA TYR B 144 -42.32 -5.39 -24.62
C TYR B 144 -42.77 -6.84 -24.45
N LYS B 145 -43.62 -7.30 -25.37
CA LYS B 145 -44.14 -8.66 -25.27
C LYS B 145 -43.19 -9.61 -25.99
N ASP B 146 -42.70 -10.61 -25.27
CA ASP B 146 -41.75 -11.55 -25.82
C ASP B 146 -42.43 -12.81 -26.31
N GLU B 147 -41.97 -13.30 -27.46
CA GLU B 147 -42.53 -14.49 -28.08
C GLU B 147 -42.47 -15.68 -27.13
N ILE B 148 -41.43 -15.72 -26.31
CA ILE B 148 -41.25 -16.85 -25.41
C ILE B 148 -42.12 -16.74 -24.15
N LEU B 149 -42.16 -15.57 -23.53
CA LEU B 149 -43.03 -15.37 -22.37
C LEU B 149 -44.50 -15.47 -22.76
N SER B 150 -44.80 -15.05 -23.99
CA SER B 150 -46.15 -15.11 -24.52
C SER B 150 -46.68 -16.54 -24.49
N LEU B 151 -45.80 -17.49 -24.77
CA LEU B 151 -46.16 -18.90 -24.77
C LEU B 151 -46.33 -19.44 -23.35
N ILE B 152 -45.38 -19.12 -22.49
CA ILE B 152 -45.37 -19.59 -21.10
C ILE B 152 -46.64 -19.18 -20.37
N HIS B 153 -47.23 -18.08 -20.82
CA HIS B 153 -48.51 -17.62 -20.28
C HIS B 153 -49.62 -18.63 -20.59
N VAL B 154 -49.66 -19.07 -21.84
CA VAL B 154 -50.66 -20.04 -22.32
C VAL B 154 -50.57 -21.36 -21.55
N PHE B 155 -49.44 -21.57 -20.89
CA PHE B 155 -49.21 -22.78 -20.10
C PHE B 155 -49.29 -22.52 -18.60
N ARG B 156 -48.39 -21.68 -18.10
CA ARG B 156 -48.32 -21.37 -16.67
C ARG B 156 -48.68 -19.90 -16.46
N PRO B 157 -49.99 -19.61 -16.41
CA PRO B 157 -50.60 -18.27 -16.48
C PRO B 157 -50.11 -17.27 -15.44
N ASP B 158 -49.59 -17.76 -14.32
CA ASP B 158 -49.13 -16.85 -13.26
C ASP B 158 -47.98 -15.97 -13.76
N ILE B 159 -47.30 -16.45 -14.80
CA ILE B 159 -46.23 -15.70 -15.45
C ILE B 159 -46.77 -14.68 -16.44
N SER B 160 -46.43 -13.41 -16.20
CA SER B 160 -46.83 -12.33 -17.09
C SER B 160 -46.20 -12.46 -18.47
N PRO B 161 -46.90 -12.00 -19.51
CA PRO B 161 -46.35 -12.04 -20.86
C PRO B 161 -45.33 -10.93 -21.11
N PHE B 163 -42.43 -8.23 -20.70
CA PHE B 163 -41.20 -8.00 -19.93
C PHE B 163 -40.63 -6.60 -20.09
N GLY B 164 -40.15 -6.04 -18.99
CA GLY B 164 -39.40 -4.80 -19.03
C GLY B 164 -38.57 -4.62 -17.77
N LEU B 165 -37.49 -3.85 -17.88
CA LEU B 165 -36.58 -3.64 -16.74
C LEU B 165 -37.33 -3.08 -15.56
N PHE B 166 -38.22 -2.13 -15.83
CA PHE B 166 -39.26 -1.82 -14.87
C PHE B 166 -40.58 -2.05 -15.58
N TYR B 167 -41.27 -3.13 -15.20
CA TYR B 167 -42.57 -3.39 -15.79
C TYR B 167 -43.65 -3.20 -14.74
N GLU B 168 -44.69 -2.46 -15.11
CA GLU B 168 -45.80 -2.13 -14.22
C GLU B 168 -45.33 -1.38 -12.98
N LYS B 169 -44.17 -0.73 -13.08
CA LYS B 169 -43.65 0.07 -11.97
C LYS B 169 -43.84 1.58 -12.07
N ASN B 170 -44.50 2.06 -13.12
CA ASN B 170 -44.70 3.50 -13.21
C ASN B 170 -46.01 3.92 -12.57
N GLY B 171 -45.90 4.62 -11.43
CA GLY B 171 -47.06 4.99 -10.65
C GLY B 171 -47.32 4.11 -9.42
N THR B 172 -46.56 3.04 -9.27
CA THR B 172 -46.74 2.12 -8.15
C THR B 172 -45.70 2.32 -7.04
N ASN B 173 -45.80 1.52 -5.98
CA ASN B 173 -44.86 1.62 -4.87
C ASN B 173 -43.83 0.50 -4.83
N ASP B 174 -42.91 0.62 -3.87
CA ASP B 174 -41.88 -0.38 -3.62
C ASP B 174 -42.34 -1.35 -2.54
N GLY B 175 -43.63 -1.26 -2.20
CA GLY B 175 -44.23 -2.04 -1.13
C GLY B 175 -44.67 -1.21 0.07
N ASP B 176 -45.23 -1.86 1.08
CA ASP B 176 -45.87 -1.15 2.19
C ASP B 176 -45.02 -1.11 3.47
N TYR B 177 -44.74 0.10 3.96
CA TYR B 177 -43.80 0.30 5.07
C TYR B 177 -44.45 0.83 6.33
N VAL B 178 -43.77 0.61 7.46
CA VAL B 178 -44.09 1.34 8.67
C VAL B 178 -42.81 2.00 9.22
N PHE B 179 -42.84 3.32 9.34
CA PHE B 179 -41.67 4.06 9.81
C PHE B 179 -41.84 4.48 11.27
N LEU B 180 -40.75 4.45 12.04
CA LEU B 180 -40.82 4.91 13.41
C LEU B 180 -40.68 6.43 13.41
N THR B 181 -41.71 7.11 13.92
CA THR B 181 -41.70 8.57 13.96
C THR B 181 -40.75 9.03 15.06
N GLY B 182 -40.32 10.29 14.97
CA GLY B 182 -39.26 10.79 15.84
C GLY B 182 -39.67 11.12 17.26
N GLU B 183 -40.84 10.64 17.68
CA GLU B 183 -41.32 10.91 19.03
C GLU B 183 -40.51 10.18 20.09
N ASP B 184 -40.33 8.87 19.91
CA ASP B 184 -39.65 8.04 20.90
C ASP B 184 -38.19 8.47 21.09
N SER B 185 -37.65 9.10 20.06
CA SER B 185 -36.29 9.64 20.06
C SER B 185 -36.08 10.36 18.74
N TYR B 186 -35.10 11.26 18.69
CA TYR B 186 -34.82 11.98 17.47
C TYR B 186 -33.95 11.11 16.57
N LEU B 187 -33.43 10.05 17.16
CA LEU B 187 -32.55 9.13 16.44
C LEU B 187 -33.30 8.17 15.53
N ASN B 188 -34.48 7.73 15.95
CA ASN B 188 -35.23 6.72 15.19
C ASN B 188 -36.15 7.37 14.14
N PHE B 189 -36.03 8.70 13.95
CA PHE B 189 -36.83 9.41 12.93
C PHE B 189 -36.70 8.78 11.54
N THR B 190 -37.85 8.56 10.92
CA THR B 190 -38.03 7.94 9.59
C THR B 190 -37.15 6.70 9.40
N LYS B 191 -36.91 5.98 10.50
CA LYS B 191 -36.27 4.68 10.45
C LYS B 191 -37.29 3.61 10.10
N ILE B 192 -36.85 2.50 9.53
CA ILE B 192 -37.76 1.47 9.09
C ILE B 192 -37.79 0.29 10.08
N VAL B 193 -38.99 -0.21 10.36
CA VAL B 193 -39.15 -1.34 11.27
C VAL B 193 -39.78 -2.54 10.56
N GLU B 194 -41.02 -2.40 10.10
CA GLU B 194 -41.64 -3.49 9.35
C GLU B 194 -41.91 -3.10 7.90
N TRP B 195 -41.49 -3.99 7.00
CA TRP B 195 -41.72 -3.87 5.58
C TRP B 195 -42.51 -5.08 5.12
N ASN B 196 -43.75 -4.85 4.69
CA ASN B 196 -44.72 -5.92 4.44
C ASN B 196 -44.90 -6.78 5.69
N GLY B 197 -44.80 -6.16 6.85
CA GLY B 197 -44.92 -6.88 8.11
C GLY B 197 -43.69 -7.67 8.45
N LYS B 198 -42.76 -7.79 7.51
CA LYS B 198 -41.52 -8.50 7.76
C LYS B 198 -40.59 -7.59 8.54
N THR B 199 -40.23 -8.05 9.74
CA THR B 199 -39.38 -7.28 10.62
C THR B 199 -37.92 -7.69 10.41
N SER B 200 -37.73 -8.62 9.49
CA SER B 200 -36.40 -9.00 9.00
C SER B 200 -36.57 -9.53 7.59
N LEU B 201 -35.49 -9.58 6.82
CA LEU B 201 -35.59 -10.16 5.48
C LEU B 201 -35.46 -11.68 5.55
N ASP B 202 -36.20 -12.37 4.68
CA ASP B 202 -36.23 -13.82 4.72
C ASP B 202 -35.35 -14.57 3.70
N TRP B 203 -34.67 -13.88 2.78
CA TRP B 203 -33.84 -14.60 1.80
C TRP B 203 -32.31 -14.69 1.92
N TRP B 204 -31.66 -14.03 2.87
CA TRP B 204 -30.20 -14.17 2.94
C TRP B 204 -29.84 -15.29 3.91
N ILE B 205 -28.56 -15.49 4.19
CA ILE B 205 -28.16 -16.59 5.05
C ILE B 205 -28.06 -16.20 6.53
N THR B 206 -27.13 -15.31 6.86
CA THR B 206 -26.96 -14.89 8.25
C THR B 206 -28.02 -13.88 8.65
N ASP B 207 -28.33 -13.85 9.95
CA ASP B 207 -29.33 -12.92 10.47
C ASP B 207 -28.87 -11.47 10.33
N LYS B 208 -27.56 -11.26 10.40
CA LYS B 208 -26.98 -9.94 10.19
C LYS B 208 -27.36 -9.41 8.83
N CYS B 209 -27.08 -10.21 7.81
CA CYS B 209 -27.39 -9.90 6.43
C CYS B 209 -28.87 -9.66 6.20
N ASN B 210 -29.69 -10.54 6.75
CA ASN B 210 -31.14 -10.47 6.60
C ASN B 210 -31.75 -9.24 7.28
N MET B 211 -31.04 -8.63 8.20
CA MET B 211 -31.63 -7.58 9.03
C MET B 211 -31.98 -6.34 8.22
N ILE B 212 -32.94 -5.56 8.74
CA ILE B 212 -33.30 -4.29 8.14
C ILE B 212 -32.83 -3.12 9.03
N ASN B 213 -31.85 -2.37 8.53
CA ASN B 213 -31.42 -1.13 9.16
C ASN B 213 -31.73 0.14 8.37
N GLY B 214 -31.88 1.24 9.11
CA GLY B 214 -31.75 2.57 8.55
C GLY B 214 -32.98 3.05 7.83
N THR B 215 -32.85 4.25 7.29
CA THR B 215 -33.97 4.93 6.69
C THR B 215 -34.27 4.38 5.30
N ASP B 216 -35.32 4.93 4.69
CA ASP B 216 -35.68 4.55 3.33
C ASP B 216 -34.67 5.10 2.35
N GLY B 217 -33.90 6.09 2.80
CA GLY B 217 -32.83 6.64 1.98
C GLY B 217 -33.06 8.04 1.46
N ASP B 218 -34.26 8.57 1.69
CA ASP B 218 -34.62 9.92 1.28
C ASP B 218 -34.44 10.95 2.40
N SER B 219 -33.92 10.52 3.54
CA SER B 219 -33.84 11.36 4.74
C SER B 219 -33.09 10.69 5.90
N PHE B 220 -32.68 11.51 6.87
CA PHE B 220 -31.97 11.01 8.05
C PHE B 220 -32.33 11.81 9.30
N HIS B 221 -32.01 11.25 10.47
CA HIS B 221 -32.24 11.92 11.75
C HIS B 221 -31.42 13.19 11.86
N PRO B 222 -31.87 14.12 12.73
CA PRO B 222 -31.07 15.32 13.00
C PRO B 222 -29.74 15.02 13.70
N LEU B 223 -28.85 16.00 13.69
CA LEU B 223 -27.53 15.91 14.34
C LEU B 223 -26.62 14.84 13.74
N ILE B 224 -26.67 14.66 12.42
CA ILE B 224 -25.74 13.74 11.79
C ILE B 224 -24.33 14.27 12.04
N THR B 225 -23.49 13.44 12.65
CA THR B 225 -22.15 13.88 13.03
C THR B 225 -21.07 13.09 12.31
N LYS B 226 -19.93 13.73 12.07
CA LYS B 226 -18.87 13.19 11.22
C LYS B 226 -18.46 11.74 11.54
N ASP B 227 -18.39 11.39 12.82
CA ASP B 227 -17.98 10.03 13.18
C ASP B 227 -19.02 9.01 12.76
N GLU B 228 -20.26 9.21 13.20
CA GLU B 228 -21.29 8.19 13.08
C GLU B 228 -21.61 7.80 11.64
N VAL B 229 -22.07 6.57 11.47
CA VAL B 229 -22.31 5.96 10.16
C VAL B 229 -23.78 5.62 9.96
N LEU B 230 -24.27 5.88 8.75
CA LEU B 230 -25.70 5.86 8.44
C LEU B 230 -26.18 4.63 7.70
N TYR B 231 -27.27 4.04 8.18
CA TYR B 231 -27.88 2.90 7.53
C TYR B 231 -29.02 3.30 6.60
N VAL B 232 -29.16 2.58 5.49
CA VAL B 232 -30.19 2.85 4.50
C VAL B 232 -30.70 1.53 3.92
N PHE B 233 -32.00 1.47 3.59
CA PHE B 233 -32.58 0.26 3.00
C PHE B 233 -33.28 0.56 1.67
N PRO B 234 -32.50 0.65 0.58
CA PRO B 234 -33.13 0.80 -0.73
C PRO B 234 -33.79 -0.51 -1.15
N SER B 235 -35.02 -0.47 -1.63
CA SER B 235 -35.73 -1.71 -1.94
C SER B 235 -35.16 -2.40 -3.18
N ASP B 236 -35.07 -1.66 -4.28
CA ASP B 236 -34.67 -2.23 -5.56
C ASP B 236 -33.28 -2.89 -5.50
N PHE B 237 -32.49 -2.52 -4.49
CA PHE B 237 -31.14 -3.04 -4.35
C PHE B 237 -31.07 -4.31 -3.49
N CYS B 238 -32.19 -4.66 -2.85
CA CYS B 238 -32.39 -5.97 -2.20
C CYS B 238 -31.63 -6.24 -0.87
N ARG B 239 -30.81 -5.31 -0.40
CA ARG B 239 -30.16 -5.47 0.91
C ARG B 239 -30.03 -4.15 1.69
N SER B 240 -29.89 -4.27 3.01
CA SER B 240 -29.65 -3.10 3.87
C SER B 240 -28.20 -2.63 3.74
N VAL B 241 -28.03 -1.35 3.40
CA VAL B 241 -26.73 -0.78 3.06
C VAL B 241 -26.42 0.42 3.96
N TYR B 242 -25.14 0.75 4.15
CA TYR B 242 -24.76 1.92 4.92
C TYR B 242 -23.75 2.81 4.19
N ILE B 243 -23.71 4.08 4.60
CA ILE B 243 -22.79 5.06 4.05
C ILE B 243 -21.84 5.61 5.11
N THR B 244 -20.70 6.14 4.68
CA THR B 244 -19.71 6.68 5.62
C THR B 244 -19.46 8.15 5.37
N PHE B 245 -18.92 8.82 6.39
CA PHE B 245 -18.62 10.25 6.28
C PHE B 245 -17.35 10.50 5.50
N SER B 246 -17.39 11.46 4.59
CA SER B 246 -16.22 11.81 3.80
C SER B 246 -15.63 13.14 4.21
N ASP B 247 -16.33 14.23 3.94
CA ASP B 247 -15.82 15.56 4.25
C ASP B 247 -16.89 16.62 4.37
N TYR B 248 -16.46 17.84 4.67
CA TYR B 248 -17.36 18.97 4.84
C TYR B 248 -17.51 19.68 3.50
N GLU B 249 -18.75 19.97 3.13
CA GLU B 249 -19.00 20.67 1.87
C GLU B 249 -20.05 21.75 2.06
N SER B 250 -20.07 22.72 1.16
CA SER B 250 -21.18 23.63 1.10
C SER B 250 -21.93 23.44 -0.20
N VAL B 251 -23.21 23.14 -0.08
CA VAL B 251 -24.06 22.94 -1.24
C VAL B 251 -25.18 23.95 -1.22
N GLN B 252 -25.33 24.66 -2.34
CA GLN B 252 -26.14 25.87 -2.39
C GLN B 252 -25.66 26.82 -1.29
N GLY B 253 -26.53 27.13 -0.33
CA GLY B 253 -26.13 28.03 0.74
C GLY B 253 -25.52 27.36 1.95
N LEU B 254 -25.86 26.09 2.14
CA LEU B 254 -25.74 25.41 3.44
C LEU B 254 -24.43 24.68 3.76
N PRO B 255 -24.19 24.35 5.05
CA PRO B 255 -23.11 23.39 5.30
C PRO B 255 -23.54 21.97 4.96
N ALA B 256 -22.63 21.13 4.46
CA ALA B 256 -23.02 19.77 4.10
C ALA B 256 -22.02 18.71 4.53
N PHE B 257 -22.53 17.49 4.72
CA PHE B 257 -21.73 16.32 5.03
C PHE B 257 -21.69 15.37 3.85
N ARG B 258 -20.52 15.25 3.22
CA ARG B 258 -20.35 14.36 2.09
C ARG B 258 -20.29 12.92 2.58
N TYR B 259 -21.21 12.10 2.08
CA TYR B 259 -21.28 10.70 2.46
C TYR B 259 -21.26 9.80 1.23
N LYS B 260 -20.17 9.06 1.05
CA LYS B 260 -20.05 8.14 -0.06
C LYS B 260 -20.45 6.74 0.39
N VAL B 261 -20.43 5.79 -0.53
CA VAL B 261 -20.68 4.39 -0.20
C VAL B 261 -19.34 3.65 -0.17
N PRO B 262 -18.93 3.18 1.02
CA PRO B 262 -17.61 2.60 1.32
C PRO B 262 -17.39 1.23 0.69
N ALA B 263 -16.14 0.84 0.49
CA ALA B 263 -15.80 -0.40 -0.20
C ALA B 263 -16.26 -1.65 0.54
N GLU B 264 -16.20 -1.59 1.87
CA GLU B 264 -16.44 -2.77 2.71
C GLU B 264 -17.88 -3.29 2.58
N ILE B 265 -18.73 -2.54 1.87
CA ILE B 265 -20.11 -2.93 1.63
C ILE B 265 -20.22 -4.03 0.57
N LEU B 266 -19.49 -3.86 -0.54
CA LEU B 266 -19.52 -4.78 -1.68
C LEU B 266 -18.34 -5.78 -1.84
N ALA B 267 -17.43 -5.88 -0.88
CA ALA B 267 -16.30 -6.79 -1.07
C ALA B 267 -16.55 -8.21 -0.54
N ASN B 268 -15.54 -9.05 -0.66
CA ASN B 268 -15.58 -10.38 -0.07
C ASN B 268 -14.95 -10.36 1.30
N THR B 269 -15.80 -10.51 2.31
CA THR B 269 -15.37 -10.39 3.70
C THR B 269 -16.25 -11.24 4.61
N SER B 270 -15.71 -11.56 5.79
CA SER B 270 -16.43 -12.36 6.78
C SER B 270 -17.71 -11.68 7.25
N ASP B 271 -17.77 -10.36 7.09
CA ASP B 271 -18.95 -9.59 7.48
C ASP B 271 -20.07 -9.70 6.44
N ASN B 272 -19.68 -9.62 5.16
CA ASN B 272 -20.65 -9.63 4.06
C ASN B 272 -21.03 -11.04 3.63
N ALA B 273 -20.48 -12.03 4.35
CA ALA B 273 -20.52 -13.43 3.95
C ALA B 273 -21.88 -14.00 3.55
N GLY B 274 -22.92 -13.69 4.33
CA GLY B 274 -24.22 -14.32 4.17
C GLY B 274 -24.99 -13.91 2.93
N PHE B 275 -24.34 -13.14 2.05
CA PHE B 275 -24.97 -12.70 0.81
C PHE B 275 -24.65 -13.63 -0.36
N CYS B 276 -23.81 -14.62 -0.11
CA CYS B 276 -23.55 -15.62 -1.12
C CYS B 276 -24.51 -16.80 -0.92
N ILE B 277 -25.45 -16.92 -1.84
CA ILE B 277 -26.38 -18.05 -1.85
C ILE B 277 -25.69 -19.42 -1.93
N PRO B 278 -24.58 -19.53 -2.68
CA PRO B 278 -23.96 -20.87 -2.63
C PRO B 278 -23.23 -21.16 -1.32
N GLU B 279 -23.92 -20.97 -0.19
CA GLU B 279 -23.43 -21.35 1.14
C GLU B 279 -21.98 -20.94 1.40
N GLY B 280 -21.64 -19.70 1.04
CA GLY B 280 -20.30 -19.20 1.26
C GLY B 280 -19.40 -19.15 0.03
N ASN B 281 -19.97 -19.29 -1.16
CA ASN B 281 -19.20 -19.10 -2.39
C ASN B 281 -19.54 -17.76 -3.02
N CYS B 282 -18.58 -16.83 -2.96
CA CYS B 282 -18.81 -15.45 -3.37
C CYS B 282 -18.36 -15.21 -4.80
N LEU B 283 -19.10 -14.35 -5.51
CA LEU B 283 -18.81 -14.09 -6.91
C LEU B 283 -17.62 -13.16 -7.07
N GLY B 284 -17.46 -12.24 -6.12
CA GLY B 284 -16.30 -11.37 -6.09
C GLY B 284 -16.57 -10.08 -5.38
N SER B 285 -15.52 -9.29 -5.18
CA SER B 285 -15.67 -7.96 -4.63
C SER B 285 -16.32 -7.06 -5.67
N GLY B 286 -17.40 -6.38 -5.28
CA GLY B 286 -18.00 -5.37 -6.12
C GLY B 286 -19.26 -5.74 -6.91
N VAL B 287 -19.83 -6.91 -6.66
CA VAL B 287 -21.08 -7.31 -7.30
C VAL B 287 -22.00 -8.04 -6.34
N LEU B 288 -23.29 -8.10 -6.66
CA LEU B 288 -24.28 -8.76 -5.81
C LEU B 288 -25.12 -9.80 -6.56
N ASN B 289 -25.45 -10.92 -5.91
CA ASN B 289 -26.35 -11.86 -6.55
C ASN B 289 -27.75 -11.64 -6.00
N VAL B 290 -28.56 -10.99 -6.84
CA VAL B 290 -29.88 -10.53 -6.47
C VAL B 290 -30.95 -11.50 -6.95
N SER B 291 -30.48 -12.60 -7.53
CA SER B 291 -31.34 -13.57 -8.21
C SER B 291 -32.42 -14.16 -7.32
N ILE B 292 -32.31 -13.97 -6.01
CA ILE B 292 -33.38 -14.44 -5.14
C ILE B 292 -34.58 -13.51 -5.26
N CYS B 293 -34.37 -12.24 -4.91
CA CYS B 293 -35.47 -11.28 -4.80
C CYS B 293 -35.92 -10.71 -6.15
N LYS B 294 -35.26 -11.13 -7.22
CA LYS B 294 -35.61 -10.74 -8.58
C LYS B 294 -36.50 -11.78 -9.27
N ASN B 295 -37.04 -12.73 -8.48
CA ASN B 295 -37.96 -13.80 -8.93
C ASN B 295 -37.22 -15.08 -9.38
N GLY B 296 -35.90 -15.05 -9.34
CA GLY B 296 -35.11 -16.22 -9.72
C GLY B 296 -34.38 -16.05 -11.02
N ALA B 297 -34.51 -14.87 -11.63
CA ALA B 297 -33.77 -14.53 -12.83
C ALA B 297 -32.30 -14.30 -12.49
N PRO B 298 -31.39 -14.57 -13.44
CA PRO B 298 -29.95 -14.43 -13.17
C PRO B 298 -29.47 -12.97 -13.17
N ILE B 299 -29.83 -12.22 -12.14
CA ILE B 299 -29.53 -10.79 -12.08
C ILE B 299 -28.36 -10.45 -11.13
N ILE B 300 -27.49 -9.54 -11.56
CA ILE B 300 -26.36 -9.10 -10.75
C ILE B 300 -26.32 -7.59 -10.60
N MET B 301 -26.55 -7.09 -9.39
CA MET B 301 -26.38 -5.66 -9.10
C MET B 301 -24.90 -5.35 -8.97
N SER B 302 -24.54 -4.10 -9.22
CA SER B 302 -23.14 -3.66 -9.25
C SER B 302 -23.09 -2.17 -9.44
N PHE B 303 -21.92 -1.58 -9.24
CA PHE B 303 -21.79 -0.14 -9.36
C PHE B 303 -21.43 0.18 -10.79
N PRO B 304 -21.86 1.35 -11.27
CA PRO B 304 -21.68 1.75 -12.67
C PRO B 304 -20.26 1.54 -13.14
N HIS B 305 -20.12 0.89 -14.29
CA HIS B 305 -18.81 0.51 -14.81
C HIS B 305 -17.96 -0.27 -13.82
N PHE B 306 -18.60 -1.06 -12.96
CA PHE B 306 -17.84 -1.99 -12.11
C PHE B 306 -17.00 -1.30 -11.04
N TYR B 307 -17.15 0.02 -10.94
CA TYR B 307 -16.43 0.79 -9.93
C TYR B 307 -16.56 0.10 -8.58
N GLN B 308 -15.42 -0.07 -7.91
CA GLN B 308 -15.28 -0.72 -6.59
C GLN B 308 -15.24 -2.26 -6.71
N ALA B 309 -15.34 -2.79 -7.92
CA ALA B 309 -15.35 -4.23 -8.13
C ALA B 309 -14.01 -4.75 -8.60
N ASP B 310 -13.72 -6.01 -8.26
CA ASP B 310 -12.47 -6.67 -8.61
C ASP B 310 -12.18 -6.44 -10.10
N GLU B 311 -10.96 -6.01 -10.39
CA GLU B 311 -10.58 -5.61 -11.74
C GLU B 311 -10.83 -6.73 -12.76
N ARG B 312 -10.81 -7.97 -12.27
CA ARG B 312 -11.12 -9.14 -13.07
C ARG B 312 -12.49 -8.99 -13.75
N PHE B 313 -13.36 -8.21 -13.12
CA PHE B 313 -14.66 -7.87 -13.71
C PHE B 313 -14.56 -6.82 -14.83
N VAL B 314 -13.89 -5.71 -14.55
CA VAL B 314 -13.69 -4.66 -15.55
C VAL B 314 -12.94 -5.22 -16.76
N SER B 315 -12.12 -6.22 -16.49
CA SER B 315 -11.31 -6.85 -17.52
C SER B 315 -12.14 -7.62 -18.52
N ALA B 316 -13.23 -8.21 -18.05
CA ALA B 316 -14.04 -9.11 -18.87
C ALA B 316 -14.76 -8.40 -20.01
N ILE B 317 -15.19 -7.16 -19.75
CA ILE B 317 -15.90 -6.38 -20.75
C ILE B 317 -15.12 -5.12 -21.12
N GLU B 318 -14.60 -5.09 -22.34
CA GLU B 318 -13.90 -3.91 -22.83
C GLU B 318 -14.92 -2.81 -23.12
N GLY B 319 -14.56 -1.57 -22.78
CA GLY B 319 -15.48 -0.47 -22.86
C GLY B 319 -15.97 -0.05 -21.48
N MET B 320 -15.36 -0.62 -20.45
CA MET B 320 -15.67 -0.27 -19.08
C MET B 320 -14.63 0.66 -18.48
N HIS B 321 -15.05 1.81 -17.99
CA HIS B 321 -14.14 2.79 -17.43
C HIS B 321 -14.62 3.42 -16.13
N PRO B 322 -14.55 2.65 -15.02
CA PRO B 322 -15.00 3.23 -13.75
C PRO B 322 -14.11 4.34 -13.26
N ASN B 323 -14.71 5.47 -12.89
CA ASN B 323 -13.98 6.51 -12.20
C ASN B 323 -14.81 7.01 -11.04
N GLN B 324 -14.16 7.28 -9.92
CA GLN B 324 -14.83 7.69 -8.70
C GLN B 324 -15.74 8.88 -8.92
N GLU B 325 -15.31 9.80 -9.77
CA GLU B 325 -16.07 11.02 -10.01
C GLU B 325 -17.46 10.74 -10.57
N ASP B 326 -17.53 10.00 -11.66
CA ASP B 326 -18.81 9.74 -12.33
C ASP B 326 -19.64 8.62 -11.70
N HIS B 327 -18.98 7.54 -11.32
CA HIS B 327 -19.68 6.32 -10.93
C HIS B 327 -19.86 6.05 -9.43
N GLU B 328 -19.36 6.93 -8.57
CA GLU B 328 -19.56 6.72 -7.14
C GLU B 328 -21.00 7.02 -6.78
N THR B 329 -21.35 6.80 -5.51
CA THR B 329 -22.64 7.25 -5.01
C THR B 329 -22.41 8.10 -3.77
N PHE B 330 -22.64 9.41 -3.89
CA PHE B 330 -22.53 10.26 -2.72
C PHE B 330 -23.91 10.68 -2.24
N VAL B 331 -23.93 11.35 -1.10
CA VAL B 331 -25.08 12.09 -0.65
C VAL B 331 -24.59 13.22 0.25
N ASP B 332 -25.20 14.40 0.12
CA ASP B 332 -24.81 15.53 0.94
C ASP B 332 -25.97 15.92 1.85
N ILE B 333 -25.75 15.78 3.16
CA ILE B 333 -26.80 15.98 4.14
C ILE B 333 -26.56 17.23 4.95
N ASN B 334 -27.63 17.86 5.42
CA ASN B 334 -27.47 18.92 6.41
C ASN B 334 -27.30 18.29 7.78
N PRO B 335 -26.11 18.45 8.37
CA PRO B 335 -25.72 17.78 9.61
C PRO B 335 -26.65 18.08 10.77
N LEU B 336 -27.41 19.17 10.68
CA LEU B 336 -28.32 19.54 11.74
C LEU B 336 -29.67 18.86 11.60
N THR B 337 -30.37 19.14 10.50
CA THR B 337 -31.74 18.66 10.33
C THR B 337 -31.84 17.21 9.88
N GLY B 338 -30.83 16.73 9.17
CA GLY B 338 -30.88 15.43 8.55
C GLY B 338 -31.57 15.50 7.19
N ILE B 339 -31.48 16.66 6.55
CA ILE B 339 -32.09 16.88 5.24
C ILE B 339 -31.07 16.65 4.12
N ILE B 340 -31.52 16.00 3.05
CA ILE B 340 -30.69 15.76 1.88
C ILE B 340 -30.74 16.94 0.92
N LEU B 341 -29.56 17.38 0.49
CA LEU B 341 -29.40 18.63 -0.26
C LEU B 341 -28.89 18.37 -1.69
N LYS B 342 -27.70 17.80 -1.78
CA LYS B 342 -27.17 17.31 -3.05
C LYS B 342 -26.91 15.81 -2.93
N ALA B 343 -27.58 15.00 -3.75
CA ALA B 343 -27.39 13.55 -3.70
C ALA B 343 -27.46 12.90 -5.07
N ALA B 344 -26.57 11.94 -5.30
CA ALA B 344 -26.56 11.20 -6.55
C ALA B 344 -26.44 9.70 -6.29
N LYS B 345 -27.47 8.94 -6.68
CA LYS B 345 -27.52 7.51 -6.41
C LYS B 345 -27.32 6.70 -7.69
N ARG B 346 -26.21 5.97 -7.76
CA ARG B 346 -25.84 5.26 -8.98
C ARG B 346 -25.52 3.77 -8.77
N PHE B 347 -26.33 2.91 -9.37
CA PHE B 347 -26.09 1.47 -9.35
C PHE B 347 -26.36 0.84 -10.72
N GLN B 348 -25.78 -0.32 -10.97
CA GLN B 348 -25.87 -0.94 -12.30
C GLN B 348 -26.69 -2.23 -12.26
N ILE B 349 -26.98 -2.77 -13.44
CA ILE B 349 -27.71 -4.03 -13.55
C ILE B 349 -27.06 -4.88 -14.62
N ASN B 350 -26.79 -6.13 -14.25
CA ASN B 350 -26.06 -7.06 -15.09
C ASN B 350 -26.80 -8.40 -15.11
N ILE B 351 -26.53 -9.21 -16.13
CA ILE B 351 -27.07 -10.56 -16.20
C ILE B 351 -25.93 -11.56 -16.20
N TYR B 352 -25.95 -12.50 -15.25
CA TYR B 352 -24.89 -13.50 -15.19
C TYR B 352 -25.05 -14.49 -16.34
N VAL B 353 -24.00 -14.65 -17.13
CA VAL B 353 -24.08 -15.48 -18.32
C VAL B 353 -22.87 -16.39 -18.47
N LYS B 354 -23.12 -17.67 -18.73
CA LYS B 354 -22.07 -18.64 -18.98
C LYS B 354 -22.49 -19.65 -20.05
N LYS B 355 -21.51 -20.27 -20.68
CA LYS B 355 -21.75 -21.25 -21.74
C LYS B 355 -22.62 -22.41 -21.25
N LEU B 356 -23.48 -22.92 -22.12
CA LEU B 356 -24.24 -24.12 -21.83
C LEU B 356 -24.28 -25.03 -23.03
N ASP B 357 -23.88 -26.29 -22.82
CA ASP B 357 -23.81 -27.26 -23.92
C ASP B 357 -25.20 -27.78 -24.25
N ASP B 358 -26.14 -27.60 -23.32
CA ASP B 358 -27.51 -28.02 -23.54
C ASP B 358 -28.26 -27.04 -24.43
N PHE B 359 -27.88 -25.76 -24.36
CA PHE B 359 -28.58 -24.72 -25.10
C PHE B 359 -27.67 -24.13 -26.19
N VAL B 360 -28.06 -24.35 -27.44
CA VAL B 360 -27.26 -23.97 -28.59
C VAL B 360 -27.18 -22.45 -28.81
N GLU B 361 -28.05 -21.72 -28.13
CA GLU B 361 -28.10 -20.26 -28.30
C GLU B 361 -27.03 -19.54 -27.49
N THR B 362 -26.55 -20.17 -26.41
CA THR B 362 -25.54 -19.56 -25.57
C THR B 362 -24.15 -19.68 -26.19
N GLY B 363 -24.00 -20.64 -27.09
CA GLY B 363 -22.77 -20.82 -27.84
C GLY B 363 -21.51 -21.01 -27.01
N ASP B 364 -20.43 -20.37 -27.43
CA ASP B 364 -19.13 -20.47 -26.76
C ASP B 364 -18.85 -19.36 -25.76
N ILE B 365 -19.87 -18.53 -25.51
CA ILE B 365 -19.71 -17.28 -24.76
C ILE B 365 -18.98 -17.44 -23.43
N ARG B 366 -18.12 -16.46 -23.13
CA ARG B 366 -17.33 -16.44 -21.91
C ARG B 366 -18.20 -16.44 -20.67
N THR B 367 -17.70 -17.04 -19.59
CA THR B 367 -18.42 -16.95 -18.33
C THR B 367 -18.10 -15.61 -17.72
N MET B 368 -19.11 -14.77 -17.59
CA MET B 368 -18.87 -13.42 -17.10
C MET B 368 -20.12 -12.77 -16.56
N VAL B 369 -19.93 -11.75 -15.73
CA VAL B 369 -21.03 -10.90 -15.35
C VAL B 369 -21.15 -9.86 -16.45
N PHE B 370 -22.27 -9.89 -17.16
CA PHE B 370 -22.49 -9.08 -18.34
C PHE B 370 -23.39 -7.90 -18.01
N PRO B 371 -22.89 -6.68 -18.20
CA PRO B 371 -23.64 -5.45 -17.95
C PRO B 371 -24.80 -5.25 -18.92
N VAL B 372 -25.96 -4.86 -18.40
CA VAL B 372 -27.02 -4.39 -19.27
C VAL B 372 -27.08 -2.88 -19.23
N MET B 373 -27.34 -2.31 -18.06
CA MET B 373 -27.49 -0.88 -17.95
C MET B 373 -27.31 -0.38 -16.50
N TYR B 374 -27.01 0.90 -16.31
CA TYR B 374 -27.04 1.51 -14.98
C TYR B 374 -27.79 2.84 -15.03
N LEU B 375 -27.95 3.48 -13.87
CA LEU B 375 -28.69 4.73 -13.77
C LEU B 375 -28.16 5.68 -12.68
N ASN B 376 -28.48 6.97 -12.81
CA ASN B 376 -28.22 7.96 -11.79
C ASN B 376 -29.52 8.51 -11.25
N GLU B 377 -29.86 8.19 -10.00
CA GLU B 377 -31.00 8.82 -9.34
C GLU B 377 -30.40 9.98 -8.56
N SER B 378 -30.62 11.18 -9.06
CA SER B 378 -29.95 12.36 -8.54
C SER B 378 -30.92 13.23 -7.75
N VAL B 379 -30.40 14.37 -7.28
CA VAL B 379 -31.23 15.48 -6.80
C VAL B 379 -30.34 16.66 -6.44
N HIS B 380 -30.94 17.84 -6.46
CA HIS B 380 -30.24 19.10 -6.30
C HIS B 380 -31.25 20.04 -5.68
N ILE B 381 -30.81 20.90 -4.77
CA ILE B 381 -31.75 21.81 -4.14
C ILE B 381 -31.60 23.19 -4.79
N ASP B 382 -32.74 23.80 -5.13
CA ASP B 382 -32.72 25.06 -5.86
C ASP B 382 -32.56 26.26 -4.91
N LYS B 383 -32.50 27.44 -5.49
CA LYS B 383 -32.28 28.66 -4.73
C LYS B 383 -33.45 29.00 -3.82
N GLU B 384 -34.66 28.87 -4.36
CA GLU B 384 -35.88 29.23 -3.67
C GLU B 384 -35.99 28.58 -2.29
N THR B 385 -35.76 27.27 -2.24
CA THR B 385 -35.93 26.52 -1.00
C THR B 385 -34.65 26.46 -0.17
N ALA B 386 -33.56 27.01 -0.69
CA ALA B 386 -32.31 27.09 0.06
C ALA B 386 -32.45 28.12 1.17
N SER B 387 -32.95 29.30 0.80
CA SER B 387 -33.20 30.38 1.76
C SER B 387 -34.22 29.94 2.81
N ARG B 388 -35.27 29.26 2.35
CA ARG B 388 -36.32 28.77 3.23
C ARG B 388 -35.77 27.86 4.32
N LEU B 389 -34.75 27.10 3.97
CA LEU B 389 -34.07 26.23 4.92
C LEU B 389 -33.08 27.02 5.76
N LYS B 390 -32.44 28.02 5.14
CA LYS B 390 -31.54 28.91 5.84
C LYS B 390 -32.34 29.71 6.87
N SER B 391 -33.57 30.06 6.51
CA SER B 391 -34.51 30.69 7.42
C SER B 391 -34.76 29.80 8.63
N MET B 392 -35.41 28.66 8.39
CA MET B 392 -35.82 27.72 9.43
C MET B 392 -34.66 27.30 10.35
N ILE B 393 -33.45 27.33 9.82
CA ILE B 393 -32.27 27.02 10.61
C ILE B 393 -31.68 28.29 11.21
N ILE C 1 60.78 22.99 7.99
CA ILE C 1 59.38 23.39 7.92
C ILE C 1 58.46 22.24 8.31
N GLU C 2 57.16 22.43 8.09
CA GLU C 2 56.16 21.41 8.38
C GLU C 2 55.97 20.49 7.18
N LYS C 3 56.81 20.70 6.17
CA LYS C 3 56.78 19.91 4.95
C LYS C 3 57.53 18.61 5.16
N LYS C 4 57.96 18.39 6.40
CA LYS C 4 58.61 17.16 6.81
C LYS C 4 57.70 15.93 6.62
N ILE C 5 56.41 16.17 6.37
CA ILE C 5 55.47 15.07 6.16
C ILE C 5 55.11 14.85 4.69
N VAL C 6 55.66 13.78 4.14
CA VAL C 6 55.37 13.29 2.79
C VAL C 6 55.67 11.81 2.80
N LEU C 7 55.22 11.08 1.79
CA LEU C 7 55.62 9.67 1.70
C LEU C 7 56.89 9.58 0.86
N ARG C 8 57.99 9.28 1.53
CA ARG C 8 59.29 9.11 0.90
C ARG C 8 60.06 8.11 1.75
N ASN C 9 60.87 7.27 1.12
CA ASN C 9 61.44 6.10 1.78
C ASN C 9 62.30 6.46 2.99
N GLY C 10 62.01 5.81 4.12
CA GLY C 10 62.79 5.96 5.33
C GLY C 10 62.35 7.08 6.26
N THR C 11 61.66 8.07 5.72
CA THR C 11 61.24 9.23 6.50
C THR C 11 60.30 8.84 7.62
N GLU C 12 60.41 9.53 8.75
CA GLU C 12 59.56 9.26 9.92
C GLU C 12 58.07 9.33 9.55
N ALA C 13 57.73 10.27 8.68
CA ALA C 13 56.37 10.41 8.17
C ALA C 13 55.89 9.13 7.48
N PHE C 14 56.50 8.83 6.34
CA PHE C 14 56.17 7.63 5.59
C PHE C 14 56.35 6.36 6.41
N ASP C 15 57.34 6.38 7.30
CA ASP C 15 57.77 5.20 8.05
C ASP C 15 56.62 4.44 8.68
N SER C 16 55.76 5.15 9.39
CA SER C 16 54.68 4.51 10.14
C SER C 16 53.39 4.44 9.34
N TRP C 17 53.38 5.03 8.15
CA TRP C 17 52.28 4.85 7.22
C TRP C 17 52.30 3.39 6.73
N GLU C 18 53.46 2.75 6.92
CA GLU C 18 53.62 1.33 6.65
C GLU C 18 53.10 0.51 7.83
N LYS C 19 53.81 0.54 8.95
CA LYS C 19 53.28 -0.06 10.18
C LYS C 19 53.03 1.01 11.23
N PRO C 20 51.74 1.34 11.44
CA PRO C 20 51.33 2.36 12.41
C PRO C 20 51.55 1.94 13.86
N PRO C 21 51.88 2.91 14.73
CA PRO C 21 52.18 2.75 16.17
C PRO C 21 50.97 2.46 17.06
N LEU C 22 49.77 2.71 16.52
CA LEU C 22 48.59 2.84 17.35
C LEU C 22 47.75 1.57 17.54
N PRO C 23 47.51 1.19 18.81
CA PRO C 23 46.65 0.07 19.18
C PRO C 23 45.17 0.39 18.93
N VAL C 24 44.74 0.22 17.69
CA VAL C 24 43.36 0.49 17.29
C VAL C 24 42.41 -0.63 17.76
N TYR C 25 41.25 -0.25 18.27
CA TYR C 25 40.29 -1.23 18.79
C TYR C 25 38.92 -1.20 18.10
N THR C 26 38.51 -2.37 17.61
CA THR C 26 37.19 -2.56 17.01
C THR C 26 36.28 -3.32 17.98
N GLN C 27 35.12 -2.74 18.27
CA GLN C 27 34.18 -3.35 19.21
C GLN C 27 32.84 -3.62 18.57
N PHE C 28 32.34 -4.83 18.76
CA PHE C 28 31.08 -5.22 18.14
C PHE C 28 29.93 -5.23 19.13
N TYR C 29 28.78 -4.75 18.67
CA TYR C 29 27.57 -4.72 19.48
C TYR C 29 26.42 -5.27 18.66
N PHE C 30 25.76 -6.30 19.18
CA PHE C 30 24.69 -6.96 18.45
C PHE C 30 23.32 -6.69 19.05
N PHE C 31 22.30 -6.72 18.20
CA PHE C 31 20.93 -6.54 18.66
C PHE C 31 20.20 -7.86 18.71
N ASN C 32 19.96 -8.31 19.94
CA ASN C 32 19.32 -9.57 20.20
C ASN C 32 17.82 -9.39 20.12
N VAL C 33 17.16 -10.11 19.21
CA VAL C 33 15.73 -9.94 19.03
C VAL C 33 14.96 -10.77 20.05
N THR C 34 14.25 -10.08 20.93
CA THR C 34 13.60 -10.73 22.07
C THR C 34 12.14 -11.14 21.86
N ASN C 35 11.51 -10.62 20.80
CA ASN C 35 10.14 -11.03 20.50
C ASN C 35 9.98 -11.36 19.02
N PRO C 36 10.71 -12.38 18.54
CA PRO C 36 10.76 -12.69 17.11
C PRO C 36 9.43 -13.16 16.55
N GLU C 37 8.73 -14.00 17.32
CA GLU C 37 7.43 -14.51 16.91
C GLU C 37 6.49 -13.37 16.58
N GLU C 38 6.36 -12.47 17.54
CA GLU C 38 5.43 -11.37 17.45
C GLU C 38 5.82 -10.40 16.35
N ILE C 39 7.11 -10.31 16.09
CA ILE C 39 7.59 -9.51 14.97
C ILE C 39 6.93 -9.99 13.69
N LEU C 40 6.89 -11.31 13.53
CA LEU C 40 6.26 -11.94 12.38
C LEU C 40 4.75 -11.71 12.35
N ARG C 41 4.12 -11.82 13.51
CA ARG C 41 2.67 -11.64 13.63
C ARG C 41 2.27 -10.18 13.45
N GLY C 42 3.26 -9.31 13.31
CA GLY C 42 3.03 -7.92 12.95
C GLY C 42 3.24 -6.84 14.00
N GLU C 43 3.70 -7.22 15.18
CA GLU C 43 3.96 -6.22 16.23
C GLU C 43 5.21 -5.40 15.90
N THR C 44 5.55 -4.45 16.77
CA THR C 44 6.85 -3.76 16.68
C THR C 44 7.96 -4.55 17.35
N PRO C 45 9.11 -4.62 16.69
CA PRO C 45 10.27 -5.37 17.18
C PRO C 45 10.75 -4.85 18.51
N ARG C 46 11.17 -5.75 19.39
CA ARG C 46 11.77 -5.35 20.63
C ARG C 46 13.15 -5.96 20.74
N VAL C 47 14.17 -5.12 20.78
CA VAL C 47 15.54 -5.62 20.82
C VAL C 47 16.24 -5.38 22.14
N GLU C 48 17.17 -6.28 22.45
CA GLU C 48 18.14 -6.07 23.51
C GLU C 48 19.51 -6.00 22.85
N GLU C 49 20.45 -5.34 23.52
CA GLU C 49 21.75 -5.06 22.89
C GLU C 49 22.91 -5.68 23.65
N VAL C 50 23.67 -6.54 22.96
CA VAL C 50 24.77 -7.23 23.60
C VAL C 50 26.12 -6.81 23.01
N GLY C 51 27.03 -6.44 23.91
CA GLY C 51 28.40 -6.07 23.58
C GLY C 51 29.05 -5.56 24.84
N PRO C 52 30.28 -5.04 24.73
CA PRO C 52 31.08 -5.09 23.50
C PRO C 52 31.77 -6.42 23.32
N TYR C 53 32.02 -6.79 22.07
CA TYR C 53 32.97 -7.84 21.79
C TYR C 53 34.16 -7.15 21.12
N THR C 54 35.24 -7.04 21.87
CA THR C 54 36.36 -6.20 21.49
C THR C 54 37.50 -6.99 20.87
N TYR C 55 37.86 -6.61 19.64
CA TYR C 55 39.04 -7.16 19.00
C TYR C 55 40.08 -6.05 18.88
N ARG C 56 41.36 -6.43 18.96
CA ARG C 56 42.45 -5.50 18.69
C ARG C 56 42.97 -5.71 17.27
N GLU C 57 43.27 -4.62 16.58
CA GLU C 57 43.63 -4.70 15.17
C GLU C 57 45.14 -4.76 14.90
N LEU C 58 45.50 -5.54 13.90
CA LEU C 58 46.87 -5.59 13.39
C LEU C 58 46.90 -5.02 11.98
N ARG C 59 47.54 -3.87 11.82
CA ARG C 59 47.52 -3.20 10.53
C ARG C 59 48.91 -3.13 9.89
N ASN C 60 49.04 -3.71 8.71
CA ASN C 60 50.25 -3.55 7.90
C ASN C 60 49.87 -3.31 6.44
N LYS C 61 50.35 -2.22 5.85
CA LYS C 61 50.00 -1.92 4.46
C LYS C 61 51.13 -2.27 3.50
N ALA C 62 50.94 -3.33 2.73
CA ALA C 62 52.00 -3.91 1.90
C ALA C 62 51.68 -3.88 0.40
N ASN C 63 52.55 -4.53 -0.37
CA ASN C 63 52.52 -4.51 -1.83
C ASN C 63 52.77 -3.10 -2.38
N ILE C 64 53.85 -2.47 -1.93
CA ILE C 64 54.18 -1.09 -2.32
C ILE C 64 55.14 -0.97 -3.49
N GLN C 65 54.73 -0.20 -4.49
CA GLN C 65 55.60 0.23 -5.57
C GLN C 65 55.34 1.70 -5.88
N PHE C 66 56.39 2.53 -5.85
CA PHE C 66 56.24 3.94 -6.15
C PHE C 66 56.05 4.18 -7.65
N GLY C 67 55.92 5.44 -8.05
CA GLY C 67 55.71 5.77 -9.44
C GLY C 67 55.73 7.25 -9.76
N ASP C 68 55.59 7.57 -11.05
CA ASP C 68 55.55 8.94 -11.57
C ASP C 68 56.58 9.89 -10.96
N ASN C 69 57.86 9.56 -11.12
CA ASN C 69 58.95 10.36 -10.57
C ASN C 69 58.71 10.77 -9.12
N GLY C 70 58.11 9.87 -8.35
CA GLY C 70 57.94 10.07 -6.91
C GLY C 70 56.69 10.78 -6.40
N THR C 71 55.72 11.07 -7.25
CA THR C 71 54.51 11.74 -6.78
C THR C 71 53.33 10.82 -6.41
N THR C 72 53.42 9.54 -6.76
CA THR C 72 52.35 8.59 -6.40
C THR C 72 52.91 7.34 -5.74
N ILE C 73 52.03 6.60 -5.06
CA ILE C 73 52.38 5.35 -4.39
C ILE C 73 51.19 4.40 -4.37
N SER C 74 51.44 3.11 -4.53
CA SER C 74 50.36 2.12 -4.51
C SER C 74 50.57 1.06 -3.43
N ALA C 75 49.48 0.63 -2.80
CA ALA C 75 49.51 -0.40 -1.77
C ALA C 75 48.13 -0.94 -1.44
N VAL C 76 48.08 -1.88 -0.49
CA VAL C 76 46.81 -2.32 0.07
C VAL C 76 46.85 -2.12 1.59
N SER C 77 45.76 -1.61 2.15
CA SER C 77 45.66 -1.55 3.59
C SER C 77 45.25 -2.95 4.04
N ASN C 78 46.11 -3.61 4.82
CA ASN C 78 45.79 -4.96 5.30
C ASN C 78 45.44 -4.96 6.79
N LYS C 79 44.44 -5.74 7.15
CA LYS C 79 43.83 -5.66 8.47
C LYS C 79 43.45 -7.03 9.01
N ALA C 80 43.72 -7.23 10.31
CA ALA C 80 43.40 -8.48 11.00
C ALA C 80 42.85 -8.21 12.39
N TYR C 81 42.28 -9.23 13.04
CA TYR C 81 41.61 -9.02 14.32
C TYR C 81 41.97 -10.03 15.40
N VAL C 82 42.33 -9.53 16.58
CA VAL C 82 42.71 -10.38 17.70
C VAL C 82 41.72 -10.22 18.86
N PHE C 83 41.05 -11.30 19.25
CA PHE C 83 40.05 -11.20 20.31
C PHE C 83 40.65 -11.13 21.72
N GLU C 84 40.20 -10.13 22.48
CA GLU C 84 40.59 -9.98 23.88
C GLU C 84 39.42 -10.33 24.81
N ARG C 85 39.56 -11.44 25.52
CA ARG C 85 38.51 -11.97 26.40
C ARG C 85 38.29 -11.09 27.64
N ASP C 86 39.31 -10.33 28.03
CA ASP C 86 39.19 -9.48 29.22
C ASP C 86 38.34 -8.23 28.93
N GLN C 87 38.61 -7.58 27.80
CA GLN C 87 38.03 -6.29 27.50
C GLN C 87 36.71 -6.43 26.75
N SER C 88 36.22 -7.66 26.65
CA SER C 88 34.92 -7.92 26.05
C SER C 88 33.94 -8.50 27.08
N VAL C 89 32.64 -8.37 26.82
CA VAL C 89 31.62 -8.73 27.79
C VAL C 89 31.52 -10.24 28.03
N GLY C 90 31.79 -11.03 27.00
CA GLY C 90 31.64 -12.48 27.08
C GLY C 90 32.42 -13.12 25.96
N ASP C 91 32.22 -14.41 25.75
CA ASP C 91 32.97 -15.13 24.73
C ASP C 91 32.18 -15.28 23.44
N PRO C 92 32.70 -14.71 22.35
CA PRO C 92 32.08 -14.68 21.02
C PRO C 92 31.72 -16.07 20.51
N LYS C 93 32.47 -17.06 20.96
CA LYS C 93 32.20 -18.43 20.56
C LYS C 93 31.07 -19.04 21.40
N ILE C 94 30.98 -18.68 22.68
CA ILE C 94 29.94 -19.23 23.55
C ILE C 94 28.58 -18.55 23.42
N ASP C 95 28.57 -17.22 23.37
CA ASP C 95 27.32 -16.44 23.47
C ASP C 95 26.47 -16.44 22.19
N LEU C 96 25.16 -16.44 22.39
CA LEU C 96 24.21 -16.57 21.29
C LEU C 96 23.48 -15.27 20.95
N ILE C 97 23.29 -15.04 19.65
CA ILE C 97 22.49 -13.91 19.18
C ILE C 97 21.43 -14.35 18.18
N ARG C 98 20.17 -14.18 18.57
CA ARG C 98 19.05 -14.47 17.69
C ARG C 98 18.72 -13.23 16.88
N THR C 99 18.64 -13.42 15.58
CA THR C 99 18.53 -12.28 14.69
C THR C 99 18.05 -12.76 13.32
N LEU C 100 17.98 -11.83 12.36
CA LEU C 100 17.55 -12.15 11.01
C LEU C 100 18.44 -13.21 10.40
N ASN C 101 17.86 -14.05 9.56
CA ASN C 101 18.67 -14.98 8.81
C ASN C 101 18.86 -14.33 7.45
N ILE C 102 20.04 -13.75 7.25
CA ILE C 102 20.31 -12.93 6.08
C ILE C 102 20.43 -13.72 4.76
N PRO C 103 21.11 -14.88 4.78
CA PRO C 103 21.15 -15.65 3.53
C PRO C 103 19.78 -15.84 2.89
N VAL C 104 18.75 -16.16 3.66
CA VAL C 104 17.43 -16.34 3.05
C VAL C 104 16.88 -14.98 2.60
N LEU C 105 17.02 -13.96 3.44
CA LEU C 105 16.60 -12.62 3.04
C LEU C 105 17.28 -12.20 1.74
N THR C 106 18.55 -12.54 1.62
CA THR C 106 19.31 -12.24 0.42
C THR C 106 18.80 -13.01 -0.79
N VAL C 107 18.67 -14.34 -0.66
CA VAL C 107 18.26 -15.13 -1.83
C VAL C 107 16.82 -14.83 -2.25
N ILE C 108 16.09 -14.14 -1.37
CA ILE C 108 14.73 -13.72 -1.68
C ILE C 108 14.73 -12.48 -2.58
N GLU C 109 15.59 -11.51 -2.28
CA GLU C 109 15.74 -10.33 -3.13
C GLU C 109 16.52 -10.68 -4.40
N TRP C 110 17.37 -11.69 -4.31
CA TRP C 110 18.13 -12.14 -5.47
C TRP C 110 17.27 -12.90 -6.46
N SER C 111 16.04 -13.21 -6.09
CA SER C 111 15.18 -13.86 -7.06
C SER C 111 14.21 -12.83 -7.62
N GLN C 112 14.54 -12.35 -8.82
CA GLN C 112 13.76 -11.35 -9.53
C GLN C 112 12.94 -11.99 -10.63
N VAL C 113 13.06 -13.31 -10.72
CA VAL C 113 12.41 -14.08 -11.75
C VAL C 113 11.28 -14.90 -11.13
N HIS C 114 10.15 -14.93 -11.83
CA HIS C 114 8.91 -15.54 -11.34
C HIS C 114 9.04 -17.02 -11.05
N PHE C 115 9.79 -17.75 -11.87
CA PHE C 115 10.03 -19.16 -11.62
C PHE C 115 11.07 -19.32 -10.53
N LEU C 116 11.89 -18.29 -10.34
CA LEU C 116 12.89 -18.33 -9.29
C LEU C 116 12.22 -18.08 -7.94
N ARG C 117 11.28 -17.15 -7.90
CA ARG C 117 10.47 -16.98 -6.70
C ARG C 117 9.77 -18.28 -6.37
N GLU C 118 9.13 -18.87 -7.38
CA GLU C 118 8.38 -20.11 -7.22
C GLU C 118 9.28 -21.21 -6.66
N ILE C 119 10.40 -21.44 -7.33
CA ILE C 119 11.32 -22.51 -6.94
C ILE C 119 12.06 -22.21 -5.63
N ILE C 120 12.67 -21.03 -5.52
CA ILE C 120 13.40 -20.67 -4.31
C ILE C 120 12.48 -20.63 -3.08
N GLU C 121 11.17 -20.50 -3.33
CA GLU C 121 10.19 -20.59 -2.26
C GLU C 121 10.02 -22.04 -1.83
N ALA C 122 9.97 -22.94 -2.80
CA ALA C 122 9.81 -24.36 -2.53
C ALA C 122 10.87 -24.86 -1.54
N MET C 123 12.09 -24.34 -1.72
CA MET C 123 13.21 -24.67 -0.87
C MET C 123 12.93 -24.46 0.61
N LEU C 124 12.50 -23.25 0.96
CA LEU C 124 12.34 -22.85 2.35
C LEU C 124 11.24 -23.68 3.04
N LYS C 125 10.18 -23.99 2.30
CA LYS C 125 9.11 -24.83 2.81
C LYS C 125 9.62 -26.22 3.15
N ALA C 126 10.39 -26.80 2.23
CA ALA C 126 10.85 -28.18 2.34
C ALA C 126 12.02 -28.36 3.30
N TYR C 127 12.80 -27.31 3.50
CA TYR C 127 13.96 -27.38 4.38
C TYR C 127 13.66 -26.94 5.81
N GLN C 128 12.43 -26.50 6.04
CA GLN C 128 12.01 -25.93 7.31
C GLN C 128 12.91 -24.76 7.70
N GLN C 129 12.80 -23.68 6.94
CA GLN C 129 13.62 -22.49 7.14
C GLN C 129 12.80 -21.35 7.74
N LYS C 130 13.27 -20.79 8.85
CA LYS C 130 12.54 -19.68 9.48
C LYS C 130 13.20 -18.34 9.14
N LEU C 131 12.56 -17.23 9.56
CA LEU C 131 13.14 -15.91 9.33
C LEU C 131 14.16 -15.50 10.40
N PHE C 132 13.84 -15.76 11.67
CA PHE C 132 14.73 -15.39 12.76
C PHE C 132 15.59 -16.57 13.20
N VAL C 133 16.89 -16.35 13.36
CA VAL C 133 17.81 -17.45 13.67
C VAL C 133 18.85 -17.11 14.76
N THR C 134 19.18 -18.11 15.56
CA THR C 134 20.13 -17.97 16.68
C THR C 134 21.55 -18.45 16.35
N HIS C 135 22.54 -17.58 16.46
CA HIS C 135 23.91 -18.05 16.29
C HIS C 135 24.88 -17.54 17.34
N THR C 136 26.11 -18.03 17.26
CA THR C 136 27.16 -17.60 18.19
C THR C 136 27.84 -16.36 17.62
N VAL C 137 28.20 -15.45 18.52
CA VAL C 137 28.80 -14.17 18.13
C VAL C 137 29.95 -14.37 17.14
N ASP C 138 30.80 -15.34 17.42
CA ASP C 138 31.89 -15.71 16.52
C ASP C 138 31.34 -16.14 15.15
N GLU C 139 30.20 -16.80 15.15
CA GLU C 139 29.67 -17.31 13.88
C GLU C 139 29.17 -16.19 12.98
N LEU C 140 28.32 -15.33 13.52
CA LEU C 140 27.75 -14.24 12.75
C LEU C 140 28.86 -13.34 12.22
N LEU C 141 29.81 -13.05 13.10
CA LEU C 141 30.95 -12.21 12.75
C LEU C 141 31.79 -12.78 11.64
N TRP C 142 32.14 -14.06 11.77
CA TRP C 142 33.20 -14.63 10.94
C TRP C 142 32.70 -15.60 9.87
N GLY C 143 32.09 -16.69 10.29
CA GLY C 143 31.43 -17.53 9.33
C GLY C 143 30.56 -18.60 9.94
N TYR C 144 29.54 -18.99 9.18
CA TYR C 144 28.82 -20.21 9.46
C TYR C 144 28.23 -20.72 8.15
N LYS C 145 28.16 -22.03 8.00
CA LYS C 145 27.64 -22.64 6.78
C LYS C 145 26.13 -22.72 6.85
N ASP C 146 25.46 -22.10 5.89
CA ASP C 146 24.01 -22.10 5.86
C ASP C 146 23.48 -23.22 4.97
N GLU C 147 22.45 -23.90 5.45
CA GLU C 147 21.80 -24.98 4.70
C GLU C 147 21.36 -24.51 3.32
N ILE C 148 20.94 -23.25 3.22
CA ILE C 148 20.43 -22.71 1.97
C ILE C 148 21.56 -22.35 1.01
N LEU C 149 22.58 -21.65 1.49
CA LEU C 149 23.72 -21.31 0.64
C LEU C 149 24.48 -22.57 0.23
N SER C 150 24.45 -23.57 1.10
CA SER C 150 25.10 -24.85 0.86
C SER C 150 24.56 -25.50 -0.41
N LEU C 151 23.25 -25.38 -0.60
CA LEU C 151 22.58 -25.91 -1.78
C LEU C 151 22.95 -25.12 -3.03
N ILE C 152 22.81 -23.80 -2.96
CA ILE C 152 23.03 -22.90 -4.10
C ILE C 152 24.42 -23.10 -4.70
N HIS C 153 25.37 -23.49 -3.87
CA HIS C 153 26.72 -23.83 -4.31
C HIS C 153 26.71 -25.01 -5.28
N VAL C 154 25.95 -26.03 -4.93
CA VAL C 154 25.81 -27.24 -5.74
C VAL C 154 25.18 -26.94 -7.10
N PHE C 155 24.58 -25.76 -7.23
CA PHE C 155 23.95 -25.33 -8.48
C PHE C 155 24.74 -24.23 -9.18
N ARG C 156 24.90 -23.10 -8.48
CA ARG C 156 25.59 -21.93 -9.02
C ARG C 156 26.86 -21.70 -8.19
N PRO C 157 27.93 -22.46 -8.50
CA PRO C 157 29.15 -22.61 -7.69
C PRO C 157 29.87 -21.30 -7.36
N ASP C 158 29.66 -20.26 -8.17
CA ASP C 158 30.29 -18.97 -7.94
C ASP C 158 29.93 -18.42 -6.56
N ILE C 159 28.78 -18.85 -6.03
CA ILE C 159 28.31 -18.44 -4.72
C ILE C 159 28.94 -19.29 -3.60
N SER C 160 29.62 -18.62 -2.70
CA SER C 160 30.25 -19.25 -1.54
C SER C 160 29.19 -19.86 -0.62
N PRO C 161 29.49 -21.04 -0.05
CA PRO C 161 28.57 -21.72 0.87
C PRO C 161 28.43 -21.01 2.22
N TYR C 162 29.54 -20.49 2.71
CA TYR C 162 29.57 -19.87 4.03
C TYR C 162 28.99 -18.46 4.03
N PHE C 163 28.56 -18.02 5.21
CA PHE C 163 28.17 -16.63 5.40
C PHE C 163 28.65 -16.11 6.74
N GLY C 164 29.15 -14.89 6.75
CA GLY C 164 29.46 -14.19 7.98
C GLY C 164 29.50 -12.70 7.70
N LEU C 165 29.23 -11.88 8.72
CA LEU C 165 29.18 -10.44 8.54
C LEU C 165 30.49 -9.95 7.96
N PHE C 166 31.58 -10.46 8.51
CA PHE C 166 32.87 -10.38 7.82
C PHE C 166 33.32 -11.80 7.50
N TYR C 167 33.22 -12.20 6.24
CA TYR C 167 33.69 -13.52 5.86
C TYR C 167 34.94 -13.39 4.99
N GLU C 168 35.97 -14.16 5.35
CA GLU C 168 37.25 -14.16 4.66
C GLU C 168 37.92 -12.78 4.68
N LYS C 169 37.55 -11.94 5.64
CA LYS C 169 38.14 -10.61 5.78
C LYS C 169 39.20 -10.48 6.88
N ASN C 170 39.54 -11.57 7.55
CA ASN C 170 40.56 -11.45 8.59
C ASN C 170 41.94 -11.73 8.03
N GLY C 171 42.75 -10.68 7.94
CA GLY C 171 44.07 -10.78 7.33
C GLY C 171 44.15 -10.29 5.89
N THR C 172 43.02 -9.88 5.31
CA THR C 172 42.99 -9.40 3.94
C THR C 172 42.83 -7.89 3.86
N ASN C 173 42.76 -7.36 2.64
CA ASN C 173 42.59 -5.92 2.44
C ASN C 173 41.20 -5.50 2.00
N ASP C 174 41.02 -4.19 1.92
CA ASP C 174 39.80 -3.56 1.42
C ASP C 174 39.96 -3.26 -0.08
N GLY C 175 41.01 -3.82 -0.66
CA GLY C 175 41.36 -3.58 -2.05
C GLY C 175 42.64 -2.80 -2.25
N ASP C 176 43.05 -2.66 -3.52
CA ASP C 176 44.32 -2.01 -3.86
C ASP C 176 44.19 -0.52 -4.13
N TYR C 177 44.99 0.30 -3.47
CA TYR C 177 44.89 1.74 -3.69
C TYR C 177 46.12 2.33 -4.37
N VAL C 178 46.01 3.62 -4.70
CA VAL C 178 47.14 4.43 -5.07
C VAL C 178 46.99 5.82 -4.44
N PHE C 179 47.89 6.21 -3.56
CA PHE C 179 47.77 7.47 -2.83
C PHE C 179 48.72 8.52 -3.41
N LEU C 180 48.31 9.79 -3.42
CA LEU C 180 49.21 10.85 -3.86
C LEU C 180 50.10 11.28 -2.73
N THR C 181 51.40 11.09 -2.90
CA THR C 181 52.32 11.49 -1.88
C THR C 181 52.40 13.01 -1.82
N GLY C 182 52.88 13.51 -0.69
CA GLY C 182 52.82 14.93 -0.39
C GLY C 182 53.85 15.77 -1.11
N GLU C 183 54.47 15.21 -2.15
CA GLU C 183 55.48 15.94 -2.90
C GLU C 183 54.88 17.08 -3.72
N ASP C 184 53.86 16.76 -4.52
CA ASP C 184 53.25 17.74 -5.44
C ASP C 184 52.65 18.92 -4.67
N SER C 185 52.30 18.66 -3.42
CA SER C 185 51.76 19.66 -2.50
C SER C 185 51.57 19.00 -1.15
N TYR C 186 51.48 19.80 -0.11
CA TYR C 186 51.29 19.24 1.23
C TYR C 186 49.81 18.95 1.45
N LEU C 187 48.99 19.49 0.55
CA LEU C 187 47.55 19.33 0.62
C LEU C 187 47.09 17.94 0.19
N ASN C 188 47.73 17.39 -0.83
CA ASN C 188 47.29 16.11 -1.40
C ASN C 188 47.92 14.91 -0.71
N PHE C 189 48.63 15.13 0.39
CA PHE C 189 49.21 14.04 1.18
C PHE C 189 48.17 12.98 1.54
N THR C 190 48.54 11.72 1.28
CA THR C 190 47.73 10.51 1.50
C THR C 190 46.28 10.67 1.03
N LYS C 191 46.09 11.46 -0.03
CA LYS C 191 44.81 11.56 -0.72
C LYS C 191 44.67 10.37 -1.66
N ILE C 192 43.44 10.00 -1.98
CA ILE C 192 43.20 8.84 -2.83
C ILE C 192 42.80 9.26 -4.24
N VAL C 193 43.29 8.55 -5.26
CA VAL C 193 42.91 8.87 -6.62
C VAL C 193 42.44 7.60 -7.36
N GLU C 194 43.29 6.58 -7.48
CA GLU C 194 42.85 5.33 -8.12
C GLU C 194 42.61 4.24 -7.09
N TRP C 195 41.39 3.69 -7.09
CA TRP C 195 41.04 2.53 -6.28
C TRP C 195 40.62 1.41 -7.23
N ASN C 196 41.40 0.33 -7.25
CA ASN C 196 41.27 -0.72 -8.26
C ASN C 196 41.30 -0.14 -9.66
N GLY C 197 42.11 0.92 -9.82
CA GLY C 197 42.21 1.60 -11.10
C GLY C 197 41.01 2.47 -11.40
N LYS C 198 39.96 2.35 -10.58
CA LYS C 198 38.78 3.17 -10.78
C LYS C 198 39.06 4.55 -10.22
N THR C 199 39.00 5.56 -11.08
CA THR C 199 39.26 6.94 -10.67
C THR C 199 37.94 7.64 -10.34
N SER C 200 36.86 6.88 -10.43
CA SER C 200 35.56 7.31 -9.92
C SER C 200 34.77 6.05 -9.58
N LEU C 201 33.74 6.17 -8.75
CA LEU C 201 32.92 5.00 -8.46
C LEU C 201 31.90 4.78 -9.57
N ASP C 202 31.58 3.51 -9.82
CA ASP C 202 30.67 3.14 -10.90
C ASP C 202 29.19 3.23 -10.56
N TRP C 203 28.83 2.94 -9.30
CA TRP C 203 27.46 2.52 -9.01
C TRP C 203 26.43 3.53 -8.48
N TRP C 204 26.82 4.78 -8.27
CA TRP C 204 25.80 5.75 -7.88
C TRP C 204 25.26 6.42 -9.13
N ILE C 205 24.33 7.36 -8.97
CA ILE C 205 23.68 7.98 -10.12
C ILE C 205 24.45 9.19 -10.62
N THR C 206 24.54 10.25 -9.82
CA THR C 206 25.25 11.46 -10.22
C THR C 206 26.77 11.30 -10.10
N ASP C 207 27.48 12.08 -10.90
CA ASP C 207 28.94 12.07 -10.90
C ASP C 207 29.50 12.54 -9.56
N LYS C 208 28.81 13.51 -8.96
CA LYS C 208 29.19 14.03 -7.65
C LYS C 208 29.26 12.89 -6.65
N CYS C 209 28.17 12.16 -6.55
CA CYS C 209 28.03 11.01 -5.67
C CYS C 209 29.10 9.94 -5.95
N ASN C 210 29.28 9.63 -7.22
CA ASN C 210 30.22 8.60 -7.65
C ASN C 210 31.68 8.97 -7.39
N MET C 211 31.94 10.25 -7.15
CA MET C 211 33.32 10.71 -7.05
C MET C 211 34.03 10.20 -5.80
N ILE C 212 35.36 10.10 -5.88
CA ILE C 212 36.18 9.73 -4.74
C ILE C 212 36.98 10.92 -4.22
N ASN C 213 36.63 11.42 -3.04
CA ASN C 213 37.38 12.44 -2.35
C ASN C 213 38.12 11.97 -1.11
N GLY C 214 39.22 12.64 -0.80
CA GLY C 214 39.81 12.63 0.53
C GLY C 214 40.66 11.42 0.83
N THR C 215 41.11 11.36 2.06
CA THR C 215 42.05 10.34 2.48
C THR C 215 41.36 9.01 2.76
N ASP C 216 42.16 8.01 3.08
CA ASP C 216 41.62 6.69 3.42
C ASP C 216 40.93 6.78 4.77
N GLY C 217 41.29 7.80 5.54
CA GLY C 217 40.64 8.10 6.80
C GLY C 217 41.44 7.85 8.08
N ASP C 218 42.65 7.35 7.95
CA ASP C 218 43.53 7.22 9.10
C ASP C 218 44.53 8.38 9.22
N SER C 219 44.37 9.40 8.39
CA SER C 219 45.32 10.52 8.38
C SER C 219 44.86 11.67 7.49
N PHE C 220 45.47 12.82 7.70
CA PHE C 220 45.14 14.03 6.94
C PHE C 220 46.38 14.87 6.68
N HIS C 221 46.26 15.80 5.74
CA HIS C 221 47.33 16.72 5.42
C HIS C 221 47.66 17.63 6.59
N PRO C 222 48.88 18.18 6.61
CA PRO C 222 49.22 19.16 7.64
C PRO C 222 48.42 20.46 7.53
N LEU C 223 48.46 21.27 8.58
CA LEU C 223 47.79 22.56 8.64
C LEU C 223 46.27 22.46 8.53
N ILE C 224 45.68 21.43 9.15
CA ILE C 224 44.23 21.35 9.21
C ILE C 224 43.74 22.57 9.97
N THR C 225 42.85 23.35 9.35
CA THR C 225 42.39 24.60 9.95
C THR C 225 40.89 24.60 10.18
N LYS C 226 40.47 25.34 11.20
CA LYS C 226 39.09 25.29 11.71
C LYS C 226 38.02 25.42 10.63
N ASP C 227 38.21 26.33 9.69
CA ASP C 227 37.20 26.54 8.65
C ASP C 227 37.06 25.33 7.74
N GLU C 228 38.19 24.87 7.19
CA GLU C 228 38.17 23.90 6.10
C GLU C 228 37.58 22.56 6.51
N VAL C 229 37.06 21.85 5.52
CA VAL C 229 36.31 20.63 5.75
C VAL C 229 37.01 19.45 5.06
N LEU C 230 37.04 18.31 5.75
CA LEU C 230 37.85 17.17 5.34
C LEU C 230 37.08 16.06 4.66
N TYR C 231 37.63 15.53 3.58
CA TYR C 231 37.02 14.40 2.88
C TYR C 231 37.68 13.09 3.25
N VAL C 232 36.87 12.03 3.30
CA VAL C 232 37.33 10.70 3.66
C VAL C 232 36.60 9.65 2.82
N PHE C 233 37.30 8.58 2.46
CA PHE C 233 36.68 7.49 1.71
C PHE C 233 36.83 6.15 2.43
N PRO C 234 35.95 5.87 3.39
CA PRO C 234 35.95 4.54 4.00
C PRO C 234 35.39 3.51 3.02
N SER C 235 36.04 2.38 2.83
CA SER C 235 35.59 1.43 1.83
C SER C 235 34.29 0.73 2.25
N ASP C 236 34.26 0.15 3.45
CA ASP C 236 33.13 -0.66 3.89
C ASP C 236 31.81 0.13 3.93
N PHE C 237 31.91 1.46 3.92
CA PHE C 237 30.72 2.30 3.98
C PHE C 237 30.18 2.67 2.61
N CYS C 238 30.95 2.34 1.56
CA CYS C 238 30.50 2.40 0.16
C CYS C 238 30.38 3.79 -0.49
N ARG C 239 30.63 4.87 0.24
CA ARG C 239 30.63 6.21 -0.37
C ARG C 239 31.71 7.15 0.20
N SER C 240 32.05 8.19 -0.55
CA SER C 240 32.97 9.24 -0.08
C SER C 240 32.27 10.21 0.86
N VAL C 241 32.82 10.36 2.06
CA VAL C 241 32.17 11.09 3.14
C VAL C 241 33.06 12.24 3.62
N TYR C 242 32.47 13.26 4.24
CA TYR C 242 33.28 14.34 4.80
C TYR C 242 32.89 14.69 6.23
N ILE C 243 33.85 15.26 6.96
CA ILE C 243 33.67 15.67 8.35
C ILE C 243 33.82 17.18 8.48
N THR C 244 33.25 17.74 9.54
CA THR C 244 33.32 19.17 9.78
C THR C 244 33.99 19.47 11.11
N PHE C 245 34.46 20.71 11.26
CA PHE C 245 35.13 21.15 12.48
C PHE C 245 34.14 21.46 13.58
N SER C 246 34.46 21.02 14.79
CA SER C 246 33.59 21.25 15.94
C SER C 246 34.20 22.23 16.94
N ASP C 247 35.29 21.83 17.58
CA ASP C 247 35.93 22.69 18.58
C ASP C 247 37.38 22.31 18.86
N TYR C 248 38.01 23.09 19.74
CA TYR C 248 39.39 22.86 20.12
C TYR C 248 39.42 21.97 21.35
N GLU C 249 40.25 20.94 21.31
CA GLU C 249 40.38 20.03 22.44
C GLU C 249 41.83 19.75 22.72
N SER C 250 42.12 19.32 23.95
CA SER C 250 43.43 18.77 24.24
C SER C 250 43.27 17.28 24.53
N VAL C 251 44.01 16.48 23.77
CA VAL C 251 43.97 15.04 23.94
C VAL C 251 45.37 14.54 24.27
N GLN C 252 45.49 13.81 25.37
CA GLN C 252 46.78 13.55 25.99
C GLN C 252 47.49 14.87 26.22
N GLY C 253 48.64 15.09 25.59
CA GLY C 253 49.37 16.32 25.76
C GLY C 253 49.03 17.45 24.81
N LEU C 254 48.54 17.09 23.63
CA LEU C 254 48.52 17.96 22.44
C LEU C 254 47.28 18.85 22.20
N PRO C 255 47.42 19.88 21.35
CA PRO C 255 46.19 20.56 20.92
C PRO C 255 45.44 19.71 19.89
N ALA C 256 44.12 19.75 19.88
CA ALA C 256 43.38 18.91 18.95
C ALA C 256 42.17 19.59 18.33
N PHE C 257 41.83 19.14 17.13
CA PHE C 257 40.64 19.60 16.42
C PHE C 257 39.55 18.54 16.43
N ARG C 258 38.47 18.81 17.14
CA ARG C 258 37.33 17.90 17.19
C ARG C 258 36.56 17.98 15.88
N TYR C 259 36.42 16.84 15.22
CA TYR C 259 35.71 16.77 13.95
C TYR C 259 34.63 15.70 13.97
N LYS C 260 33.37 16.12 13.94
CA LYS C 260 32.26 15.18 13.96
C LYS C 260 31.80 14.92 12.53
N VAL C 261 30.84 14.02 12.37
CA VAL C 261 30.24 13.77 11.07
C VAL C 261 28.88 14.47 11.00
N PRO C 262 28.78 15.53 10.17
CA PRO C 262 27.65 16.46 10.10
C PRO C 262 26.38 15.82 9.54
N ALA C 263 25.23 16.42 9.81
CA ALA C 263 23.95 15.83 9.43
C ALA C 263 23.72 15.79 7.92
N GLU C 264 24.23 16.81 7.23
CA GLU C 264 23.97 16.99 5.80
C GLU C 264 24.54 15.85 4.95
N ILE C 265 25.29 14.95 5.58
CA ILE C 265 25.89 13.81 4.90
C ILE C 265 24.83 12.73 4.62
N LEU C 266 24.03 12.40 5.63
CA LEU C 266 23.03 11.32 5.54
C LEU C 266 21.54 11.68 5.34
N ALA C 267 21.21 12.96 5.17
CA ALA C 267 19.81 13.35 5.05
C ALA C 267 19.25 13.30 3.63
N ASN C 268 17.99 13.69 3.48
CA ASN C 268 17.35 13.80 2.18
C ASN C 268 17.50 15.24 1.67
N THR C 269 18.34 15.41 0.64
CA THR C 269 18.70 16.73 0.11
C THR C 269 19.08 16.64 -1.36
N SER C 270 19.03 17.78 -2.05
CA SER C 270 19.36 17.84 -3.47
C SER C 270 20.81 17.48 -3.75
N ASP C 271 21.66 17.64 -2.74
CA ASP C 271 23.09 17.32 -2.87
C ASP C 271 23.34 15.81 -2.76
N ASN C 272 22.66 15.15 -1.84
CA ASN C 272 22.84 13.72 -1.59
C ASN C 272 22.01 12.86 -2.53
N ALA C 273 21.29 13.50 -3.43
CA ALA C 273 20.22 12.87 -4.22
C ALA C 273 20.60 11.56 -4.92
N GLY C 274 21.78 11.53 -5.53
CA GLY C 274 22.16 10.42 -6.39
C GLY C 274 22.47 9.11 -5.69
N PHE C 275 22.21 9.05 -4.38
CA PHE C 275 22.44 7.84 -3.62
C PHE C 275 21.19 6.97 -3.52
N CYS C 276 20.09 7.48 -4.05
CA CYS C 276 18.88 6.69 -4.14
C CYS C 276 18.84 5.99 -5.49
N ILE C 277 19.01 4.68 -5.48
CA ILE C 277 18.90 3.87 -6.68
C ILE C 277 17.50 3.93 -7.31
N PRO C 278 16.43 4.01 -6.50
CA PRO C 278 15.18 4.14 -7.27
C PRO C 278 15.03 5.52 -7.93
N GLU C 279 16.04 5.93 -8.69
CA GLU C 279 16.00 7.13 -9.52
C GLU C 279 15.43 8.36 -8.83
N GLY C 280 15.86 8.60 -7.59
CA GLY C 280 15.38 9.74 -6.83
C GLY C 280 14.34 9.43 -5.77
N ASN C 281 14.17 8.17 -5.43
CA ASN C 281 13.32 7.81 -4.29
C ASN C 281 14.16 7.42 -3.08
N CYS C 282 14.15 8.29 -2.07
CA CYS C 282 15.02 8.13 -0.91
C CYS C 282 14.33 7.38 0.22
N LEU C 283 15.11 6.62 0.97
CA LEU C 283 14.57 5.85 2.08
C LEU C 283 14.23 6.74 3.26
N GLY C 284 15.11 7.70 3.54
CA GLY C 284 14.89 8.65 4.60
C GLY C 284 16.19 9.30 5.05
N SER C 285 16.07 10.31 5.90
CA SER C 285 17.26 10.95 6.46
C SER C 285 17.93 9.99 7.42
N GLY C 286 19.23 9.76 7.24
CA GLY C 286 20.04 9.05 8.21
C GLY C 286 20.33 7.58 7.95
N VAL C 287 20.00 7.10 6.76
CA VAL C 287 20.28 5.71 6.39
C VAL C 287 20.82 5.65 4.97
N LEU C 288 21.41 4.52 4.59
CA LEU C 288 21.98 4.39 3.25
C LEU C 288 21.58 3.07 2.60
N ASN C 289 21.35 3.06 1.29
CA ASN C 289 21.11 1.81 0.61
C ASN C 289 22.40 1.37 -0.05
N VAL C 290 23.04 0.39 0.58
CA VAL C 290 24.34 -0.11 0.18
C VAL C 290 24.20 -1.38 -0.63
N SER C 291 22.96 -1.75 -0.90
CA SER C 291 22.64 -3.02 -1.54
C SER C 291 23.34 -3.23 -2.88
N ILE C 292 23.87 -2.16 -3.48
CA ILE C 292 24.61 -2.32 -4.72
C ILE C 292 25.95 -2.96 -4.47
N CYS C 293 26.72 -2.34 -3.56
CA CYS C 293 28.12 -2.70 -3.36
C CYS C 293 28.29 -3.82 -2.36
N LYS C 294 27.17 -4.28 -1.80
CA LYS C 294 27.14 -5.40 -0.88
C LYS C 294 26.82 -6.73 -1.58
N ASN C 295 26.86 -6.73 -2.92
CA ASN C 295 26.59 -7.87 -3.81
C ASN C 295 25.12 -8.00 -4.23
N GLY C 296 24.27 -7.10 -3.74
CA GLY C 296 22.86 -7.12 -4.12
C GLY C 296 21.97 -7.58 -2.98
N ALA C 297 22.58 -7.87 -1.84
CA ALA C 297 21.84 -8.18 -0.63
C ALA C 297 21.14 -6.92 -0.12
N PRO C 298 20.01 -7.08 0.59
CA PRO C 298 19.26 -5.94 1.09
C PRO C 298 19.88 -5.28 2.33
N ILE C 299 21.00 -4.58 2.16
CA ILE C 299 21.75 -4.01 3.29
C ILE C 299 21.56 -2.50 3.44
N ILE C 300 21.39 -2.06 4.68
CA ILE C 300 21.24 -0.64 5.00
C ILE C 300 22.25 -0.17 6.03
N MET C 301 23.20 0.67 5.62
CA MET C 301 24.11 1.29 6.59
C MET C 301 23.40 2.44 7.29
N SER C 302 23.78 2.67 8.53
CA SER C 302 23.18 3.73 9.33
C SER C 302 24.07 4.02 10.51
N PHE C 303 23.69 5.02 11.30
CA PHE C 303 24.47 5.35 12.48
C PHE C 303 23.91 4.59 13.68
N PRO C 304 24.77 4.30 14.65
CA PRO C 304 24.38 3.50 15.82
C PRO C 304 23.12 4.01 16.46
N HIS C 305 22.19 3.10 16.69
CA HIS C 305 20.86 3.44 17.19
C HIS C 305 20.17 4.52 16.37
N PHE C 306 20.44 4.56 15.07
CA PHE C 306 19.70 5.44 14.18
C PHE C 306 20.01 6.92 14.38
N TYR C 307 20.97 7.23 15.25
CA TYR C 307 21.36 8.60 15.52
C TYR C 307 21.53 9.37 14.21
N GLN C 308 20.92 10.55 14.14
CA GLN C 308 20.93 11.45 12.98
C GLN C 308 19.87 11.07 11.94
N ALA C 309 19.11 10.00 12.20
CA ALA C 309 18.11 9.52 11.24
C ALA C 309 16.71 9.93 11.65
N ASP C 310 15.84 10.06 10.64
CA ASP C 310 14.45 10.45 10.84
C ASP C 310 13.83 9.61 11.96
N GLU C 311 13.19 10.29 12.91
CA GLU C 311 12.67 9.64 14.11
C GLU C 311 11.74 8.49 13.77
N ARG C 312 11.12 8.57 12.59
CA ARG C 312 10.27 7.51 12.09
C ARG C 312 11.01 6.17 12.09
N PHE C 313 12.33 6.24 11.95
CA PHE C 313 13.18 5.05 12.04
C PHE C 313 13.30 4.55 13.47
N VAL C 314 13.70 5.45 14.38
CA VAL C 314 13.86 5.10 15.79
C VAL C 314 12.53 4.59 16.36
N SER C 315 11.43 5.04 15.75
CA SER C 315 10.10 4.67 16.20
C SER C 315 9.75 3.23 15.85
N ALA C 316 10.31 2.72 14.77
CA ALA C 316 9.94 1.40 14.25
C ALA C 316 10.46 0.25 15.13
N ILE C 317 11.63 0.45 15.74
CA ILE C 317 12.20 -0.56 16.62
C ILE C 317 12.37 -0.01 18.04
N GLU C 318 11.59 -0.55 18.96
CA GLU C 318 11.70 -0.16 20.35
C GLU C 318 12.96 -0.80 20.94
N GLY C 319 13.65 -0.05 21.80
CA GLY C 319 14.94 -0.48 22.32
C GLY C 319 16.06 0.30 21.66
N MET C 320 15.68 1.32 20.89
CA MET C 320 16.63 2.21 20.24
C MET C 320 16.77 3.52 20.99
N HIS C 321 17.99 3.85 21.40
CA HIS C 321 18.21 5.09 22.14
C HIS C 321 19.44 5.86 21.66
N PRO C 322 19.33 6.55 20.52
CA PRO C 322 20.48 7.31 20.03
C PRO C 322 20.80 8.52 20.91
N ASN C 323 22.07 8.64 21.28
CA ASN C 323 22.53 9.84 21.96
C ASN C 323 23.86 10.25 21.37
N GLN C 324 24.04 11.56 21.19
CA GLN C 324 25.21 12.10 20.53
C GLN C 324 26.49 11.60 21.18
N GLU C 325 26.48 11.49 22.50
CA GLU C 325 27.66 11.08 23.24
C GLU C 325 28.19 9.71 22.81
N ASP C 326 27.33 8.70 22.86
CA ASP C 326 27.75 7.33 22.56
C ASP C 326 27.84 7.01 21.07
N HIS C 327 26.85 7.47 20.31
CA HIS C 327 26.67 7.04 18.92
C HIS C 327 27.19 7.96 17.82
N GLU C 328 27.76 9.10 18.16
CA GLU C 328 28.29 9.98 17.11
C GLU C 328 29.55 9.35 16.54
N THR C 329 30.16 10.01 15.56
CA THR C 329 31.50 9.64 15.14
C THR C 329 32.38 10.88 15.13
N PHE C 330 33.32 10.96 16.06
CA PHE C 330 34.24 12.08 16.07
C PHE C 330 35.61 11.65 15.57
N VAL C 331 36.50 12.62 15.42
CA VAL C 331 37.92 12.34 15.28
C VAL C 331 38.66 13.56 15.80
N ASP C 332 39.76 13.34 16.53
CA ASP C 332 40.57 14.44 17.04
C ASP C 332 41.93 14.43 16.37
N ILE C 333 42.22 15.50 15.64
CA ILE C 333 43.43 15.57 14.82
C ILE C 333 44.38 16.61 15.36
N ASN C 334 45.68 16.44 15.10
CA ASN C 334 46.63 17.51 15.38
C ASN C 334 46.65 18.48 14.21
N PRO C 335 46.23 19.73 14.47
CA PRO C 335 46.02 20.76 13.44
C PRO C 335 47.27 21.06 12.63
N LEU C 336 48.44 20.76 13.18
CA LEU C 336 49.69 21.02 12.47
C LEU C 336 50.07 19.89 11.54
N THR C 337 50.30 18.71 12.11
CA THR C 337 50.82 17.57 11.36
C THR C 337 49.77 16.82 10.54
N GLY C 338 48.53 16.84 11.00
CA GLY C 338 47.48 16.06 10.37
C GLY C 338 47.47 14.64 10.88
N ILE C 339 47.91 14.47 12.12
CA ILE C 339 47.94 13.16 12.78
C ILE C 339 46.68 12.96 13.62
N ILE C 340 46.14 11.74 13.58
CA ILE C 340 44.97 11.39 14.38
C ILE C 340 45.38 10.90 15.77
N LEU C 341 44.71 11.44 16.79
CA LEU C 341 45.11 11.26 18.18
C LEU C 341 44.05 10.49 18.97
N LYS C 342 42.87 11.08 19.08
CA LYS C 342 41.71 10.41 19.66
C LYS C 342 40.61 10.35 18.63
N ALA C 343 40.20 9.14 18.27
CA ALA C 343 39.15 8.99 17.26
C ALA C 343 38.29 7.76 17.54
N ALA C 344 37.01 7.90 17.26
CA ALA C 344 36.07 6.81 17.42
C ALA C 344 35.14 6.75 16.21
N LYS C 345 35.18 5.64 15.48
CA LYS C 345 34.39 5.49 14.25
C LYS C 345 33.23 4.51 14.44
N ARG C 346 32.01 5.02 14.36
CA ARG C 346 30.84 4.23 14.72
C ARG C 346 29.75 4.24 13.64
N PHE C 347 29.52 3.07 13.04
CA PHE C 347 28.43 2.92 12.08
C PHE C 347 27.71 1.59 12.26
N GLN C 348 26.46 1.53 11.80
CA GLN C 348 25.61 0.37 12.06
C GLN C 348 25.34 -0.40 10.76
N ILE C 349 24.71 -1.56 10.89
CA ILE C 349 24.33 -2.36 9.75
C ILE C 349 22.93 -2.90 9.97
N ASN C 350 22.10 -2.75 8.96
CA ASN C 350 20.71 -3.12 9.06
C ASN C 350 20.33 -3.93 7.84
N ILE C 351 19.23 -4.68 7.94
CA ILE C 351 18.69 -5.38 6.79
C ILE C 351 17.30 -4.84 6.48
N TYR C 352 17.07 -4.43 5.24
CA TYR C 352 15.75 -3.94 4.88
C TYR C 352 14.77 -5.10 4.73
N VAL C 353 13.67 -5.03 5.46
CA VAL C 353 12.72 -6.13 5.53
C VAL C 353 11.27 -5.67 5.40
N LYS C 354 10.53 -6.30 4.49
CA LYS C 354 9.10 -6.01 4.33
C LYS C 354 8.32 -7.29 4.09
N LYS C 355 7.00 -7.21 4.25
CA LYS C 355 6.12 -8.37 4.06
C LYS C 355 6.07 -8.85 2.61
N LEU C 356 6.08 -10.17 2.43
CA LEU C 356 5.90 -10.76 1.11
C LEU C 356 4.86 -11.87 1.15
N ASP C 357 3.89 -11.78 0.25
CA ASP C 357 2.79 -12.73 0.18
C ASP C 357 3.25 -14.00 -0.52
N ASP C 358 4.33 -13.88 -1.27
CA ASP C 358 4.89 -15.03 -1.98
C ASP C 358 5.68 -15.93 -1.06
N PHE C 359 6.27 -15.34 -0.03
CA PHE C 359 7.12 -16.09 0.90
C PHE C 359 6.47 -16.16 2.28
N VAL C 360 6.12 -17.37 2.69
CA VAL C 360 5.36 -17.58 3.92
C VAL C 360 6.20 -17.29 5.17
N GLU C 361 7.50 -17.24 5.00
CA GLU C 361 8.41 -17.06 6.12
C GLU C 361 8.45 -15.61 6.61
N THR C 362 8.21 -14.67 5.71
CA THR C 362 8.24 -13.25 6.08
C THR C 362 7.01 -12.87 6.89
N GLY C 363 5.96 -13.68 6.80
CA GLY C 363 4.74 -13.45 7.55
C GLY C 363 4.13 -12.07 7.38
N ASP C 364 3.64 -11.52 8.49
CA ASP C 364 2.96 -10.23 8.52
C ASP C 364 3.89 -9.07 8.86
N ILE C 365 5.19 -9.36 8.92
CA ILE C 365 6.19 -8.42 9.48
C ILE C 365 6.09 -7.02 8.89
N ARG C 366 6.27 -6.04 9.77
CA ARG C 366 6.25 -4.62 9.42
C ARG C 366 7.31 -4.26 8.39
N THR C 367 7.01 -3.29 7.54
CA THR C 367 8.01 -2.79 6.62
C THR C 367 8.90 -1.84 7.38
N MET C 368 10.17 -2.19 7.48
CA MET C 368 11.09 -1.39 8.29
C MET C 368 12.55 -1.64 7.96
N VAL C 369 13.39 -0.69 8.33
CA VAL C 369 14.82 -0.94 8.30
C VAL C 369 15.16 -1.56 9.64
N PHE C 370 15.59 -2.81 9.58
CA PHE C 370 15.79 -3.64 10.76
C PHE C 370 17.26 -3.73 11.12
N PRO C 371 17.62 -3.31 12.34
CA PRO C 371 19.00 -3.31 12.81
C PRO C 371 19.54 -4.70 13.08
N VAL C 372 20.78 -4.96 12.66
CA VAL C 372 21.42 -6.19 13.07
C VAL C 372 22.44 -5.83 14.15
N MET C 373 23.44 -5.03 13.80
CA MET C 373 24.50 -4.74 14.75
C MET C 373 25.28 -3.49 14.34
N TYR C 374 25.96 -2.84 15.29
CA TYR C 374 26.89 -1.78 14.95
C TYR C 374 28.21 -1.99 15.66
N LEU C 375 29.18 -1.13 15.40
CA LEU C 375 30.51 -1.25 15.97
C LEU C 375 31.16 0.11 16.25
N ASN C 376 32.19 0.11 17.10
CA ASN C 376 33.03 1.26 17.35
C ASN C 376 34.47 0.93 16.97
N GLU C 377 34.99 1.58 15.92
CA GLU C 377 36.39 1.43 15.58
C GLU C 377 37.06 2.64 16.19
N SER C 378 37.79 2.40 17.28
CA SER C 378 38.30 3.48 18.10
C SER C 378 39.81 3.62 17.94
N VAL C 379 40.38 4.58 18.66
CA VAL C 379 41.81 4.65 18.88
C VAL C 379 42.13 5.78 19.85
N HIS C 380 43.26 5.65 20.50
CA HIS C 380 43.66 6.49 21.61
C HIS C 380 45.18 6.51 21.56
N ILE C 381 45.80 7.65 21.85
CA ILE C 381 47.25 7.71 21.80
C ILE C 381 47.79 7.64 23.24
N ASP C 382 48.80 6.80 23.44
CA ASP C 382 49.32 6.57 24.79
C ASP C 382 50.34 7.62 25.18
N LYS C 383 50.85 7.51 26.39
CA LYS C 383 51.78 8.49 26.95
C LYS C 383 53.14 8.46 26.25
N GLU C 384 53.64 7.27 26.00
CA GLU C 384 54.96 7.07 25.40
C GLU C 384 55.13 7.85 24.09
N THR C 385 54.14 7.75 23.21
CA THR C 385 54.23 8.37 21.90
C THR C 385 53.64 9.78 21.86
N ALA C 386 53.10 10.21 22.98
CA ALA C 386 52.62 11.59 23.09
C ALA C 386 53.81 12.54 23.17
N SER C 387 54.76 12.21 24.04
CA SER C 387 55.99 12.98 24.19
C SER C 387 56.77 13.01 22.88
N ARG C 388 56.86 11.84 22.24
CA ARG C 388 57.60 11.70 20.98
C ARG C 388 57.06 12.64 19.90
N LEU C 389 55.75 12.87 19.94
CA LEU C 389 55.10 13.81 19.03
C LEU C 389 55.26 15.24 19.52
N LYS C 390 55.27 15.42 20.84
CA LYS C 390 55.52 16.73 21.44
C LYS C 390 56.96 17.14 21.12
N SER C 391 57.85 16.16 21.14
CA SER C 391 59.24 16.37 20.72
C SER C 391 59.31 16.88 19.28
N MET C 392 58.92 16.02 18.35
CA MET C 392 59.00 16.31 16.91
C MET C 392 58.31 17.61 16.52
N ILE C 393 57.32 18.02 17.31
CA ILE C 393 56.63 19.29 17.09
C ILE C 393 57.28 20.39 17.90
N ILE D 1 34.03 27.27 -47.82
CA ILE D 1 32.63 27.68 -47.88
C ILE D 1 31.70 26.52 -47.50
N GLU D 2 30.41 26.71 -47.71
CA GLU D 2 29.41 25.70 -47.41
C GLU D 2 29.22 24.79 -48.61
N LYS D 3 30.05 25.00 -49.64
CA LYS D 3 30.01 24.22 -50.86
C LYS D 3 30.76 22.90 -50.65
N LYS D 4 31.19 22.69 -49.41
CA LYS D 4 31.82 21.44 -49.00
C LYS D 4 30.90 20.23 -49.18
N ILE D 5 29.63 20.46 -49.44
CA ILE D 5 28.68 19.37 -49.65
C ILE D 5 28.30 19.14 -51.11
N VAL D 6 28.86 18.07 -51.66
CA VAL D 6 28.57 17.58 -53.02
C VAL D 6 28.87 16.09 -53.01
N LEU D 7 28.41 15.36 -54.02
CA LEU D 7 28.80 13.96 -54.12
C LEU D 7 30.06 13.85 -54.96
N ARG D 8 31.16 13.55 -54.28
CA ARG D 8 32.47 13.44 -54.91
C ARG D 8 33.24 12.42 -54.09
N ASN D 9 34.03 11.58 -54.74
CA ASN D 9 34.60 10.41 -54.07
C ASN D 9 35.47 10.78 -52.87
N GLY D 10 35.19 10.12 -51.75
CA GLY D 10 36.00 10.27 -50.54
C GLY D 10 35.57 11.38 -49.60
N THR D 11 34.87 12.38 -50.14
CA THR D 11 34.45 13.54 -49.34
C THR D 11 33.50 13.14 -48.22
N GLU D 12 33.64 13.80 -47.07
CA GLU D 12 32.78 13.54 -45.91
C GLU D 12 31.30 13.64 -46.27
N ALA D 13 30.99 14.58 -47.15
CA ALA D 13 29.63 14.74 -47.68
C ALA D 13 29.15 13.46 -48.36
N PHE D 14 29.77 13.14 -49.49
CA PHE D 14 29.43 11.94 -50.25
C PHE D 14 29.59 10.67 -49.44
N ASP D 15 30.56 10.68 -48.53
CA ASP D 15 30.96 9.49 -47.78
C ASP D 15 29.81 8.72 -47.15
N SER D 16 28.96 9.43 -46.42
CA SER D 16 27.89 8.78 -45.69
C SER D 16 26.58 8.72 -46.49
N TRP D 17 26.55 9.34 -47.66
CA TRP D 17 25.44 9.17 -48.58
C TRP D 17 25.46 7.72 -49.06
N GLU D 18 26.61 7.09 -48.90
CA GLU D 18 26.80 5.67 -49.17
C GLU D 18 26.30 4.84 -47.98
N LYS D 19 27.02 4.88 -46.87
CA LYS D 19 26.52 4.27 -45.62
C LYS D 19 26.23 5.36 -44.60
N PRO D 20 24.94 5.67 -44.39
CA PRO D 20 24.51 6.68 -43.40
C PRO D 20 24.73 6.25 -41.95
N PRO D 21 25.10 7.22 -41.09
CA PRO D 21 25.41 7.05 -39.66
C PRO D 21 24.20 6.75 -38.78
N LEU D 22 23.01 7.01 -39.31
CA LEU D 22 21.81 7.17 -38.48
C LEU D 22 20.98 5.90 -38.29
N PRO D 23 20.73 5.53 -37.02
CA PRO D 23 19.88 4.40 -36.65
C PRO D 23 18.39 4.69 -36.90
N VAL D 24 17.96 4.54 -38.15
CA VAL D 24 16.57 4.80 -38.55
C VAL D 24 15.62 3.68 -38.10
N TYR D 25 14.46 4.05 -37.57
CA TYR D 25 13.51 3.08 -37.02
C TYR D 25 12.13 3.10 -37.69
N THR D 26 11.72 1.94 -38.20
CA THR D 26 10.39 1.76 -38.78
C THR D 26 9.47 1.00 -37.83
N GLN D 27 8.31 1.59 -37.53
CA GLN D 27 7.37 1.01 -36.58
C GLN D 27 5.99 0.78 -37.19
N PHE D 28 5.50 -0.44 -37.05
CA PHE D 28 4.24 -0.83 -37.66
C PHE D 28 3.08 -0.87 -36.66
N TYR D 29 1.95 -0.33 -37.09
CA TYR D 29 0.75 -0.31 -36.29
C TYR D 29 -0.41 -0.87 -37.10
N PHE D 30 -1.07 -1.89 -36.56
CA PHE D 30 -2.14 -2.57 -37.28
C PHE D 30 -3.51 -2.30 -36.70
N PHE D 31 -4.52 -2.32 -37.57
CA PHE D 31 -5.88 -2.13 -37.12
C PHE D 31 -6.59 -3.46 -37.06
N ASN D 32 -6.83 -3.89 -35.83
CA ASN D 32 -7.48 -5.15 -35.58
C ASN D 32 -8.99 -4.94 -35.69
N VAL D 33 -9.64 -5.70 -36.56
CA VAL D 33 -11.08 -5.52 -36.73
C VAL D 33 -11.83 -6.33 -35.69
N THR D 34 -12.53 -5.64 -34.80
CA THR D 34 -13.18 -6.30 -33.67
C THR D 34 -14.64 -6.71 -33.90
N ASN D 35 -15.27 -6.19 -34.95
CA ASN D 35 -16.65 -6.58 -35.24
C ASN D 35 -16.86 -6.91 -36.73
N PRO D 36 -16.13 -7.92 -37.22
CA PRO D 36 -16.10 -8.23 -38.65
C PRO D 36 -17.44 -8.69 -39.21
N GLU D 37 -18.14 -9.53 -38.44
CA GLU D 37 -19.44 -10.04 -38.85
C GLU D 37 -20.39 -8.90 -39.17
N GLU D 38 -20.49 -7.98 -38.22
CA GLU D 38 -21.40 -6.86 -38.30
C GLU D 38 -21.02 -5.89 -39.39
N ILE D 39 -19.72 -5.82 -39.69
CA ILE D 39 -19.23 -5.02 -40.80
C ILE D 39 -19.87 -5.51 -42.10
N LEU D 40 -19.93 -6.82 -42.24
CA LEU D 40 -20.58 -7.44 -43.38
C LEU D 40 -22.09 -7.21 -43.38
N ARG D 41 -22.72 -7.33 -42.22
CA ARG D 41 -24.17 -7.16 -42.10
C ARG D 41 -24.56 -5.69 -42.29
N GLY D 42 -23.56 -4.83 -42.43
CA GLY D 42 -23.79 -3.44 -42.79
C GLY D 42 -23.58 -2.36 -41.74
N GLU D 43 -23.11 -2.74 -40.56
CA GLU D 43 -22.85 -1.76 -39.50
C GLU D 43 -21.61 -0.91 -39.83
N THR D 44 -21.27 0.03 -38.96
CA THR D 44 -19.96 0.70 -39.04
C THR D 44 -18.86 -0.11 -38.36
N PRO D 45 -17.72 -0.21 -39.03
CA PRO D 45 -16.56 -0.95 -38.51
C PRO D 45 -16.11 -0.42 -37.17
N ARG D 46 -15.74 -1.33 -36.27
CA ARG D 46 -15.02 -0.93 -35.08
C ARG D 46 -13.62 -1.56 -35.09
N VAL D 47 -12.60 -0.74 -34.88
CA VAL D 47 -11.24 -1.26 -34.88
C VAL D 47 -10.50 -0.99 -33.57
N GLU D 48 -9.58 -1.90 -33.25
CA GLU D 48 -8.59 -1.67 -32.22
C GLU D 48 -7.26 -1.58 -32.93
N GLU D 49 -6.31 -0.92 -32.28
CA GLU D 49 -5.03 -0.65 -32.91
C GLU D 49 -3.87 -1.26 -32.16
N VAL D 50 -3.13 -2.14 -32.82
CA VAL D 50 -2.02 -2.81 -32.16
C VAL D 50 -0.68 -2.41 -32.77
N GLY D 51 0.25 -2.05 -31.88
CA GLY D 51 1.59 -1.64 -32.23
C GLY D 51 2.26 -1.13 -30.98
N PRO D 52 3.49 -0.63 -31.10
CA PRO D 52 4.28 -0.69 -32.33
C PRO D 52 4.96 -2.03 -32.52
N TYR D 53 5.20 -2.42 -33.77
CA TYR D 53 6.14 -3.47 -34.04
C TYR D 53 7.35 -2.82 -34.70
N THR D 54 8.43 -2.71 -33.93
CA THR D 54 9.57 -1.87 -34.29
C THR D 54 10.72 -2.65 -34.91
N TYR D 55 11.06 -2.26 -36.13
CA TYR D 55 12.21 -2.81 -36.83
C TYR D 55 13.27 -1.72 -36.94
N ARG D 56 14.54 -2.09 -36.89
CA ARG D 56 15.63 -1.14 -37.14
C ARG D 56 16.16 -1.33 -38.55
N GLU D 57 16.46 -0.23 -39.24
CA GLU D 57 16.80 -0.30 -40.65
C GLU D 57 18.30 -0.39 -40.92
N LEU D 58 18.65 -1.19 -41.93
CA LEU D 58 20.02 -1.27 -42.44
C LEU D 58 20.07 -0.70 -43.85
N ARG D 59 20.73 0.45 -44.00
CA ARG D 59 20.71 1.14 -45.28
C ARG D 59 22.09 1.20 -45.92
N ASN D 60 22.21 0.63 -47.12
CA ASN D 60 23.42 0.80 -47.92
C ASN D 60 23.03 1.05 -49.38
N LYS D 61 23.50 2.14 -49.97
CA LYS D 61 23.14 2.45 -51.34
C LYS D 61 24.28 2.10 -52.30
N ALA D 62 24.08 1.04 -53.09
CA ALA D 62 25.12 0.45 -53.92
C ALA D 62 24.80 0.49 -55.43
N ASN D 63 25.67 -0.16 -56.21
CA ASN D 63 25.62 -0.13 -57.68
C ASN D 63 25.88 1.28 -58.23
N ILE D 64 26.98 1.89 -57.78
CA ILE D 64 27.31 3.26 -58.15
C ILE D 64 28.27 3.40 -59.33
N GLN D 65 27.86 4.17 -60.33
CA GLN D 65 28.75 4.59 -61.41
C GLN D 65 28.50 6.07 -61.73
N PHE D 66 29.54 6.88 -61.70
CA PHE D 66 29.42 8.31 -61.99
C PHE D 66 29.17 8.53 -63.48
N GLY D 67 29.05 9.80 -63.87
CA GLY D 67 28.83 10.13 -65.27
C GLY D 67 28.88 11.61 -65.58
N ASP D 68 28.75 11.92 -66.87
CA ASP D 68 28.70 13.29 -67.39
C ASP D 68 29.74 14.24 -66.79
N ASN D 69 31.02 13.91 -66.95
CA ASN D 69 32.10 14.70 -66.39
C ASN D 69 31.86 15.10 -64.94
N GLY D 70 31.26 14.19 -64.18
CA GLY D 70 31.09 14.36 -62.75
C GLY D 70 29.86 15.05 -62.21
N THR D 71 28.89 15.37 -63.07
CA THR D 71 27.69 16.07 -62.58
C THR D 71 26.51 15.15 -62.21
N THR D 72 26.59 13.87 -62.57
CA THR D 72 25.52 12.93 -62.22
C THR D 72 26.06 11.66 -61.56
N ILE D 73 25.18 10.95 -60.87
CA ILE D 73 25.55 9.71 -60.20
C ILE D 73 24.35 8.74 -60.14
N SER D 74 24.59 7.45 -60.36
CA SER D 74 23.50 6.46 -60.35
C SER D 74 23.69 5.38 -59.29
N ALA D 75 22.60 4.99 -58.64
CA ALA D 75 22.66 3.95 -57.62
C ALA D 75 21.26 3.44 -57.24
N VAL D 76 21.22 2.47 -56.32
CA VAL D 76 19.96 2.03 -55.75
C VAL D 76 20.01 2.24 -54.24
N SER D 77 18.94 2.76 -53.66
CA SER D 77 18.85 2.82 -52.20
C SER D 77 18.42 1.44 -51.74
N ASN D 78 19.26 0.75 -50.99
CA ASN D 78 18.92 -0.58 -50.52
C ASN D 78 18.58 -0.57 -49.03
N LYS D 79 17.56 -1.35 -48.68
CA LYS D 79 16.96 -1.27 -47.35
C LYS D 79 16.59 -2.65 -46.80
N ALA D 80 16.88 -2.85 -45.51
CA ALA D 80 16.56 -4.11 -44.83
C ALA D 80 16.02 -3.84 -43.43
N TYR D 81 15.44 -4.84 -42.78
CA TYR D 81 14.79 -4.63 -41.49
C TYR D 81 15.17 -5.67 -40.43
N VAL D 82 15.47 -5.18 -39.23
CA VAL D 82 15.87 -6.03 -38.11
C VAL D 82 14.90 -5.87 -36.96
N PHE D 83 14.23 -6.95 -36.56
CA PHE D 83 13.24 -6.86 -35.49
C PHE D 83 13.85 -6.79 -34.08
N GLU D 84 13.41 -5.79 -33.31
CA GLU D 84 13.81 -5.65 -31.91
C GLU D 84 12.65 -5.96 -30.98
N ARG D 85 12.75 -7.09 -30.29
CA ARG D 85 11.70 -7.60 -29.42
C ARG D 85 11.49 -6.74 -28.18
N ASP D 86 12.50 -5.99 -27.79
CA ASP D 86 12.40 -5.13 -26.61
C ASP D 86 11.54 -3.90 -26.90
N GLN D 87 11.80 -3.23 -28.01
CA GLN D 87 11.22 -1.93 -28.31
C GLN D 87 9.90 -2.07 -29.07
N SER D 88 9.41 -3.30 -29.19
CA SER D 88 8.10 -3.56 -29.78
C SER D 88 7.15 -4.15 -28.73
N VAL D 89 5.85 -4.01 -28.98
CA VAL D 89 4.83 -4.36 -28.00
C VAL D 89 4.74 -5.89 -27.76
N GLY D 90 4.95 -6.67 -28.81
CA GLY D 90 4.84 -8.12 -28.74
C GLY D 90 5.61 -8.76 -29.88
N ASP D 91 5.45 -10.07 -30.06
CA ASP D 91 6.20 -10.77 -31.08
C ASP D 91 5.39 -10.94 -32.37
N PRO D 92 5.88 -10.34 -33.46
CA PRO D 92 5.24 -10.29 -34.78
C PRO D 92 4.90 -11.67 -35.31
N LYS D 93 5.64 -12.67 -34.86
CA LYS D 93 5.36 -14.05 -35.23
C LYS D 93 4.20 -14.64 -34.41
N ILE D 94 4.12 -14.29 -33.13
CA ILE D 94 3.09 -14.83 -32.25
C ILE D 94 1.71 -14.14 -32.37
N ASP D 95 1.73 -12.82 -32.43
CA ASP D 95 0.50 -12.03 -32.32
C ASP D 95 -0.36 -12.03 -33.58
N LEU D 96 -1.67 -12.05 -33.39
CA LEU D 96 -2.61 -12.15 -34.51
C LEU D 96 -3.29 -10.84 -34.84
N ILE D 97 -3.54 -10.62 -36.13
CA ILE D 97 -4.36 -9.50 -36.57
C ILE D 97 -5.41 -9.93 -37.59
N ARG D 98 -6.67 -9.77 -37.20
CA ARG D 98 -7.79 -10.02 -38.09
C ARG D 98 -8.09 -8.75 -38.88
N THR D 99 -8.34 -8.94 -40.17
CA THR D 99 -8.36 -7.82 -41.09
C THR D 99 -8.75 -8.30 -42.47
N LEU D 100 -8.86 -7.38 -43.42
CA LEU D 100 -9.26 -7.70 -44.77
C LEU D 100 -8.35 -8.76 -45.37
N ASN D 101 -8.94 -9.61 -46.21
CA ASN D 101 -8.13 -10.52 -46.99
C ASN D 101 -7.99 -9.85 -48.34
N ILE D 102 -6.81 -9.29 -48.57
CA ILE D 102 -6.54 -8.47 -49.74
C ILE D 102 -6.46 -9.25 -51.06
N PRO D 103 -5.76 -10.41 -51.07
CA PRO D 103 -5.72 -11.17 -52.31
C PRO D 103 -7.09 -11.36 -52.96
N VAL D 104 -8.11 -11.70 -52.18
CA VAL D 104 -9.44 -11.88 -52.76
C VAL D 104 -9.97 -10.51 -53.20
N LEU D 105 -9.80 -9.49 -52.37
CA LEU D 105 -10.24 -8.15 -52.72
C LEU D 105 -9.58 -7.69 -54.02
N THR D 106 -8.33 -8.09 -54.20
CA THR D 106 -7.59 -7.77 -55.40
C THR D 106 -8.08 -8.57 -56.61
N VAL D 107 -8.23 -9.88 -56.47
CA VAL D 107 -8.65 -10.69 -57.62
C VAL D 107 -10.09 -10.39 -58.02
N ILE D 108 -10.81 -9.69 -57.15
CA ILE D 108 -12.17 -9.27 -57.44
C ILE D 108 -12.17 -8.03 -58.35
N GLU D 109 -11.28 -7.08 -58.06
CA GLU D 109 -11.15 -5.89 -58.91
C GLU D 109 -10.38 -6.24 -60.18
N TRP D 110 -9.51 -7.24 -60.08
CA TRP D 110 -8.73 -7.68 -61.24
C TRP D 110 -9.60 -8.45 -62.22
N SER D 111 -10.84 -8.75 -61.85
CA SER D 111 -11.73 -9.37 -62.81
C SER D 111 -12.67 -8.31 -63.35
N GLN D 112 -12.36 -7.84 -64.55
CA GLN D 112 -13.13 -6.83 -65.24
C GLN D 112 -13.98 -7.47 -66.34
N VAL D 113 -13.86 -8.79 -66.44
CA VAL D 113 -14.52 -9.55 -67.48
C VAL D 113 -15.65 -10.36 -66.86
N HIS D 114 -16.78 -10.39 -67.58
CA HIS D 114 -18.02 -11.00 -67.10
C HIS D 114 -17.90 -12.49 -66.81
N PHE D 115 -17.12 -13.21 -67.63
CA PHE D 115 -16.89 -14.63 -67.38
C PHE D 115 -15.83 -14.80 -66.31
N LEU D 116 -15.03 -13.76 -66.09
CA LEU D 116 -14.03 -13.79 -65.04
C LEU D 116 -14.70 -13.53 -63.69
N ARG D 117 -15.67 -12.61 -63.66
CA ARG D 117 -16.46 -12.42 -62.46
C ARG D 117 -17.19 -13.71 -62.13
N GLU D 118 -17.79 -14.32 -63.15
CA GLU D 118 -18.48 -15.60 -63.00
C GLU D 118 -17.56 -16.67 -62.43
N ILE D 119 -16.50 -17.01 -63.17
CA ILE D 119 -15.56 -18.05 -62.75
C ILE D 119 -14.87 -17.74 -61.42
N ILE D 120 -14.26 -16.57 -61.30
CA ILE D 120 -13.51 -16.23 -60.09
C ILE D 120 -14.44 -16.14 -58.86
N GLU D 121 -15.73 -16.03 -59.11
CA GLU D 121 -16.72 -16.10 -58.03
C GLU D 121 -16.90 -17.55 -57.60
N ALA D 122 -16.96 -18.45 -58.57
CA ALA D 122 -17.12 -19.88 -58.29
C ALA D 122 -16.05 -20.37 -57.32
N MET D 123 -14.84 -19.86 -57.51
CA MET D 123 -13.70 -20.19 -56.67
C MET D 123 -13.99 -19.97 -55.19
N LEU D 124 -14.42 -18.75 -54.85
CA LEU D 124 -14.59 -18.36 -53.46
C LEU D 124 -15.69 -19.16 -52.76
N LYS D 125 -16.74 -19.48 -53.50
CA LYS D 125 -17.82 -20.33 -52.99
C LYS D 125 -17.29 -21.72 -52.65
N ALA D 126 -16.52 -22.29 -53.57
CA ALA D 126 -16.05 -23.67 -53.46
C ALA D 126 -14.88 -23.84 -52.50
N TYR D 127 -14.12 -22.79 -52.28
CA TYR D 127 -12.94 -22.88 -51.41
C TYR D 127 -13.24 -22.44 -49.98
N GLN D 128 -14.47 -22.03 -49.73
CA GLN D 128 -14.88 -21.47 -48.44
C GLN D 128 -13.97 -20.30 -48.05
N GLN D 129 -14.10 -19.22 -48.80
CA GLN D 129 -13.28 -18.03 -48.61
C GLN D 129 -14.10 -16.90 -48.01
N LYS D 130 -13.63 -16.34 -46.90
CA LYS D 130 -14.34 -15.21 -46.27
C LYS D 130 -13.65 -13.88 -46.58
N LEU D 131 -14.28 -12.77 -46.17
CA LEU D 131 -13.71 -11.44 -46.41
C LEU D 131 -12.69 -11.02 -45.35
N PHE D 132 -13.00 -11.29 -44.09
CA PHE D 132 -12.10 -10.92 -42.99
C PHE D 132 -11.27 -12.11 -42.53
N VAL D 133 -9.96 -11.90 -42.37
CA VAL D 133 -9.06 -13.01 -42.07
C VAL D 133 -8.01 -12.68 -40.99
N THR D 134 -7.66 -13.70 -40.20
CA THR D 134 -6.70 -13.57 -39.09
C THR D 134 -5.30 -14.07 -39.43
N HIS D 135 -4.30 -13.20 -39.33
CA HIS D 135 -2.93 -13.68 -39.51
C HIS D 135 -1.96 -13.16 -38.46
N THR D 136 -0.72 -13.64 -38.55
CA THR D 136 0.33 -13.20 -37.64
C THR D 136 0.99 -11.95 -38.21
N VAL D 137 1.37 -11.04 -37.32
CA VAL D 137 1.96 -9.75 -37.69
C VAL D 137 3.09 -9.94 -38.71
N ASP D 138 3.96 -10.89 -38.42
CA ASP D 138 5.04 -11.26 -39.32
C ASP D 138 4.51 -11.67 -40.69
N GLU D 139 3.38 -12.39 -40.71
CA GLU D 139 2.85 -12.89 -41.97
C GLU D 139 2.33 -11.77 -42.86
N LEU D 140 1.47 -10.90 -42.31
CA LEU D 140 0.89 -9.78 -43.05
C LEU D 140 1.96 -8.84 -43.60
N LEU D 141 2.91 -8.52 -42.72
CA LEU D 141 4.06 -7.71 -43.07
C LEU D 141 4.89 -8.32 -44.19
N TRP D 142 5.26 -9.60 -44.03
CA TRP D 142 6.31 -10.20 -44.84
C TRP D 142 5.81 -11.18 -45.90
N GLY D 143 5.17 -12.26 -45.47
CA GLY D 143 4.52 -13.12 -46.43
C GLY D 143 3.66 -14.21 -45.83
N TYR D 144 2.67 -14.63 -46.60
CA TYR D 144 1.93 -15.85 -46.32
C TYR D 144 1.37 -16.34 -47.65
N LYS D 145 1.28 -17.66 -47.81
CA LYS D 145 0.76 -18.23 -49.05
C LYS D 145 -0.76 -18.30 -48.97
N ASP D 146 -1.43 -17.70 -49.94
CA ASP D 146 -2.88 -17.67 -49.94
C ASP D 146 -3.45 -18.74 -50.85
N GLU D 147 -4.50 -19.41 -50.36
CA GLU D 147 -5.15 -20.49 -51.09
C GLU D 147 -5.59 -20.03 -52.47
N ILE D 148 -5.98 -18.77 -52.57
CA ILE D 148 -6.49 -18.23 -53.83
C ILE D 148 -5.37 -17.86 -54.80
N LEU D 149 -4.33 -17.19 -54.32
CA LEU D 149 -3.20 -16.85 -55.17
C LEU D 149 -2.44 -18.11 -55.59
N SER D 150 -2.47 -19.11 -54.70
CA SER D 150 -1.81 -20.38 -54.96
C SER D 150 -2.37 -21.03 -56.22
N LEU D 151 -3.67 -20.89 -56.41
CA LEU D 151 -4.34 -21.43 -57.59
C LEU D 151 -4.01 -20.63 -58.85
N ILE D 152 -4.10 -19.31 -58.76
CA ILE D 152 -3.88 -18.41 -59.90
C ILE D 152 -2.50 -18.60 -60.49
N HIS D 153 -1.56 -19.06 -59.66
CA HIS D 153 -0.22 -19.40 -60.10
C HIS D 153 -0.23 -20.57 -61.08
N VAL D 154 -1.01 -21.59 -60.73
CA VAL D 154 -1.16 -22.80 -61.54
C VAL D 154 -1.78 -22.47 -62.91
N PHE D 155 -2.40 -21.29 -63.00
CA PHE D 155 -3.02 -20.84 -64.25
C PHE D 155 -2.22 -19.74 -64.94
N ARG D 156 -2.07 -18.61 -64.26
CA ARG D 156 -1.38 -17.45 -64.81
C ARG D 156 -0.11 -17.20 -64.00
N PRO D 157 0.96 -17.97 -64.33
CA PRO D 157 2.19 -18.12 -63.55
C PRO D 157 2.93 -16.83 -63.21
N ASP D 158 2.73 -15.77 -64.00
CA ASP D 158 3.41 -14.51 -63.74
C ASP D 158 3.02 -13.94 -62.37
N ILE D 159 1.86 -14.36 -61.87
CA ILE D 159 1.40 -13.98 -60.54
C ILE D 159 2.03 -14.83 -59.45
N SER D 160 2.70 -14.16 -58.51
CA SER D 160 3.34 -14.79 -57.36
C SER D 160 2.30 -15.42 -56.43
N PRO D 161 2.60 -16.61 -55.88
CA PRO D 161 1.66 -17.27 -54.96
C PRO D 161 1.54 -16.56 -53.62
N TYR D 162 2.66 -16.06 -53.11
CA TYR D 162 2.68 -15.46 -51.78
C TYR D 162 2.10 -14.06 -51.78
N PHE D 163 1.68 -13.61 -50.59
CA PHE D 163 1.29 -12.23 -50.40
C PHE D 163 1.78 -11.70 -49.06
N GLY D 164 2.29 -10.48 -49.07
CA GLY D 164 2.61 -9.77 -47.85
C GLY D 164 2.63 -8.28 -48.13
N LEU D 165 2.39 -7.47 -47.09
CA LEU D 165 2.34 -6.02 -47.25
C LEU D 165 3.66 -5.51 -47.81
N PHE D 166 4.76 -6.03 -47.29
CA PHE D 166 6.03 -5.97 -48.01
C PHE D 166 6.45 -7.39 -48.30
N TYR D 167 6.34 -7.80 -49.56
CA TYR D 167 6.81 -9.12 -49.94
C TYR D 167 8.04 -9.01 -50.82
N GLU D 168 9.07 -9.77 -50.48
CA GLU D 168 10.36 -9.76 -51.18
C GLU D 168 11.02 -8.37 -51.15
N LYS D 169 10.65 -7.56 -50.17
CA LYS D 169 11.24 -6.23 -50.01
C LYS D 169 12.30 -6.10 -48.92
N ASN D 170 12.65 -7.19 -48.24
CA ASN D 170 13.69 -7.09 -47.21
C ASN D 170 15.06 -7.39 -47.79
N GLY D 171 15.90 -6.35 -47.89
CA GLY D 171 17.19 -6.45 -48.53
C GLY D 171 17.28 -5.91 -49.95
N THR D 172 16.14 -5.51 -50.52
CA THR D 172 16.10 -5.02 -51.89
C THR D 172 15.97 -3.49 -51.95
N ASN D 173 15.92 -2.95 -53.17
CA ASN D 173 15.78 -1.51 -53.36
C ASN D 173 14.39 -1.06 -53.79
N ASP D 174 14.26 0.26 -53.91
CA ASP D 174 13.05 0.92 -54.38
C ASP D 174 13.13 1.17 -55.88
N GLY D 175 14.15 0.60 -56.50
CA GLY D 175 14.46 0.84 -57.91
C GLY D 175 15.74 1.63 -58.14
N ASP D 176 16.09 1.81 -59.40
CA ASP D 176 17.39 2.38 -59.78
C ASP D 176 17.33 3.86 -60.13
N TYR D 177 18.12 4.67 -59.42
CA TYR D 177 18.06 6.12 -59.51
C TYR D 177 19.32 6.76 -60.09
N VAL D 178 19.17 7.98 -60.62
CA VAL D 178 20.35 8.80 -60.90
C VAL D 178 20.14 10.18 -60.26
N PHE D 179 21.05 10.56 -59.37
CA PHE D 179 20.94 11.81 -58.65
C PHE D 179 21.88 12.85 -59.23
N LEU D 180 21.44 14.10 -59.26
CA LEU D 180 22.33 15.17 -59.72
C LEU D 180 23.23 15.59 -58.57
N THR D 181 24.53 15.44 -58.75
CA THR D 181 25.48 15.82 -57.71
C THR D 181 25.58 17.33 -57.62
N GLY D 182 26.07 17.82 -56.49
CA GLY D 182 26.03 19.25 -56.19
C GLY D 182 27.07 20.10 -56.91
N GLU D 183 27.69 19.55 -57.95
CA GLU D 183 28.70 20.27 -58.71
C GLU D 183 28.10 21.42 -59.54
N ASP D 184 27.07 21.11 -60.32
CA ASP D 184 26.47 22.09 -61.23
C ASP D 184 25.87 23.26 -60.46
N SER D 185 25.51 23.00 -59.21
CA SER D 185 24.97 23.99 -58.30
C SER D 185 24.78 23.33 -56.93
N TYR D 186 24.69 24.13 -55.89
CA TYR D 186 24.49 23.58 -54.56
C TYR D 186 23.01 23.32 -54.34
N LEU D 187 22.20 23.84 -55.25
CA LEU D 187 20.75 23.69 -55.18
C LEU D 187 20.27 22.31 -55.63
N ASN D 188 20.95 21.74 -56.63
CA ASN D 188 20.52 20.46 -57.22
C ASN D 188 21.15 19.25 -56.51
N PHE D 189 21.85 19.49 -55.40
CA PHE D 189 22.43 18.39 -54.62
C PHE D 189 21.41 17.33 -54.26
N THR D 190 21.77 16.07 -54.54
CA THR D 190 20.97 14.86 -54.31
C THR D 190 19.50 15.02 -54.77
N LYS D 191 19.31 15.81 -55.83
CA LYS D 191 18.03 15.92 -56.50
C LYS D 191 17.86 14.75 -57.46
N ILE D 192 16.62 14.38 -57.77
CA ILE D 192 16.38 13.23 -58.64
C ILE D 192 16.02 13.67 -60.06
N VAL D 193 16.61 13.00 -61.04
CA VAL D 193 16.33 13.30 -62.43
C VAL D 193 15.71 12.11 -63.14
N GLU D 194 16.44 11.00 -63.27
CA GLU D 194 15.86 9.81 -63.86
C GLU D 194 15.72 8.67 -62.86
N TRP D 195 14.52 8.10 -62.85
CA TRP D 195 14.20 6.93 -62.05
C TRP D 195 13.77 5.80 -62.99
N ASN D 196 14.57 4.75 -63.05
CA ASN D 196 14.43 3.69 -64.06
C ASN D 196 14.46 4.27 -65.47
N GLY D 197 15.24 5.33 -65.65
CA GLY D 197 15.34 6.00 -66.92
C GLY D 197 14.14 6.88 -67.23
N LYS D 198 13.10 6.77 -66.41
CA LYS D 198 11.92 7.59 -66.58
C LYS D 198 12.22 8.98 -66.01
N THR D 199 12.14 9.99 -66.88
CA THR D 199 12.41 11.35 -66.48
C THR D 199 11.10 12.06 -66.12
N SER D 200 10.01 11.30 -66.20
CA SER D 200 8.72 11.73 -65.70
C SER D 200 7.94 10.47 -65.35
N LEU D 201 6.90 10.59 -64.53
CA LEU D 201 6.07 9.42 -64.24
C LEU D 201 5.05 9.21 -65.35
N ASP D 202 4.73 7.94 -65.59
CA ASP D 202 3.81 7.57 -66.66
C ASP D 202 2.33 7.66 -66.31
N TRP D 203 1.97 7.37 -65.06
CA TRP D 203 0.60 6.96 -64.76
C TRP D 203 -0.43 7.96 -64.22
N TRP D 204 -0.05 9.22 -64.00
CA TRP D 204 -1.07 10.18 -63.60
C TRP D 204 -1.62 10.86 -64.84
N ILE D 205 -2.51 11.84 -64.67
CA ILE D 205 -3.16 12.46 -65.82
C ILE D 205 -2.39 13.67 -66.33
N THR D 206 -2.29 14.72 -65.51
CA THR D 206 -1.60 15.93 -65.93
C THR D 206 -0.08 15.80 -65.82
N ASP D 207 0.63 16.56 -66.63
CA ASP D 207 2.09 16.53 -66.66
C ASP D 207 2.67 17.02 -65.33
N LYS D 208 1.96 17.95 -64.70
CA LYS D 208 2.37 18.49 -63.42
C LYS D 208 2.43 17.36 -62.41
N CYS D 209 1.33 16.64 -62.31
CA CYS D 209 1.20 15.48 -61.42
C CYS D 209 2.25 14.41 -61.71
N ASN D 210 2.42 14.08 -62.97
CA ASN D 210 3.37 13.06 -63.39
C ASN D 210 4.83 13.42 -63.11
N MET D 211 5.11 14.70 -62.89
CA MET D 211 6.48 15.15 -62.81
C MET D 211 7.21 14.60 -61.59
N ILE D 212 8.54 14.54 -61.68
CA ILE D 212 9.37 14.14 -60.56
C ILE D 212 10.18 15.34 -60.03
N ASN D 213 9.83 15.79 -58.83
CA ASN D 213 10.59 16.82 -58.13
C ASN D 213 11.32 16.34 -56.88
N GLY D 214 12.42 17.02 -56.56
CA GLY D 214 12.98 17.01 -55.23
C GLY D 214 13.79 15.79 -54.93
N THR D 215 14.27 15.74 -53.69
CA THR D 215 15.21 14.72 -53.28
C THR D 215 14.52 13.39 -53.01
N ASP D 216 15.32 12.38 -52.68
CA ASP D 216 14.80 11.07 -52.34
C ASP D 216 14.14 11.14 -50.97
N GLY D 217 14.46 12.19 -50.22
CA GLY D 217 13.80 12.46 -48.95
C GLY D 217 14.62 12.20 -47.71
N ASP D 218 15.84 11.70 -47.91
CA ASP D 218 16.78 11.47 -46.82
C ASP D 218 17.76 12.62 -46.64
N SER D 219 17.59 13.70 -47.41
CA SER D 219 18.53 14.81 -47.43
C SER D 219 18.07 15.99 -48.29
N PHE D 220 18.69 17.15 -48.08
CA PHE D 220 18.36 18.37 -48.84
C PHE D 220 19.59 19.21 -49.10
N HIS D 221 19.49 20.13 -50.05
CA HIS D 221 20.57 21.05 -50.37
C HIS D 221 20.89 21.96 -49.19
N PRO D 222 22.11 22.51 -49.16
CA PRO D 222 22.47 23.50 -48.15
C PRO D 222 21.67 24.80 -48.26
N LEU D 223 21.71 25.61 -47.20
CA LEU D 223 21.04 26.91 -47.13
C LEU D 223 19.51 26.82 -47.24
N ILE D 224 18.91 25.80 -46.64
CA ILE D 224 17.45 25.73 -46.61
C ILE D 224 16.98 26.93 -45.81
N THR D 225 16.12 27.74 -46.43
CA THR D 225 15.67 28.99 -45.80
C THR D 225 14.17 28.96 -45.57
N LYS D 226 13.74 29.67 -44.53
CA LYS D 226 12.36 29.61 -44.05
C LYS D 226 11.31 29.79 -45.15
N ASP D 227 11.56 30.67 -46.11
CA ASP D 227 10.52 30.96 -47.09
C ASP D 227 10.37 29.82 -48.10
N GLU D 228 11.49 29.23 -48.50
CA GLU D 228 11.45 28.29 -49.61
C GLU D 228 10.84 26.95 -49.21
N VAL D 229 10.30 26.25 -50.20
CA VAL D 229 9.56 25.02 -49.98
C VAL D 229 10.25 23.85 -50.67
N LEU D 230 10.26 22.69 -50.00
CA LEU D 230 11.08 21.56 -50.42
C LEU D 230 10.31 20.43 -51.09
N TYR D 231 10.86 19.92 -52.17
CA TYR D 231 10.24 18.81 -52.88
C TYR D 231 10.91 17.50 -52.52
N VAL D 232 10.10 16.43 -52.49
CA VAL D 232 10.55 15.11 -52.10
C VAL D 232 9.82 14.05 -52.95
N PHE D 233 10.50 12.97 -53.30
CA PHE D 233 9.88 11.90 -54.08
C PHE D 233 10.01 10.54 -53.36
N PRO D 234 9.12 10.26 -52.40
CA PRO D 234 9.12 8.92 -51.81
C PRO D 234 8.54 7.91 -52.79
N SER D 235 9.19 6.76 -52.95
CA SER D 235 8.76 5.77 -53.93
C SER D 235 7.46 5.09 -53.52
N ASP D 236 7.43 4.54 -52.31
CA ASP D 236 6.30 3.75 -51.87
C ASP D 236 4.99 4.56 -51.82
N PHE D 237 5.11 5.89 -51.83
CA PHE D 237 3.93 6.75 -51.79
C PHE D 237 3.40 7.15 -53.18
N CYS D 238 4.14 6.79 -54.22
CA CYS D 238 3.67 6.85 -55.61
C CYS D 238 3.50 8.23 -56.27
N ARG D 239 3.76 9.31 -55.54
CA ARG D 239 3.75 10.65 -56.16
C ARG D 239 4.82 11.59 -55.58
N SER D 240 5.18 12.62 -56.34
CA SER D 240 6.11 13.65 -55.87
C SER D 240 5.41 14.60 -54.91
N VAL D 241 5.98 14.74 -53.72
CA VAL D 241 5.35 15.48 -52.62
C VAL D 241 6.27 16.60 -52.10
N TYR D 242 5.71 17.64 -51.51
CA TYR D 242 6.53 18.71 -50.94
C TYR D 242 6.16 19.04 -49.49
N ILE D 243 7.11 19.62 -48.78
CA ILE D 243 6.93 20.03 -47.39
C ILE D 243 7.06 21.54 -47.23
N THR D 244 6.48 22.08 -46.17
CA THR D 244 6.55 23.52 -45.92
C THR D 244 7.25 23.83 -44.60
N PHE D 245 7.75 25.05 -44.47
CA PHE D 245 8.42 25.49 -43.26
C PHE D 245 7.43 25.82 -42.16
N SER D 246 7.72 25.36 -40.94
CA SER D 246 6.87 25.63 -39.80
C SER D 246 7.52 26.61 -38.82
N ASP D 247 8.58 26.17 -38.16
CA ASP D 247 9.22 27.03 -37.16
C ASP D 247 10.67 26.64 -36.87
N TYR D 248 11.30 27.42 -36.01
CA TYR D 248 12.68 27.20 -35.62
C TYR D 248 12.72 26.29 -34.40
N GLU D 249 13.56 25.27 -34.44
CA GLU D 249 13.69 24.36 -33.31
C GLU D 249 15.15 24.06 -33.03
N SER D 250 15.45 23.64 -31.81
CA SER D 250 16.76 23.09 -31.54
C SER D 250 16.60 21.62 -31.24
N VAL D 251 17.30 20.80 -32.02
CA VAL D 251 17.28 19.37 -31.84
C VAL D 251 18.67 18.87 -31.54
N GLN D 252 18.79 18.13 -30.44
CA GLN D 252 20.09 17.84 -29.83
C GLN D 252 20.80 19.17 -29.60
N GLY D 253 21.94 19.37 -30.25
CA GLY D 253 22.68 20.60 -30.06
C GLY D 253 22.32 21.72 -31.01
N LEU D 254 21.78 21.36 -32.17
CA LEU D 254 21.77 22.22 -33.35
C LEU D 254 20.54 23.12 -33.60
N PRO D 255 20.69 24.16 -34.45
CA PRO D 255 19.45 24.84 -34.86
C PRO D 255 18.69 24.01 -35.88
N ALA D 256 17.36 24.05 -35.88
CA ALA D 256 16.62 23.22 -36.82
C ALA D 256 15.42 23.93 -37.45
N PHE D 257 15.09 23.48 -38.65
CA PHE D 257 13.91 23.95 -39.36
C PHE D 257 12.81 22.89 -39.35
N ARG D 258 11.74 23.15 -38.61
CA ARG D 258 10.61 22.24 -38.57
C ARG D 258 9.83 22.33 -39.87
N TYR D 259 9.68 21.19 -40.54
CA TYR D 259 8.96 21.13 -41.80
C TYR D 259 7.88 20.05 -41.75
N LYS D 260 6.62 20.48 -41.77
CA LYS D 260 5.50 19.54 -41.75
C LYS D 260 5.04 19.29 -43.18
N VAL D 261 4.07 18.40 -43.34
CA VAL D 261 3.46 18.18 -44.65
C VAL D 261 2.11 18.89 -44.70
N PRO D 262 2.00 19.93 -45.55
CA PRO D 262 0.90 20.88 -45.62
C PRO D 262 -0.37 20.27 -46.19
N ALA D 263 -1.53 20.86 -45.90
CA ALA D 263 -2.81 20.28 -46.28
C ALA D 263 -3.03 20.25 -47.80
N GLU D 264 -2.51 21.25 -48.48
CA GLU D 264 -2.77 21.45 -49.91
C GLU D 264 -2.21 20.31 -50.76
N ILE D 265 -1.47 19.40 -50.12
CA ILE D 265 -0.90 18.25 -50.81
C ILE D 265 -1.97 17.18 -51.09
N LEU D 266 -2.76 16.84 -50.08
CA LEU D 266 -3.76 15.77 -50.14
C LEU D 266 -5.26 16.11 -50.31
N ALA D 267 -5.60 17.38 -50.51
CA ALA D 267 -7.01 17.76 -50.64
C ALA D 267 -7.56 17.72 -52.08
N ASN D 268 -8.83 18.11 -52.24
CA ASN D 268 -9.46 18.23 -53.56
C ASN D 268 -9.28 19.66 -54.07
N THR D 269 -8.43 19.83 -55.07
CA THR D 269 -8.07 21.14 -55.60
C THR D 269 -7.71 21.06 -57.08
N SER D 270 -7.78 22.21 -57.75
CA SER D 270 -7.45 22.31 -59.17
C SER D 270 -5.99 21.95 -59.44
N ASP D 271 -5.15 22.09 -58.43
CA ASP D 271 -3.72 21.77 -58.56
C ASP D 271 -3.46 20.27 -58.46
N ASN D 272 -4.15 19.60 -57.54
CA ASN D 272 -3.95 18.17 -57.31
C ASN D 272 -4.78 17.30 -58.24
N ALA D 273 -5.52 17.95 -59.14
CA ALA D 273 -6.58 17.32 -59.93
C ALA D 273 -6.19 16.03 -60.65
N GLY D 274 -5.01 15.99 -61.25
CA GLY D 274 -4.62 14.90 -62.13
C GLY D 274 -4.33 13.57 -61.43
N PHE D 275 -4.59 13.51 -60.13
CA PHE D 275 -4.37 12.30 -59.37
C PHE D 275 -5.62 11.45 -59.25
N CYS D 276 -6.72 11.94 -59.79
CA CYS D 276 -7.94 11.15 -59.85
C CYS D 276 -8.02 10.46 -61.20
N ILE D 277 -7.85 9.15 -61.19
CA ILE D 277 -7.96 8.35 -62.40
C ILE D 277 -9.36 8.40 -63.02
N PRO D 278 -10.44 8.49 -62.22
CA PRO D 278 -11.69 8.63 -62.97
C PRO D 278 -11.84 10.00 -63.65
N GLU D 279 -10.82 10.41 -64.41
CA GLU D 279 -10.85 11.60 -65.25
C GLU D 279 -11.43 12.83 -64.54
N GLY D 280 -10.99 13.07 -63.32
CA GLY D 280 -11.47 14.21 -62.55
C GLY D 280 -12.51 13.91 -61.49
N ASN D 281 -12.69 12.64 -61.13
CA ASN D 281 -13.54 12.28 -60.00
C ASN D 281 -12.69 11.90 -58.79
N CYS D 282 -12.69 12.77 -57.78
CA CYS D 282 -11.79 12.63 -56.63
C CYS D 282 -12.47 11.86 -55.50
N LEU D 283 -11.70 11.12 -54.73
CA LEU D 283 -12.27 10.35 -53.64
C LEU D 283 -12.56 11.22 -52.42
N GLY D 284 -11.69 12.20 -52.19
CA GLY D 284 -11.91 13.15 -51.12
C GLY D 284 -10.60 13.77 -50.66
N SER D 285 -10.70 14.78 -49.81
CA SER D 285 -9.52 15.39 -49.24
C SER D 285 -8.86 14.42 -48.28
N GLY D 286 -7.55 14.19 -48.48
CA GLY D 286 -6.75 13.47 -47.51
C GLY D 286 -6.47 12.00 -47.79
N VAL D 287 -6.82 11.52 -48.97
CA VAL D 287 -6.51 10.13 -49.34
C VAL D 287 -5.97 10.08 -50.77
N LEU D 288 -5.41 8.94 -51.15
CA LEU D 288 -4.82 8.79 -52.47
C LEU D 288 -5.22 7.47 -53.13
N ASN D 289 -5.50 7.49 -54.43
CA ASN D 289 -5.76 6.23 -55.10
C ASN D 289 -4.48 5.80 -55.79
N VAL D 290 -3.84 4.82 -55.18
CA VAL D 290 -2.52 4.34 -55.58
C VAL D 290 -2.64 3.10 -56.43
N SER D 291 -3.89 2.73 -56.72
CA SER D 291 -4.22 1.45 -57.36
C SER D 291 -3.55 1.24 -58.70
N ILE D 292 -2.96 2.28 -59.26
CA ILE D 292 -2.23 2.13 -60.50
C ILE D 292 -0.90 1.46 -60.22
N CYS D 293 -0.08 2.13 -59.40
CA CYS D 293 1.30 1.74 -59.18
C CYS D 293 1.44 0.60 -58.17
N LYS D 294 0.32 0.16 -57.62
CA LYS D 294 0.29 -0.99 -56.70
C LYS D 294 -0.05 -2.31 -57.41
N ASN D 295 -0.01 -2.29 -58.75
CA ASN D 295 -0.28 -3.44 -59.65
C ASN D 295 -1.76 -3.57 -60.04
N GLY D 296 -2.59 -2.67 -59.52
CA GLY D 296 -4.00 -2.68 -59.87
C GLY D 296 -4.90 -3.12 -58.74
N ALA D 297 -4.28 -3.42 -57.60
CA ALA D 297 -5.03 -3.74 -56.38
C ALA D 297 -5.73 -2.49 -55.86
N PRO D 298 -6.84 -2.66 -55.14
CA PRO D 298 -7.60 -1.50 -54.63
C PRO D 298 -6.97 -0.84 -53.39
N ILE D 299 -5.84 -0.16 -53.56
CA ILE D 299 -5.10 0.42 -52.44
C ILE D 299 -5.32 1.93 -52.29
N ILE D 300 -5.45 2.38 -51.04
CA ILE D 300 -5.57 3.80 -50.76
C ILE D 300 -4.56 4.27 -49.71
N MET D 301 -3.62 5.12 -50.11
CA MET D 301 -2.71 5.74 -49.15
C MET D 301 -3.42 6.87 -48.43
N SER D 302 -3.06 7.07 -47.17
CA SER D 302 -3.64 8.15 -46.36
C SER D 302 -2.74 8.43 -45.17
N PHE D 303 -3.09 9.45 -44.40
CA PHE D 303 -2.30 9.77 -43.23
C PHE D 303 -2.87 9.04 -42.04
N PRO D 304 -2.01 8.69 -41.07
CA PRO D 304 -2.40 7.88 -39.92
C PRO D 304 -3.67 8.40 -39.28
N HIS D 305 -4.62 7.50 -39.05
CA HIS D 305 -5.93 7.85 -38.55
C HIS D 305 -6.60 8.95 -39.35
N PHE D 306 -6.36 8.99 -40.66
CA PHE D 306 -7.10 9.89 -41.54
C PHE D 306 -6.80 11.37 -41.31
N TYR D 307 -5.82 11.65 -40.46
CA TYR D 307 -5.40 13.01 -40.19
C TYR D 307 -5.24 13.78 -41.50
N GLN D 308 -5.85 14.96 -41.55
CA GLN D 308 -5.85 15.86 -42.72
C GLN D 308 -6.90 15.46 -43.77
N ALA D 309 -7.65 14.40 -43.51
CA ALA D 309 -8.65 13.94 -44.48
C ALA D 309 -10.06 14.34 -44.06
N ASP D 310 -10.94 14.48 -45.05
CA ASP D 310 -12.33 14.88 -44.83
C ASP D 310 -12.94 14.03 -43.72
N GLU D 311 -13.58 14.70 -42.77
CA GLU D 311 -14.10 14.05 -41.57
C GLU D 311 -15.06 12.92 -41.91
N ARG D 312 -15.66 13.01 -43.09
CA ARG D 312 -16.53 11.95 -43.61
C ARG D 312 -15.79 10.60 -43.62
N PHE D 313 -14.47 10.66 -43.75
CA PHE D 313 -13.63 9.47 -43.66
C PHE D 313 -13.48 8.96 -42.23
N VAL D 314 -13.07 9.85 -41.31
CA VAL D 314 -12.91 9.50 -39.90
C VAL D 314 -14.24 9.00 -39.33
N SER D 315 -15.32 9.48 -39.92
CA SER D 315 -16.66 9.12 -39.49
C SER D 315 -17.02 7.68 -39.81
N ALA D 316 -16.47 7.16 -40.90
CA ALA D 316 -16.88 5.85 -41.41
C ALA D 316 -16.39 4.70 -40.54
N ILE D 317 -15.21 4.89 -39.94
CA ILE D 317 -14.64 3.86 -39.08
C ILE D 317 -14.45 4.36 -37.65
N GLU D 318 -15.22 3.82 -36.72
CA GLU D 318 -15.10 4.20 -35.33
C GLU D 318 -13.83 3.58 -34.75
N GLY D 319 -13.13 4.33 -33.91
CA GLY D 319 -11.83 3.92 -33.42
C GLY D 319 -10.72 4.70 -34.09
N MET D 320 -11.10 5.72 -34.85
CA MET D 320 -10.15 6.62 -35.49
C MET D 320 -10.01 7.93 -34.73
N HIS D 321 -8.79 8.26 -34.33
CA HIS D 321 -8.55 9.49 -33.58
C HIS D 321 -7.33 10.26 -34.05
N PRO D 322 -7.43 10.95 -35.19
CA PRO D 322 -6.27 11.71 -35.67
C PRO D 322 -5.93 12.91 -34.78
N ASN D 323 -4.67 13.03 -34.41
CA ASN D 323 -4.21 14.23 -33.75
C ASN D 323 -2.89 14.64 -34.37
N GLN D 324 -2.71 15.95 -34.56
CA GLN D 324 -1.54 16.49 -35.22
C GLN D 324 -0.25 16.00 -34.57
N GLU D 325 -0.28 15.87 -33.25
CA GLU D 325 0.91 15.48 -32.51
C GLU D 325 1.43 14.10 -32.93
N ASP D 326 0.57 13.10 -32.89
CA ASP D 326 1.00 11.73 -33.19
C ASP D 326 1.08 11.42 -34.68
N HIS D 327 0.09 11.89 -35.44
CA HIS D 327 -0.09 11.43 -36.82
C HIS D 327 0.45 12.33 -37.92
N GLU D 328 1.02 13.49 -37.58
CA GLU D 328 1.55 14.36 -38.63
C GLU D 328 2.83 13.75 -39.17
N THR D 329 3.42 14.41 -40.16
CA THR D 329 4.74 14.04 -40.61
C THR D 329 5.62 15.27 -40.61
N PHE D 330 6.57 15.34 -39.68
CA PHE D 330 7.50 16.46 -39.68
C PHE D 330 8.87 16.03 -40.17
N VAL D 331 9.76 17.00 -40.33
CA VAL D 331 11.17 16.73 -40.48
C VAL D 331 11.93 17.95 -39.98
N ASP D 332 13.04 17.72 -39.26
CA ASP D 332 13.84 18.82 -38.72
C ASP D 332 15.21 18.84 -39.38
N ILE D 333 15.46 19.87 -40.18
CA ILE D 333 16.66 19.95 -40.99
C ILE D 333 17.62 20.99 -40.46
N ASN D 334 18.91 20.78 -40.66
CA ASN D 334 19.88 21.82 -40.40
C ASN D 334 19.87 22.79 -41.58
N PRO D 335 19.43 24.04 -41.33
CA PRO D 335 19.22 25.05 -42.37
C PRO D 335 20.48 25.36 -43.17
N LEU D 336 21.64 25.02 -42.63
CA LEU D 336 22.91 25.31 -43.28
C LEU D 336 23.33 24.19 -44.23
N THR D 337 23.54 23.01 -43.68
CA THR D 337 24.07 21.88 -44.44
C THR D 337 23.03 21.17 -45.29
N GLY D 338 21.78 21.17 -44.85
CA GLY D 338 20.73 20.40 -45.47
C GLY D 338 20.70 18.98 -44.93
N ILE D 339 21.13 18.82 -43.68
CA ILE D 339 21.16 17.52 -43.01
C ILE D 339 19.90 17.31 -42.16
N ILE D 340 19.36 16.10 -42.21
CA ILE D 340 18.20 15.74 -41.41
C ILE D 340 18.62 15.26 -40.03
N LEU D 341 17.98 15.81 -39.01
CA LEU D 341 18.38 15.63 -37.62
C LEU D 341 17.33 14.85 -36.83
N LYS D 342 16.14 15.44 -36.72
CA LYS D 342 14.99 14.77 -36.13
C LYS D 342 13.87 14.70 -37.17
N ALA D 343 13.48 13.49 -37.56
CA ALA D 343 12.43 13.34 -38.56
C ALA D 343 11.53 12.15 -38.26
N ALA D 344 10.25 12.31 -38.55
CA ALA D 344 9.29 11.22 -38.38
C ALA D 344 8.33 11.16 -39.57
N LYS D 345 8.37 10.05 -40.29
CA LYS D 345 7.57 9.90 -41.52
C LYS D 345 6.43 8.91 -41.32
N ARG D 346 5.21 9.42 -41.37
CA ARG D 346 4.04 8.61 -41.04
C ARG D 346 2.95 8.65 -42.12
N PHE D 347 2.72 7.49 -42.75
CA PHE D 347 1.63 7.34 -43.72
C PHE D 347 0.88 6.03 -43.53
N GLN D 348 -0.37 5.97 -43.99
CA GLN D 348 -1.22 4.81 -43.72
C GLN D 348 -1.52 4.02 -45.01
N ILE D 349 -2.13 2.86 -44.85
CA ILE D 349 -2.50 2.01 -45.98
C ILE D 349 -3.91 1.47 -45.76
N ASN D 350 -4.76 1.72 -46.74
CA ASN D 350 -6.17 1.34 -46.67
C ASN D 350 -6.58 0.63 -47.96
N ILE D 351 -7.57 -0.25 -47.84
CA ILE D 351 -8.14 -0.93 -48.99
C ILE D 351 -9.53 -0.40 -49.28
N TYR D 352 -9.79 0.03 -50.51
CA TYR D 352 -11.11 0.53 -50.86
C TYR D 352 -12.08 -0.63 -50.98
N VAL D 353 -13.21 -0.55 -50.28
CA VAL D 353 -14.15 -1.66 -50.22
C VAL D 353 -15.60 -1.19 -50.34
N LYS D 354 -16.33 -1.82 -51.25
CA LYS D 354 -17.76 -1.55 -51.41
C LYS D 354 -18.54 -2.83 -51.69
N LYS D 355 -19.84 -2.79 -51.42
CA LYS D 355 -20.73 -3.93 -51.62
C LYS D 355 -20.75 -4.39 -53.08
N LEU D 356 -20.81 -5.70 -53.28
CA LEU D 356 -20.99 -6.25 -54.62
C LEU D 356 -22.01 -7.37 -54.63
N ASP D 357 -23.01 -7.23 -55.50
CA ASP D 357 -24.10 -8.20 -55.57
C ASP D 357 -23.65 -9.46 -56.28
N ASP D 358 -22.56 -9.36 -57.02
CA ASP D 358 -22.01 -10.50 -57.73
C ASP D 358 -21.20 -11.41 -56.81
N PHE D 359 -20.61 -10.83 -55.78
CA PHE D 359 -19.77 -11.60 -54.86
C PHE D 359 -20.41 -11.67 -53.49
N VAL D 360 -20.77 -12.89 -53.07
CA VAL D 360 -21.51 -13.11 -51.84
C VAL D 360 -20.66 -12.86 -50.59
N GLU D 361 -19.35 -12.78 -50.77
CA GLU D 361 -18.44 -12.60 -49.64
C GLU D 361 -18.38 -11.16 -49.16
N THR D 362 -18.68 -10.22 -50.04
CA THR D 362 -18.63 -8.80 -49.69
C THR D 362 -19.86 -8.39 -48.88
N GLY D 363 -20.92 -9.18 -49.00
CA GLY D 363 -22.13 -8.96 -48.21
C GLY D 363 -22.75 -7.58 -48.35
N ASP D 364 -23.23 -7.05 -47.23
CA ASP D 364 -23.90 -5.73 -47.21
C ASP D 364 -22.96 -4.58 -46.87
N ILE D 365 -21.67 -4.88 -46.79
CA ILE D 365 -20.67 -3.96 -46.22
C ILE D 365 -20.75 -2.55 -46.79
N ARG D 366 -20.58 -1.57 -45.92
CA ARG D 366 -20.57 -0.17 -46.28
C ARG D 366 -19.52 0.18 -47.32
N THR D 367 -19.82 1.15 -48.18
CA THR D 367 -18.83 1.65 -49.11
C THR D 367 -17.93 2.60 -48.35
N MET D 368 -16.66 2.25 -48.23
CA MET D 368 -15.76 3.06 -47.43
C MET D 368 -14.30 2.80 -47.75
N VAL D 369 -13.45 3.76 -47.39
CA VAL D 369 -12.03 3.50 -47.40
C VAL D 369 -11.71 2.84 -46.05
N PHE D 370 -11.26 1.59 -46.11
CA PHE D 370 -11.06 0.77 -44.94
C PHE D 370 -9.58 0.67 -44.60
N PRO D 371 -9.19 1.13 -43.40
CA PRO D 371 -7.81 1.11 -42.93
C PRO D 371 -7.27 -0.29 -42.65
N VAL D 372 -6.06 -0.56 -43.12
CA VAL D 372 -5.40 -1.79 -42.72
C VAL D 372 -4.38 -1.45 -41.64
N MET D 373 -3.38 -0.66 -42.00
CA MET D 373 -2.31 -0.35 -41.07
C MET D 373 -1.53 0.92 -41.49
N TYR D 374 -0.84 1.55 -40.54
CA TYR D 374 0.08 2.64 -40.87
C TYR D 374 1.41 2.43 -40.18
N LEU D 375 2.37 3.32 -40.43
CA LEU D 375 3.71 3.19 -39.86
C LEU D 375 4.37 4.54 -39.57
N ASN D 376 5.37 4.52 -38.69
CA ASN D 376 6.24 5.66 -38.40
C ASN D 376 7.66 5.31 -38.82
N GLU D 377 8.16 5.94 -39.88
CA GLU D 377 9.58 5.83 -40.23
C GLU D 377 10.23 7.04 -39.61
N SER D 378 10.97 6.81 -38.53
CA SER D 378 11.48 7.90 -37.73
C SER D 378 12.99 8.02 -37.87
N VAL D 379 13.56 8.96 -37.13
CA VAL D 379 15.01 8.99 -36.91
C VAL D 379 15.33 10.11 -35.91
N HIS D 380 16.48 9.96 -35.26
CA HIS D 380 16.90 10.81 -34.17
C HIS D 380 18.42 10.81 -34.20
N ILE D 381 19.04 11.94 -33.94
CA ILE D 381 20.49 12.01 -33.99
C ILE D 381 21.05 11.94 -32.57
N ASP D 382 22.05 11.10 -32.37
CA ASP D 382 22.56 10.86 -31.02
C ASP D 382 23.60 11.91 -30.63
N LYS D 383 24.10 11.78 -29.40
CA LYS D 383 25.02 12.77 -28.85
C LYS D 383 26.37 12.74 -29.56
N GLU D 384 26.86 11.54 -29.83
CA GLU D 384 28.18 11.34 -30.44
C GLU D 384 28.36 12.11 -31.74
N THR D 385 27.38 12.02 -32.62
CA THR D 385 27.49 12.65 -33.93
C THR D 385 26.93 14.08 -33.95
N ALA D 386 26.34 14.50 -32.84
CA ALA D 386 25.87 15.87 -32.71
C ALA D 386 27.07 16.82 -32.64
N SER D 387 28.02 16.49 -31.77
CA SER D 387 29.25 17.25 -31.63
C SER D 387 30.03 17.27 -32.94
N ARG D 388 30.12 16.11 -33.58
CA ARG D 388 30.84 15.96 -34.84
C ARG D 388 30.31 16.91 -35.92
N LEU D 389 29.01 17.15 -35.87
CA LEU D 389 28.36 18.09 -36.78
C LEU D 389 28.56 19.53 -36.29
N LYS D 390 28.54 19.70 -34.96
CA LYS D 390 28.80 21.00 -34.37
C LYS D 390 30.22 21.41 -34.67
N SER D 391 31.12 20.44 -34.68
CA SER D 391 32.50 20.65 -35.10
C SER D 391 32.56 21.15 -36.54
N MET D 392 32.16 20.30 -37.48
CA MET D 392 32.24 20.60 -38.92
C MET D 392 31.56 21.91 -39.29
N ILE D 393 30.56 22.31 -38.50
CA ILE D 393 29.90 23.59 -38.70
C ILE D 393 30.58 24.68 -37.89
#